data_6EPG
#
_entry.id   6EPG
#
_cell.length_a   79.760
_cell.length_b   149.580
_cell.length_c   125.090
_cell.angle_alpha   90.00
_cell.angle_beta   94.82
_cell.angle_gamma   90.00
#
_symmetry.space_group_name_H-M   'P 1 21 1'
#
loop_
_entity.id
_entity.type
_entity.pdbx_description
1 polymer 'Epsilon_1 antitoxin'
2 polymer 'Zeta_1 toxin'
3 non-polymer 'SULFATE ION'
4 water water
#
loop_
_entity_poly.entity_id
_entity_poly.type
_entity_poly.pdbx_seq_one_letter_code
_entity_poly.pdbx_strand_id
1 'polypeptide(L)' (MSE)NKVEPQESNAIR(MSE)IKEACEKNRR(MSE)(MSE)TDEAFRKEVEKRLYAGPSPELLAKLRVLWAANKEQ A,C,E,G
2 'polypeptide(L)'
;(MSE)VKLSSDINLRDFGNNEYLSSVQDEAIRFATEQTDEILSLYSQHADTEGGRYVCADTFKELFPAFENKEDRATVNN
AIHNSAAVLSSTQFDEVLKRDEPQKKEVIFVTGIPGSGATSTVKN(MSE)(MSE)(MSE)QDTTKLLFEGQLARPQSAFR
KIEQCLERNLEVTIVAVS(MSE)RAERASDNTYKRFNEYGRGASIGI(MSE)ADIQANLPDGLKQIRDKFGDAVKIVGIN
QDRNSEFIDKFDDVIK(MSE)LSLGSQEQILGRLAEKIQSDFDSGKISRECFNQAKGS(MSE)DLESVFAKKEYSQQRVV
TNSKGVTLETKSANELWSKVEQIPVTG(MSE)KAGIYLLGQAKKAETGQTYSGEIIYKDAAAVFQKTKNGLVRHNATHNE
ERLAKLVEIGQNVSIGSNKGKLIVKSLEYSAKKSISR
;
B,D,F,H
#
# COMPACT_ATOMS: atom_id res chain seq x y z
N GLN A 7 -24.53 -12.91 16.52
CA GLN A 7 -23.37 -13.72 16.05
C GLN A 7 -23.83 -14.75 15.01
N GLU A 8 -22.88 -15.39 14.33
CA GLU A 8 -23.20 -16.21 13.15
C GLU A 8 -23.85 -17.56 13.53
N SER A 9 -24.91 -17.91 12.80
CA SER A 9 -25.64 -19.17 12.99
C SER A 9 -24.76 -20.39 12.66
N ASN A 10 -25.26 -21.57 12.96
CA ASN A 10 -24.47 -22.80 12.75
C ASN A 10 -24.32 -23.17 11.27
N ALA A 11 -25.42 -23.03 10.52
CA ALA A 11 -25.42 -23.35 9.10
C ALA A 11 -24.34 -22.55 8.36
N ILE A 12 -24.22 -21.27 8.70
CA ILE A 12 -23.20 -20.39 8.10
C ILE A 12 -21.76 -20.82 8.43
N ARG A 13 -21.51 -21.32 9.64
CA ARG A 13 -20.20 -21.92 9.94
C ARG A 13 -19.94 -23.15 9.07
N ILE A 15 -21.11 -23.83 6.23
CA ILE A 15 -20.83 -23.41 4.84
C ILE A 15 -19.39 -22.90 4.67
N LYS A 16 -18.96 -22.03 5.59
CA LYS A 16 -17.55 -21.58 5.61
C LYS A 16 -16.58 -22.75 5.71
N GLU A 17 -16.87 -23.71 6.58
CA GLU A 17 -16.02 -24.91 6.70
C GLU A 17 -15.99 -25.71 5.39
N ALA A 18 -17.14 -25.79 4.72
CA ALA A 18 -17.23 -26.41 3.41
C ALA A 18 -16.34 -25.70 2.38
N CYS A 19 -16.34 -24.37 2.38
CA CYS A 19 -15.44 -23.60 1.48
C CYS A 19 -13.96 -23.92 1.67
N GLU A 20 -13.54 -24.09 2.93
CA GLU A 20 -12.15 -24.44 3.27
C GLU A 20 -11.77 -25.78 2.69
N LYS A 21 -12.68 -26.74 2.78
CA LYS A 21 -12.46 -28.05 2.18
C LYS A 21 -12.44 -27.99 0.65
N ASN A 22 -13.23 -27.11 0.03
CA ASN A 22 -13.17 -26.89 -1.43
C ASN A 22 -11.79 -26.35 -1.85
N ARG A 23 -11.19 -25.52 -1.01
CA ARG A 23 -9.84 -25.00 -1.28
C ARG A 23 -8.81 -26.11 -1.17
N ARG A 24 -8.97 -26.98 -0.17
CA ARG A 24 -8.12 -28.15 0.03
C ARG A 24 -8.10 -29.08 -1.19
N THR A 27 -5.46 -28.26 -3.95
CA THR A 27 -4.04 -28.49 -3.66
C THR A 27 -3.78 -29.84 -2.95
N ASP A 28 -4.64 -30.83 -3.21
CA ASP A 28 -4.48 -32.17 -2.64
C ASP A 28 -5.21 -33.18 -3.53
N GLU A 29 -4.48 -33.73 -4.50
CA GLU A 29 -5.04 -34.67 -5.48
C GLU A 29 -5.73 -35.88 -4.84
N ALA A 30 -5.14 -36.43 -3.77
CA ALA A 30 -5.71 -37.60 -3.08
C ALA A 30 -7.07 -37.31 -2.44
N PHE A 31 -7.20 -36.12 -1.85
CA PHE A 31 -8.45 -35.70 -1.22
C PHE A 31 -9.57 -35.51 -2.25
N ARG A 32 -9.28 -34.76 -3.31
CA ARG A 32 -10.21 -34.60 -4.43
C ARG A 32 -10.70 -35.94 -5.00
N LYS A 33 -9.78 -36.90 -5.14
CA LYS A 33 -10.10 -38.21 -5.71
C LYS A 33 -10.98 -39.08 -4.82
N GLU A 34 -10.97 -38.86 -3.50
CA GLU A 34 -11.84 -39.62 -2.59
C GLU A 34 -13.25 -39.00 -2.47
N VAL A 35 -13.32 -37.68 -2.61
CA VAL A 35 -14.59 -36.96 -2.71
C VAL A 35 -15.30 -37.30 -4.02
N GLU A 36 -14.56 -37.26 -5.13
CA GLU A 36 -15.12 -37.58 -6.44
C GLU A 36 -15.44 -39.08 -6.64
N LYS A 37 -14.73 -39.97 -5.97
CA LYS A 37 -15.08 -41.39 -5.93
C LYS A 37 -16.40 -41.62 -5.22
N ARG A 38 -16.64 -40.89 -4.14
CA ARG A 38 -17.91 -40.99 -3.40
C ARG A 38 -19.09 -40.41 -4.18
N LEU A 39 -18.88 -39.25 -4.82
CA LEU A 39 -19.95 -38.62 -5.59
C LEU A 39 -20.50 -39.52 -6.67
N TYR A 40 -19.61 -40.16 -7.43
CA TYR A 40 -19.96 -40.96 -8.62
C TYR A 40 -20.05 -42.50 -8.39
N ALA A 41 -19.85 -42.94 -7.14
CA ALA A 41 -19.94 -44.36 -6.76
C ALA A 41 -21.20 -45.06 -7.27
N GLY A 42 -22.33 -44.36 -7.24
CA GLY A 42 -23.61 -44.93 -7.61
C GLY A 42 -24.14 -45.76 -6.45
N PRO A 43 -25.14 -46.60 -6.71
CA PRO A 43 -25.70 -47.44 -5.64
C PRO A 43 -24.71 -48.49 -5.15
N SER A 44 -24.63 -48.70 -3.83
CA SER A 44 -23.77 -49.78 -3.29
C SER A 44 -24.32 -51.15 -3.73
N PRO A 45 -23.48 -52.21 -3.73
CA PRO A 45 -23.99 -53.56 -4.07
C PRO A 45 -25.18 -54.01 -3.20
N GLU A 46 -25.16 -53.61 -1.93
CA GLU A 46 -26.25 -53.84 -0.98
C GLU A 46 -27.53 -53.15 -1.45
N LEU A 47 -27.45 -51.87 -1.76
CA LEU A 47 -28.58 -51.11 -2.30
C LEU A 47 -29.04 -51.69 -3.64
N LEU A 48 -28.09 -52.03 -4.50
CA LEU A 48 -28.41 -52.53 -5.83
C LEU A 48 -29.14 -53.87 -5.78
N ALA A 49 -28.74 -54.73 -4.83
CA ALA A 49 -29.46 -55.99 -4.56
C ALA A 49 -30.92 -55.73 -4.13
N LYS A 50 -31.11 -54.76 -3.23
CA LYS A 50 -32.46 -54.36 -2.79
C LYS A 50 -33.27 -53.77 -3.95
N LEU A 51 -32.65 -52.92 -4.77
CA LEU A 51 -33.36 -52.32 -5.93
C LEU A 51 -33.83 -53.38 -6.93
N ARG A 52 -32.95 -54.33 -7.23
CA ARG A 52 -33.28 -55.40 -8.18
C ARG A 52 -34.55 -56.15 -7.78
N VAL A 53 -34.63 -56.55 -6.51
CA VAL A 53 -35.84 -57.19 -6.00
C VAL A 53 -37.01 -56.27 -6.25
N LEU A 54 -36.85 -54.98 -5.85
CA LEU A 54 -37.94 -53.99 -5.98
C LEU A 54 -38.44 -53.81 -7.41
N TRP A 55 -37.51 -53.67 -8.36
CA TRP A 55 -37.87 -53.49 -9.77
C TRP A 55 -38.54 -54.74 -10.35
N ALA A 56 -37.98 -55.90 -10.00
CA ALA A 56 -38.42 -57.20 -10.56
C ALA A 56 -39.77 -57.65 -10.05
N ALA A 57 -40.09 -57.30 -8.81
CA ALA A 57 -41.37 -57.68 -8.23
C ALA A 57 -42.52 -56.85 -8.76
N ASN A 58 -42.19 -55.71 -9.38
CA ASN A 58 -43.20 -54.76 -9.81
C ASN A 58 -43.19 -54.48 -11.30
N LYS A 59 -42.59 -55.37 -12.09
CA LYS A 59 -42.73 -55.34 -13.56
C LYS A 59 -44.20 -55.43 -13.98
N GLU A 60 -44.52 -54.86 -15.13
CA GLU A 60 -45.87 -54.95 -15.70
C GLU A 60 -46.19 -56.35 -16.22
N VAL B 2 -47.61 -43.48 2.30
CA VAL B 2 -46.97 -42.24 1.79
C VAL B 2 -47.17 -42.12 0.26
N LYS B 3 -47.98 -41.15 -0.17
CA LYS B 3 -48.16 -40.86 -1.59
C LYS B 3 -47.28 -39.70 -2.00
N LEU B 4 -47.05 -39.61 -3.31
CA LEU B 4 -46.37 -38.47 -3.91
C LEU B 4 -47.10 -37.18 -3.51
N SER B 5 -46.31 -36.15 -3.21
CA SER B 5 -46.84 -34.86 -2.83
C SER B 5 -47.52 -34.15 -3.99
N SER B 6 -47.27 -34.59 -5.23
CA SER B 6 -48.02 -34.09 -6.39
C SER B 6 -48.04 -35.10 -7.55
N ASP B 7 -48.84 -34.79 -8.57
CA ASP B 7 -48.81 -35.53 -9.83
C ASP B 7 -47.55 -35.13 -10.57
N ILE B 8 -46.89 -36.09 -11.20
CA ILE B 8 -45.66 -35.80 -11.96
C ILE B 8 -46.03 -35.25 -13.35
N ASN B 9 -45.50 -34.07 -13.71
CA ASN B 9 -45.71 -33.49 -15.05
C ASN B 9 -44.98 -34.26 -16.16
N LEU B 10 -45.70 -34.52 -17.24
CA LEU B 10 -45.15 -35.17 -18.43
C LEU B 10 -44.52 -34.12 -19.31
N ARG B 11 -43.38 -34.46 -19.89
CA ARG B 11 -42.80 -33.66 -20.94
C ARG B 11 -43.25 -34.29 -22.23
N ASP B 12 -43.14 -33.51 -23.31
CA ASP B 12 -43.45 -33.97 -24.67
C ASP B 12 -42.13 -34.45 -25.34
N PHE B 13 -42.07 -35.75 -25.65
CA PHE B 13 -40.91 -36.31 -26.33
C PHE B 13 -41.07 -36.52 -27.85
N GLY B 14 -42.31 -36.35 -28.34
CA GLY B 14 -42.60 -36.25 -29.77
C GLY B 14 -42.70 -37.62 -30.40
N ASN B 15 -41.86 -37.84 -31.41
CA ASN B 15 -41.79 -39.12 -32.13
C ASN B 15 -40.77 -40.08 -31.52
N ASN B 16 -40.01 -39.62 -30.52
CA ASN B 16 -39.12 -40.48 -29.77
C ASN B 16 -39.96 -41.41 -28.87
N GLU B 17 -40.18 -42.64 -29.33
CA GLU B 17 -41.01 -43.60 -28.60
C GLU B 17 -40.23 -44.13 -27.37
N TYR B 18 -38.91 -44.28 -27.52
CA TYR B 18 -38.07 -44.78 -26.42
C TYR B 18 -38.21 -43.92 -25.17
N LEU B 19 -37.95 -42.61 -25.30
CA LEU B 19 -38.02 -41.69 -24.14
C LEU B 19 -39.44 -41.52 -23.60
N SER B 20 -40.40 -41.62 -24.50
CA SER B 20 -41.79 -41.54 -24.15
C SER B 20 -42.20 -42.70 -23.25
N SER B 21 -41.71 -43.91 -23.57
CA SER B 21 -42.00 -45.09 -22.73
C SER B 21 -41.17 -45.16 -21.43
N VAL B 22 -39.90 -44.75 -21.47
CA VAL B 22 -39.10 -44.56 -20.25
C VAL B 22 -39.80 -43.59 -19.30
N GLN B 23 -40.43 -42.55 -19.84
CA GLN B 23 -41.09 -41.54 -19.02
C GLN B 23 -42.23 -42.13 -18.22
N ASP B 24 -43.10 -42.86 -18.91
CA ASP B 24 -44.24 -43.51 -18.30
C ASP B 24 -43.84 -44.63 -17.33
N GLU B 25 -42.77 -45.37 -17.65
CA GLU B 25 -42.24 -46.36 -16.70
C GLU B 25 -41.72 -45.71 -15.42
N ALA B 26 -41.00 -44.60 -15.53
CA ALA B 26 -40.49 -43.87 -14.36
C ALA B 26 -41.65 -43.34 -13.53
N ILE B 27 -42.66 -42.76 -14.17
CA ILE B 27 -43.83 -42.21 -13.46
C ILE B 27 -44.60 -43.31 -12.75
N ARG B 28 -44.75 -44.47 -13.39
CA ARG B 28 -45.45 -45.60 -12.77
C ARG B 28 -44.70 -46.12 -11.54
N PHE B 29 -43.39 -46.29 -11.68
CA PHE B 29 -42.54 -46.70 -10.57
C PHE B 29 -42.65 -45.72 -9.40
N ALA B 30 -42.43 -44.43 -9.68
CA ALA B 30 -42.41 -43.40 -8.63
C ALA B 30 -43.78 -43.26 -7.93
N THR B 31 -44.86 -43.40 -8.71
CA THR B 31 -46.20 -43.23 -8.17
C THR B 31 -46.67 -44.43 -7.33
N GLU B 32 -46.35 -45.65 -7.75
CA GLU B 32 -46.88 -46.87 -7.12
C GLU B 32 -46.01 -47.43 -6.01
N GLN B 33 -44.70 -47.19 -6.08
CA GLN B 33 -43.74 -47.67 -5.08
C GLN B 33 -43.10 -46.58 -4.25
N THR B 34 -43.77 -45.44 -4.13
CA THR B 34 -43.30 -44.30 -3.32
C THR B 34 -42.73 -44.66 -1.93
N ASP B 35 -43.38 -45.57 -1.25
CA ASP B 35 -43.02 -45.94 0.11
C ASP B 35 -41.65 -46.68 0.17
N GLU B 36 -41.51 -47.70 -0.68
CA GLU B 36 -40.29 -48.52 -0.72
C GLU B 36 -39.11 -47.71 -1.27
N ILE B 37 -39.39 -46.81 -2.23
CA ILE B 37 -38.37 -45.93 -2.79
C ILE B 37 -37.84 -44.98 -1.73
N LEU B 38 -38.71 -44.29 -1.00
CA LEU B 38 -38.25 -43.35 0.05
C LEU B 38 -37.48 -44.08 1.14
N SER B 39 -37.93 -45.28 1.47
CA SER B 39 -37.27 -46.09 2.47
C SER B 39 -35.87 -46.50 2.03
N LEU B 40 -35.71 -46.95 0.78
CA LEU B 40 -34.35 -47.26 0.27
C LEU B 40 -33.43 -46.04 0.27
N TYR B 41 -33.96 -44.90 -0.16
CA TYR B 41 -33.26 -43.61 -0.15
C TYR B 41 -32.79 -43.20 1.24
N SER B 42 -33.67 -43.38 2.23
CA SER B 42 -33.40 -43.01 3.63
C SER B 42 -32.40 -43.95 4.31
N GLN B 43 -32.70 -45.25 4.30
CA GLN B 43 -31.90 -46.24 5.01
C GLN B 43 -30.64 -46.72 4.26
N HIS B 44 -30.63 -46.68 2.92
CA HIS B 44 -29.61 -47.42 2.16
C HIS B 44 -28.78 -46.65 1.13
N ALA B 45 -29.16 -45.41 0.81
CA ALA B 45 -28.35 -44.62 -0.12
C ALA B 45 -27.50 -43.65 0.68
N ASP B 46 -26.57 -42.99 -0.01
CA ASP B 46 -25.66 -42.03 0.61
C ASP B 46 -26.35 -40.66 0.80
N THR B 47 -27.22 -40.58 1.82
CA THR B 47 -28.13 -39.44 1.98
C THR B 47 -28.23 -38.86 3.39
N GLU B 48 -27.29 -39.21 4.27
CA GLU B 48 -27.34 -38.82 5.70
C GLU B 48 -28.67 -39.25 6.34
N GLY B 49 -29.07 -40.50 6.18
CA GLY B 49 -30.35 -40.95 6.72
C GLY B 49 -31.59 -40.33 6.08
N GLY B 50 -31.48 -39.95 4.80
CA GLY B 50 -32.57 -39.26 4.08
C GLY B 50 -32.70 -37.77 4.26
N ARG B 51 -31.72 -37.11 4.89
CA ARG B 51 -31.73 -35.63 5.13
C ARG B 51 -31.10 -34.81 4.00
N TYR B 52 -30.17 -35.40 3.26
CA TYR B 52 -29.69 -34.82 2.02
C TYR B 52 -30.72 -35.22 0.99
N VAL B 53 -31.48 -34.24 0.50
CA VAL B 53 -32.55 -34.44 -0.48
C VAL B 53 -32.11 -33.81 -1.81
N CYS B 54 -32.00 -34.62 -2.85
CA CYS B 54 -31.66 -34.15 -4.20
C CYS B 54 -32.23 -35.08 -5.25
N ALA B 55 -32.81 -34.51 -6.31
CA ALA B 55 -33.39 -35.28 -7.39
C ALA B 55 -32.38 -36.18 -8.08
N ASP B 56 -31.13 -35.70 -8.22
CA ASP B 56 -30.04 -36.46 -8.86
C ASP B 56 -29.64 -37.71 -8.07
N THR B 57 -29.86 -37.72 -6.76
CA THR B 57 -29.63 -38.95 -6.00
C THR B 57 -30.80 -39.92 -6.19
N PHE B 58 -32.02 -39.41 -6.24
CA PHE B 58 -33.18 -40.25 -6.50
C PHE B 58 -33.13 -40.94 -7.86
N LYS B 59 -32.44 -40.34 -8.84
CA LYS B 59 -32.32 -40.93 -10.17
C LYS B 59 -31.68 -42.32 -10.18
N GLU B 60 -30.76 -42.55 -9.25
CA GLU B 60 -30.05 -43.83 -9.08
C GLU B 60 -30.92 -45.00 -8.60
N LEU B 61 -32.14 -44.72 -8.17
CA LEU B 61 -33.09 -45.77 -7.77
C LEU B 61 -34.06 -46.14 -8.91
N PHE B 62 -33.91 -45.51 -10.08
CA PHE B 62 -34.75 -45.86 -11.24
C PHE B 62 -34.04 -46.91 -12.10
N PRO B 63 -34.77 -47.95 -12.53
CA PRO B 63 -34.15 -48.95 -13.42
C PRO B 63 -33.49 -48.39 -14.69
N ALA B 64 -34.09 -47.38 -15.31
CA ALA B 64 -33.52 -46.80 -16.53
C ALA B 64 -32.16 -46.14 -16.33
N PHE B 65 -31.80 -45.83 -15.09
CA PHE B 65 -30.52 -45.15 -14.79
C PHE B 65 -29.40 -46.08 -14.36
N GLU B 66 -29.67 -47.38 -14.23
CA GLU B 66 -28.70 -48.34 -13.73
C GLU B 66 -27.40 -48.35 -14.49
N ASN B 67 -27.49 -48.39 -15.81
CA ASN B 67 -26.30 -48.55 -16.66
C ASN B 67 -25.75 -47.19 -17.15
N LYS B 68 -24.47 -46.99 -16.86
CA LYS B 68 -23.71 -45.76 -17.13
C LYS B 68 -23.98 -45.13 -18.51
N GLU B 69 -24.00 -45.97 -19.53
CA GLU B 69 -24.10 -45.52 -20.92
C GLU B 69 -25.48 -44.99 -21.32
N ASP B 70 -26.51 -45.23 -20.50
CA ASP B 70 -27.87 -44.71 -20.74
C ASP B 70 -28.24 -43.39 -20.01
N ARG B 71 -27.43 -42.92 -19.06
CA ARG B 71 -27.88 -41.85 -18.16
C ARG B 71 -28.15 -40.49 -18.85
N ALA B 72 -27.27 -40.10 -19.76
CA ALA B 72 -27.46 -38.87 -20.52
C ALA B 72 -28.76 -38.88 -21.33
N THR B 73 -29.09 -40.02 -21.89
CA THR B 73 -30.26 -40.15 -22.76
C THR B 73 -31.58 -40.15 -22.00
N VAL B 74 -31.66 -40.87 -20.87
CA VAL B 74 -32.90 -41.01 -20.07
C VAL B 74 -33.17 -39.90 -19.03
N ASN B 75 -32.16 -39.08 -18.77
CA ASN B 75 -32.19 -38.07 -17.69
C ASN B 75 -33.42 -37.18 -17.70
N ASN B 76 -33.68 -36.52 -18.83
CA ASN B 76 -34.85 -35.62 -18.95
C ASN B 76 -36.15 -36.39 -18.74
N ALA B 77 -36.19 -37.62 -19.25
CA ALA B 77 -37.37 -38.45 -19.14
C ALA B 77 -37.66 -38.89 -17.70
N ILE B 78 -36.63 -39.07 -16.86
CA ILE B 78 -36.87 -39.45 -15.44
C ILE B 78 -36.85 -38.27 -14.46
N HIS B 79 -36.45 -37.09 -14.93
CA HIS B 79 -36.21 -35.95 -14.00
C HIS B 79 -37.41 -35.58 -13.11
N ASN B 80 -38.55 -35.22 -13.70
CA ASN B 80 -39.72 -34.80 -12.94
C ASN B 80 -40.15 -35.83 -11.86
N SER B 81 -40.04 -37.12 -12.18
CA SER B 81 -40.34 -38.21 -11.24
C SER B 81 -39.38 -38.16 -10.06
N ALA B 82 -38.09 -38.04 -10.36
CA ALA B 82 -37.09 -37.83 -9.31
C ALA B 82 -37.33 -36.57 -8.44
N ALA B 83 -37.60 -35.42 -9.08
CA ALA B 83 -37.89 -34.13 -8.38
C ALA B 83 -39.14 -34.16 -7.47
N VAL B 84 -40.21 -34.81 -7.91
CA VAL B 84 -41.40 -35.00 -7.07
C VAL B 84 -41.15 -35.98 -5.93
N LEU B 85 -40.39 -37.02 -6.19
CA LEU B 85 -39.88 -37.88 -5.12
C LEU B 85 -39.07 -37.07 -4.10
N SER B 86 -38.28 -36.10 -4.57
CA SER B 86 -37.55 -35.19 -3.66
C SER B 86 -38.46 -34.37 -2.81
N SER B 87 -39.49 -33.77 -3.41
CA SER B 87 -40.46 -33.01 -2.62
C SER B 87 -41.17 -33.88 -1.59
N THR B 88 -41.43 -35.14 -1.93
CA THR B 88 -42.15 -36.04 -1.05
C THR B 88 -41.21 -36.34 0.12
N GLN B 89 -39.98 -36.72 -0.20
CA GLN B 89 -38.98 -36.88 0.82
C GLN B 89 -38.82 -35.61 1.68
N PHE B 90 -38.76 -34.46 1.03
CA PHE B 90 -38.58 -33.18 1.77
C PHE B 90 -39.65 -33.07 2.84
N ASP B 91 -40.91 -33.33 2.45
CA ASP B 91 -42.07 -33.28 3.36
C ASP B 91 -42.03 -34.32 4.49
N GLU B 92 -41.57 -35.54 4.21
CA GLU B 92 -41.43 -36.59 5.25
C GLU B 92 -40.37 -36.24 6.29
N VAL B 93 -39.26 -35.62 5.88
CA VAL B 93 -38.27 -35.15 6.85
C VAL B 93 -38.89 -34.03 7.71
N LEU B 94 -39.66 -33.12 7.10
CA LEU B 94 -40.30 -32.03 7.83
C LEU B 94 -41.29 -32.47 8.91
N LYS B 95 -42.01 -33.56 8.64
CA LYS B 95 -43.02 -34.12 9.57
C LYS B 95 -42.43 -34.80 10.83
N ARG B 96 -41.17 -35.23 10.78
CA ARG B 96 -40.52 -35.84 11.95
C ARG B 96 -40.31 -34.79 13.07
N ASP B 97 -40.82 -35.12 14.25
CA ASP B 97 -40.74 -34.26 15.45
C ASP B 97 -39.33 -34.33 16.02
N GLU B 98 -38.58 -33.23 15.86
CA GLU B 98 -37.16 -33.17 16.20
C GLU B 98 -36.80 -31.74 16.62
N PRO B 99 -37.37 -31.27 17.75
CA PRO B 99 -37.18 -29.85 18.15
C PRO B 99 -35.72 -29.35 18.19
N GLN B 100 -34.77 -30.26 18.41
CA GLN B 100 -33.35 -29.95 18.31
C GLN B 100 -32.95 -29.40 16.92
N LYS B 101 -33.49 -29.98 15.87
CA LYS B 101 -33.07 -29.65 14.49
C LYS B 101 -33.91 -28.49 13.92
N LYS B 102 -33.27 -27.32 13.77
CA LYS B 102 -33.94 -26.07 13.44
C LYS B 102 -33.51 -25.43 12.10
N GLU B 103 -32.54 -26.02 11.41
CA GLU B 103 -31.91 -25.37 10.26
C GLU B 103 -32.14 -26.09 8.93
N VAL B 104 -32.54 -25.36 7.89
CA VAL B 104 -32.72 -25.94 6.57
C VAL B 104 -31.85 -25.23 5.55
N ILE B 105 -31.03 -26.01 4.86
CA ILE B 105 -30.08 -25.45 3.90
C ILE B 105 -30.47 -25.90 2.48
N PHE B 106 -30.63 -24.90 1.59
CA PHE B 106 -30.93 -25.07 0.16
C PHE B 106 -29.63 -24.70 -0.56
N VAL B 107 -29.12 -25.57 -1.42
CA VAL B 107 -27.88 -25.34 -2.18
C VAL B 107 -28.20 -25.47 -3.69
N THR B 108 -27.74 -24.51 -4.48
CA THR B 108 -28.05 -24.44 -5.90
C THR B 108 -26.84 -23.93 -6.66
N GLY B 109 -26.80 -24.24 -7.94
CA GLY B 109 -25.80 -23.67 -8.82
C GLY B 109 -25.82 -24.26 -10.20
N ILE B 110 -25.21 -23.56 -11.14
CA ILE B 110 -24.99 -24.06 -12.51
C ILE B 110 -24.31 -25.43 -12.42
N PRO B 111 -24.77 -26.41 -13.21
CA PRO B 111 -24.07 -27.70 -13.25
C PRO B 111 -22.58 -27.58 -13.56
N GLY B 112 -21.80 -28.46 -12.93
CA GLY B 112 -20.34 -28.37 -12.97
C GLY B 112 -19.71 -27.29 -12.08
N SER B 113 -20.50 -26.56 -11.29
CA SER B 113 -19.96 -25.54 -10.39
C SER B 113 -19.44 -26.14 -9.07
N GLY B 114 -19.69 -27.43 -8.85
CA GLY B 114 -19.19 -28.15 -7.71
C GLY B 114 -20.08 -27.94 -6.51
N ALA B 115 -21.38 -27.81 -6.74
CA ALA B 115 -22.35 -27.61 -5.67
C ALA B 115 -22.50 -28.89 -4.91
N THR B 116 -22.61 -30.00 -5.63
CA THR B 116 -22.70 -31.31 -4.98
C THR B 116 -21.45 -31.62 -4.16
N SER B 117 -20.27 -31.35 -4.72
CA SER B 117 -19.03 -31.53 -4.00
C SER B 117 -18.93 -30.63 -2.74
N THR B 118 -19.49 -29.41 -2.84
CA THR B 118 -19.58 -28.52 -1.69
C THR B 118 -20.46 -29.14 -0.60
N VAL B 119 -21.63 -29.67 -0.98
CA VAL B 119 -22.54 -30.35 -0.04
C VAL B 119 -21.89 -31.55 0.66
N LYS B 120 -21.17 -32.35 -0.10
CA LYS B 120 -20.44 -33.49 0.46
C LYS B 120 -19.33 -33.05 1.43
N ASN B 121 -18.81 -31.85 1.23
CA ASN B 121 -17.81 -31.28 2.14
C ASN B 121 -18.42 -30.49 3.28
N GLN B 125 -24.36 -30.90 11.16
CA GLN B 125 -24.35 -30.46 12.56
C GLN B 125 -25.59 -31.03 13.26
N ASP B 126 -25.62 -30.91 14.59
CA ASP B 126 -26.72 -31.44 15.41
C ASP B 126 -28.02 -30.65 15.21
N THR B 127 -27.92 -29.37 14.85
CA THR B 127 -29.06 -28.52 14.55
C THR B 127 -29.59 -28.60 13.08
N THR B 128 -28.93 -29.37 12.22
CA THR B 128 -29.27 -29.45 10.79
C THR B 128 -30.46 -30.40 10.53
N LYS B 129 -31.59 -29.86 10.10
CA LYS B 129 -32.77 -30.69 9.83
C LYS B 129 -32.75 -31.33 8.45
N LEU B 130 -32.36 -30.56 7.45
CA LEU B 130 -32.61 -30.94 6.05
C LEU B 130 -31.64 -30.19 5.17
N LEU B 131 -31.10 -30.88 4.19
CA LEU B 131 -30.26 -30.29 3.16
C LEU B 131 -30.89 -30.59 1.80
N PHE B 132 -31.35 -29.56 1.09
CA PHE B 132 -31.94 -29.73 -0.27
C PHE B 132 -31.07 -29.12 -1.34
N GLU B 133 -30.69 -29.91 -2.34
CA GLU B 133 -30.00 -29.40 -3.51
C GLU B 133 -30.90 -29.53 -4.75
N GLY B 134 -31.04 -28.42 -5.49
CA GLY B 134 -31.92 -28.30 -6.69
C GLY B 134 -31.87 -26.88 -7.32
N GLN B 135 -32.37 -26.74 -8.55
CA GLN B 135 -32.39 -25.43 -9.23
C GLN B 135 -33.31 -24.42 -8.55
N LEU B 136 -32.85 -23.17 -8.42
CA LEU B 136 -33.70 -22.06 -7.96
C LEU B 136 -33.83 -20.93 -9.00
N ALA B 137 -33.38 -21.16 -10.23
CA ALA B 137 -33.63 -20.21 -11.32
C ALA B 137 -35.13 -20.02 -11.57
N ARG B 138 -35.90 -21.11 -11.63
CA ARG B 138 -37.37 -21.05 -11.62
C ARG B 138 -37.84 -21.41 -10.21
N PRO B 139 -38.07 -20.40 -9.35
CA PRO B 139 -38.18 -20.66 -7.89
C PRO B 139 -39.54 -21.09 -7.37
N GLN B 140 -40.53 -21.25 -8.23
CA GLN B 140 -41.92 -21.48 -7.83
C GLN B 140 -42.05 -22.71 -6.92
N SER B 141 -41.50 -23.83 -7.37
CA SER B 141 -41.41 -25.07 -6.59
C SER B 141 -40.73 -24.89 -5.21
N ALA B 142 -39.65 -24.12 -5.18
CA ALA B 142 -38.94 -23.81 -3.94
C ALA B 142 -39.75 -22.94 -2.99
N PHE B 143 -40.66 -22.10 -3.52
CA PHE B 143 -41.59 -21.34 -2.66
C PHE B 143 -42.40 -22.25 -1.74
N ARG B 144 -42.91 -23.35 -2.27
CA ARG B 144 -43.73 -24.30 -1.50
C ARG B 144 -42.91 -24.95 -0.37
N LYS B 145 -41.65 -25.30 -0.67
CA LYS B 145 -40.73 -25.84 0.34
C LYS B 145 -40.35 -24.81 1.41
N ILE B 146 -40.10 -23.58 1.00
CA ILE B 146 -39.66 -22.53 1.93
C ILE B 146 -40.79 -22.14 2.88
N GLU B 147 -41.98 -21.95 2.32
CA GLU B 147 -43.19 -21.74 3.09
C GLU B 147 -43.33 -22.72 4.26
N GLN B 148 -43.19 -24.00 3.95
CA GLN B 148 -43.32 -25.08 4.95
C GLN B 148 -42.27 -25.02 6.06
N CYS B 149 -41.04 -24.65 5.69
CA CYS B 149 -39.99 -24.42 6.66
C CYS B 149 -40.39 -23.30 7.63
N LEU B 150 -40.87 -22.19 7.09
CA LEU B 150 -41.17 -21.02 7.89
C LEU B 150 -42.45 -21.17 8.73
N GLU B 151 -43.42 -21.95 8.23
CA GLU B 151 -44.56 -22.44 9.05
C GLU B 151 -44.14 -23.20 10.29
N ARG B 152 -43.00 -23.89 10.22
CA ARG B 152 -42.51 -24.69 11.34
C ARG B 152 -41.40 -23.97 12.11
N ASN B 153 -41.30 -22.66 11.94
CA ASN B 153 -40.27 -21.84 12.59
C ASN B 153 -38.82 -22.26 12.33
N LEU B 154 -38.56 -22.88 11.17
CA LEU B 154 -37.20 -23.33 10.84
C LEU B 154 -36.43 -22.18 10.18
N GLU B 155 -35.13 -22.15 10.43
CA GLU B 155 -34.26 -21.15 9.82
C GLU B 155 -33.78 -21.66 8.48
N VAL B 156 -33.97 -20.86 7.43
CA VAL B 156 -33.67 -21.26 6.07
C VAL B 156 -32.43 -20.52 5.59
N THR B 157 -31.52 -21.26 4.98
CA THR B 157 -30.36 -20.66 4.34
C THR B 157 -30.26 -21.18 2.91
N ILE B 158 -30.06 -20.27 1.96
CA ILE B 158 -29.88 -20.60 0.56
C ILE B 158 -28.47 -20.21 0.20
N VAL B 159 -27.73 -21.18 -0.35
CA VAL B 159 -26.34 -21.04 -0.74
C VAL B 159 -26.22 -21.15 -2.23
N ALA B 160 -25.79 -20.07 -2.88
CA ALA B 160 -25.65 -20.03 -4.33
C ALA B 160 -24.18 -20.23 -4.76
N VAL B 161 -23.91 -21.41 -5.34
CA VAL B 161 -22.57 -21.80 -5.81
C VAL B 161 -22.44 -21.35 -7.28
N SER B 162 -21.31 -20.72 -7.59
CA SER B 162 -21.14 -20.05 -8.89
C SER B 162 -19.75 -20.24 -9.47
N ARG B 164 -17.77 -19.53 -13.70
CA ARG B 164 -17.98 -19.15 -15.11
C ARG B 164 -18.42 -20.39 -15.90
N ALA B 165 -19.33 -20.18 -16.83
CA ALA B 165 -19.93 -21.28 -17.59
C ALA B 165 -18.88 -22.17 -18.24
N GLU B 166 -17.90 -21.53 -18.87
CA GLU B 166 -16.84 -22.23 -19.58
C GLU B 166 -16.10 -23.23 -18.69
N ARG B 167 -15.65 -22.81 -17.51
CA ARG B 167 -14.96 -23.72 -16.58
C ARG B 167 -15.92 -24.77 -16.01
N ALA B 168 -17.17 -24.39 -15.76
CA ALA B 168 -18.18 -25.38 -15.30
C ALA B 168 -18.44 -26.45 -16.38
N SER B 169 -18.48 -26.00 -17.63
CA SER B 169 -18.59 -26.89 -18.78
C SER B 169 -17.45 -27.91 -18.78
N ASP B 170 -16.23 -27.48 -18.51
CA ASP B 170 -15.11 -28.44 -18.44
C ASP B 170 -15.33 -29.53 -17.39
N ASN B 171 -15.85 -29.16 -16.22
CA ASN B 171 -16.19 -30.12 -15.16
C ASN B 171 -17.31 -31.07 -15.59
N THR B 172 -18.31 -30.56 -16.34
CA THR B 172 -19.40 -31.43 -16.81
C THR B 172 -18.91 -32.51 -17.78
N TYR B 173 -17.88 -32.21 -18.57
CA TYR B 173 -17.28 -33.21 -19.47
C TYR B 173 -16.71 -34.40 -18.70
N LYS B 174 -15.93 -34.11 -17.66
CA LYS B 174 -15.32 -35.13 -16.78
C LYS B 174 -16.38 -35.98 -16.07
N ARG B 175 -17.42 -35.33 -15.58
CA ARG B 175 -18.52 -36.06 -14.97
C ARG B 175 -19.20 -36.97 -15.98
N PHE B 176 -19.44 -36.49 -17.21
CA PHE B 176 -20.05 -37.35 -18.24
C PHE B 176 -19.19 -38.59 -18.47
N ASN B 177 -17.87 -38.40 -18.50
CA ASN B 177 -16.94 -39.49 -18.82
C ASN B 177 -16.77 -40.50 -17.66
N GLU B 178 -16.79 -40.02 -16.42
CA GLU B 178 -16.68 -40.93 -15.26
C GLU B 178 -18.03 -41.54 -14.83
N TYR B 179 -19.10 -40.74 -14.86
CA TYR B 179 -20.41 -41.10 -14.28
C TYR B 179 -21.55 -41.37 -15.30
N GLY B 180 -21.41 -40.82 -16.51
CA GLY B 180 -22.42 -40.98 -17.56
C GLY B 180 -23.42 -39.85 -17.72
N ARG B 181 -23.43 -38.87 -16.79
CA ARG B 181 -24.31 -37.70 -16.92
C ARG B 181 -23.51 -36.41 -16.87
N GLY B 182 -23.74 -35.56 -17.87
CA GLY B 182 -23.18 -34.23 -17.93
C GLY B 182 -24.29 -33.22 -17.76
N ALA B 183 -24.49 -32.39 -18.79
CA ALA B 183 -25.40 -31.28 -18.71
C ALA B 183 -25.50 -30.62 -20.07
N SER B 184 -26.70 -30.21 -20.45
CA SER B 184 -26.89 -29.50 -21.72
C SER B 184 -26.51 -28.03 -21.59
N ILE B 185 -25.99 -27.44 -22.66
CA ILE B 185 -25.74 -26.00 -22.67
C ILE B 185 -27.01 -25.17 -22.44
N GLY B 186 -28.18 -25.66 -22.86
CA GLY B 186 -29.45 -24.99 -22.64
C GLY B 186 -29.79 -24.82 -21.16
N ILE B 187 -29.64 -25.89 -20.39
CA ILE B 187 -29.94 -25.81 -18.96
C ILE B 187 -28.85 -24.97 -18.24
N ALA B 189 -27.05 -22.44 -19.44
CA ALA B 189 -27.27 -21.02 -19.74
C ALA B 189 -28.52 -20.49 -19.08
N ASP B 190 -29.62 -21.25 -19.18
CA ASP B 190 -30.88 -20.90 -18.50
C ASP B 190 -30.63 -20.62 -17.02
N ILE B 191 -29.90 -21.52 -16.37
CA ILE B 191 -29.64 -21.44 -14.92
C ILE B 191 -28.76 -20.23 -14.62
N GLN B 192 -27.63 -20.10 -15.29
CA GLN B 192 -26.70 -19.03 -14.94
C GLN B 192 -27.24 -17.61 -15.21
N ALA B 193 -28.15 -17.50 -16.17
CA ALA B 193 -28.78 -16.23 -16.53
C ALA B 193 -29.92 -15.85 -15.61
N ASN B 194 -30.70 -16.84 -15.22
CA ASN B 194 -31.92 -16.60 -14.45
C ASN B 194 -31.79 -16.79 -12.96
N LEU B 195 -30.68 -17.37 -12.49
CA LEU B 195 -30.50 -17.63 -11.05
C LEU B 195 -30.66 -16.38 -10.19
N PRO B 196 -30.01 -15.25 -10.59
CA PRO B 196 -30.20 -14.00 -9.84
C PRO B 196 -31.65 -13.60 -9.70
N ASP B 197 -32.40 -13.70 -10.80
CA ASP B 197 -33.84 -13.36 -10.79
C ASP B 197 -34.63 -14.24 -9.81
N GLY B 198 -34.28 -15.53 -9.76
CA GLY B 198 -34.94 -16.46 -8.87
C GLY B 198 -34.64 -16.16 -7.43
N LEU B 199 -33.37 -15.88 -7.14
CA LEU B 199 -32.97 -15.47 -5.80
C LEU B 199 -33.60 -14.12 -5.43
N LYS B 200 -33.74 -13.20 -6.40
CA LYS B 200 -34.49 -11.96 -6.20
C LYS B 200 -35.94 -12.25 -5.79
N GLN B 201 -36.62 -13.10 -6.57
CA GLN B 201 -38.01 -13.50 -6.25
C GLN B 201 -38.20 -14.12 -4.85
N ILE B 202 -37.16 -14.77 -4.33
CA ILE B 202 -37.21 -15.40 -3.00
C ILE B 202 -37.04 -14.31 -1.94
N ARG B 203 -36.06 -13.45 -2.10
CA ARG B 203 -35.87 -12.29 -1.21
C ARG B 203 -37.10 -11.37 -1.13
N ASP B 204 -37.86 -11.23 -2.22
CA ASP B 204 -39.03 -10.34 -2.26
C ASP B 204 -40.31 -10.98 -1.74
N LYS B 205 -40.42 -12.29 -1.82
CA LYS B 205 -41.55 -12.99 -1.20
C LYS B 205 -41.42 -13.19 0.34
N PHE B 206 -40.20 -13.43 0.83
CA PHE B 206 -39.96 -13.88 2.23
C PHE B 206 -39.09 -12.95 3.11
N GLY B 207 -38.24 -12.13 2.50
CA GLY B 207 -37.50 -11.12 3.22
C GLY B 207 -36.30 -11.68 3.97
N ASP B 208 -35.85 -10.93 4.97
CA ASP B 208 -34.74 -11.34 5.85
C ASP B 208 -34.90 -12.70 6.48
N ALA B 209 -36.13 -13.20 6.57
CA ALA B 209 -36.40 -14.56 7.06
C ALA B 209 -35.60 -15.65 6.33
N VAL B 210 -35.29 -15.43 5.05
CA VAL B 210 -34.44 -16.33 4.29
C VAL B 210 -33.09 -15.70 4.09
N LYS B 211 -32.08 -16.29 4.72
CA LYS B 211 -30.70 -15.86 4.55
C LYS B 211 -30.18 -16.38 3.21
N ILE B 212 -29.57 -15.52 2.41
CA ILE B 212 -29.09 -15.90 1.08
C ILE B 212 -27.64 -15.57 1.00
N VAL B 213 -26.81 -16.59 0.75
CA VAL B 213 -25.36 -16.45 0.68
C VAL B 213 -24.84 -17.06 -0.60
N GLY B 214 -23.54 -16.89 -0.85
CA GLY B 214 -22.94 -17.29 -2.14
C GLY B 214 -21.54 -17.83 -1.99
N ILE B 215 -21.14 -18.71 -2.90
CA ILE B 215 -19.78 -19.24 -2.95
C ILE B 215 -19.20 -19.03 -4.36
N ASN B 216 -18.22 -18.14 -4.49
CA ASN B 216 -17.58 -17.89 -5.79
C ASN B 216 -16.41 -18.83 -6.00
N GLN B 217 -16.61 -19.82 -6.86
CA GLN B 217 -15.59 -20.84 -7.12
C GLN B 217 -14.47 -20.36 -8.03
N ASP B 218 -14.65 -19.22 -8.69
CA ASP B 218 -13.56 -18.58 -9.45
C ASP B 218 -12.63 -17.71 -8.59
N ARG B 219 -12.93 -17.55 -7.30
CA ARG B 219 -12.04 -16.88 -6.36
C ARG B 219 -11.82 -17.78 -5.16
N ASN B 220 -11.39 -19.01 -5.46
CA ASN B 220 -10.99 -20.02 -4.45
C ASN B 220 -12.03 -20.25 -3.35
N SER B 221 -13.27 -20.50 -3.81
CA SER B 221 -14.44 -20.74 -2.97
C SER B 221 -14.72 -19.63 -1.96
N GLU B 222 -14.54 -18.38 -2.36
CA GLU B 222 -14.80 -17.26 -1.45
C GLU B 222 -16.28 -17.24 -1.04
N PHE B 223 -16.50 -17.23 0.28
CA PHE B 223 -17.84 -17.05 0.85
C PHE B 223 -18.26 -15.58 0.72
N ILE B 224 -19.48 -15.36 0.25
CA ILE B 224 -20.04 -14.01 0.04
C ILE B 224 -21.27 -13.94 0.95
N ASP B 225 -21.28 -12.98 1.88
CA ASP B 225 -22.28 -12.94 2.97
C ASP B 225 -23.55 -12.15 2.66
N LYS B 226 -23.44 -11.00 1.97
CA LYS B 226 -24.61 -10.10 1.80
C LYS B 226 -25.32 -10.38 0.47
N PHE B 227 -26.64 -10.36 0.49
CA PHE B 227 -27.44 -10.59 -0.70
C PHE B 227 -27.03 -9.78 -1.92
N ASP B 228 -26.87 -8.47 -1.75
CA ASP B 228 -26.53 -7.57 -2.87
C ASP B 228 -25.21 -7.99 -3.52
N ASP B 229 -24.24 -8.43 -2.71
CA ASP B 229 -22.98 -8.99 -3.21
C ASP B 229 -23.17 -10.34 -3.95
N VAL B 230 -24.10 -11.17 -3.49
CA VAL B 230 -24.43 -12.45 -4.15
C VAL B 230 -24.97 -12.18 -5.56
N ILE B 231 -25.87 -11.20 -5.68
CA ILE B 231 -26.43 -10.80 -6.98
C ILE B 231 -25.32 -10.29 -7.91
N LYS B 232 -24.36 -9.54 -7.34
CA LYS B 232 -23.22 -9.02 -8.13
C LYS B 232 -22.38 -10.16 -8.73
N LEU B 234 -23.13 -13.27 -9.25
CA LEU B 234 -23.90 -14.10 -10.21
C LEU B 234 -24.28 -13.43 -11.53
N SER B 235 -23.95 -12.14 -11.72
CA SER B 235 -24.22 -11.43 -12.97
C SER B 235 -23.13 -11.75 -13.99
N LEU B 236 -23.38 -12.79 -14.78
CA LEU B 236 -22.36 -13.35 -15.66
C LEU B 236 -22.80 -13.41 -17.10
N GLY B 237 -23.72 -12.52 -17.46
CA GLY B 237 -24.23 -12.41 -18.83
C GLY B 237 -25.69 -12.77 -18.93
N SER B 238 -26.28 -12.42 -20.06
CA SER B 238 -27.64 -12.81 -20.42
C SER B 238 -27.68 -14.26 -20.90
N GLN B 239 -28.88 -14.80 -21.03
CA GLN B 239 -29.05 -16.17 -21.55
C GLN B 239 -28.48 -16.37 -22.97
N GLU B 240 -28.76 -15.43 -23.87
CA GLU B 240 -28.20 -15.44 -25.24
C GLU B 240 -26.66 -15.39 -25.27
N GLN B 241 -26.07 -14.56 -24.40
CA GLN B 241 -24.61 -14.41 -24.33
C GLN B 241 -23.94 -15.70 -23.87
N ILE B 242 -24.43 -16.25 -22.78
CA ILE B 242 -23.86 -17.48 -22.22
C ILE B 242 -24.12 -18.65 -23.18
N LEU B 243 -25.35 -18.77 -23.69
CA LEU B 243 -25.65 -19.87 -24.64
C LEU B 243 -24.75 -19.80 -25.86
N GLY B 244 -24.65 -18.59 -26.44
CA GLY B 244 -23.73 -18.32 -27.55
C GLY B 244 -22.30 -18.71 -27.28
N ARG B 245 -21.79 -18.37 -26.10
CA ARG B 245 -20.41 -18.73 -25.72
C ARG B 245 -20.27 -20.25 -25.55
N LEU B 246 -21.26 -20.89 -24.90
CA LEU B 246 -21.23 -22.34 -24.70
C LEU B 246 -21.31 -23.12 -26.02
N ALA B 247 -22.18 -22.69 -26.92
CA ALA B 247 -22.29 -23.32 -28.24
C ALA B 247 -20.93 -23.30 -28.96
N GLU B 248 -20.29 -22.13 -29.01
CA GLU B 248 -18.95 -22.02 -29.64
C GLU B 248 -17.93 -22.93 -28.97
N LYS B 249 -17.96 -23.01 -27.65
CA LYS B 249 -17.00 -23.82 -26.92
C LYS B 249 -17.16 -25.32 -27.24
N ILE B 250 -18.38 -25.86 -27.13
CA ILE B 250 -18.57 -27.30 -27.31
C ILE B 250 -18.33 -27.73 -28.75
N GLN B 251 -18.60 -26.84 -29.70
CA GLN B 251 -18.28 -27.10 -31.12
C GLN B 251 -16.76 -27.10 -31.36
N SER B 252 -16.05 -26.07 -30.91
CA SER B 252 -14.59 -26.04 -31.00
C SER B 252 -13.96 -27.22 -30.28
N ASP B 253 -14.42 -27.50 -29.08
CA ASP B 253 -13.95 -28.66 -28.32
C ASP B 253 -14.14 -29.98 -29.07
N PHE B 254 -15.23 -30.11 -29.80
CA PHE B 254 -15.47 -31.31 -30.60
C PHE B 254 -14.60 -31.33 -31.86
N ASP B 255 -14.54 -30.20 -32.57
CA ASP B 255 -13.77 -30.07 -33.83
C ASP B 255 -12.28 -30.32 -33.65
N SER B 256 -11.73 -29.87 -32.53
CA SER B 256 -10.31 -30.07 -32.18
C SER B 256 -9.95 -31.43 -31.52
N GLY B 257 -10.97 -32.22 -31.14
CA GLY B 257 -10.77 -33.56 -30.56
C GLY B 257 -10.63 -33.65 -29.05
N LYS B 258 -10.94 -32.57 -28.32
CA LYS B 258 -10.98 -32.62 -26.86
C LYS B 258 -12.15 -33.46 -26.29
N ILE B 259 -13.29 -33.51 -26.97
CA ILE B 259 -14.45 -34.28 -26.52
C ILE B 259 -14.92 -35.24 -27.61
N SER B 260 -15.39 -36.42 -27.21
CA SER B 260 -15.93 -37.44 -28.11
C SER B 260 -17.22 -36.93 -28.71
N ARG B 261 -17.78 -37.63 -29.69
CA ARG B 261 -19.08 -37.21 -30.22
C ARG B 261 -20.16 -37.39 -29.16
N GLU B 262 -20.07 -38.43 -28.34
CA GLU B 262 -21.12 -38.68 -27.33
C GLU B 262 -21.19 -37.53 -26.34
N CYS B 263 -20.02 -37.14 -25.83
CA CYS B 263 -19.92 -36.02 -24.93
C CYS B 263 -20.43 -34.71 -25.54
N PHE B 264 -20.10 -34.48 -26.82
CA PHE B 264 -20.64 -33.34 -27.59
C PHE B 264 -22.17 -33.41 -27.73
N ASN B 265 -22.74 -34.57 -28.06
CA ASN B 265 -24.22 -34.68 -28.21
C ASN B 265 -25.03 -34.42 -26.90
N GLN B 266 -24.56 -34.91 -25.75
CA GLN B 266 -25.25 -34.65 -24.48
C GLN B 266 -25.09 -33.18 -24.08
N ALA B 267 -23.92 -32.57 -24.34
CA ALA B 267 -23.79 -31.11 -24.18
C ALA B 267 -24.68 -30.35 -25.17
N LYS B 268 -24.82 -30.84 -26.38
CA LYS B 268 -25.72 -30.19 -27.34
C LYS B 268 -27.14 -30.21 -26.85
N GLY B 269 -27.58 -31.37 -26.35
CA GLY B 269 -28.97 -31.55 -25.92
C GLY B 269 -29.89 -31.37 -27.11
N SER B 270 -30.99 -30.65 -26.93
CA SER B 270 -31.91 -30.40 -28.03
C SER B 270 -31.67 -29.04 -28.71
N ASP B 272 -30.61 -26.47 -31.45
CA ASP B 272 -30.16 -26.19 -32.79
C ASP B 272 -28.97 -25.19 -32.77
N LEU B 273 -27.76 -25.70 -32.92
CA LEU B 273 -26.56 -24.85 -32.88
C LEU B 273 -26.56 -23.80 -33.99
N GLU B 274 -26.96 -24.21 -35.20
CA GLU B 274 -27.06 -23.27 -36.32
C GLU B 274 -27.85 -21.98 -35.96
N SER B 275 -28.94 -22.14 -35.23
CA SER B 275 -29.80 -21.01 -34.84
C SER B 275 -29.15 -20.08 -33.77
N VAL B 276 -28.30 -20.66 -32.92
CA VAL B 276 -27.46 -19.90 -31.95
C VAL B 276 -26.37 -19.16 -32.69
N PHE B 277 -25.62 -19.88 -33.54
CA PHE B 277 -24.51 -19.27 -34.27
C PHE B 277 -24.96 -18.09 -35.14
N ALA B 278 -26.11 -18.20 -35.79
CA ALA B 278 -26.72 -17.11 -36.57
C ALA B 278 -27.02 -15.82 -35.76
N LYS B 279 -27.32 -15.94 -34.47
CA LYS B 279 -27.54 -14.80 -33.59
C LYS B 279 -26.27 -14.07 -33.20
N LYS B 280 -25.11 -14.66 -33.43
CA LYS B 280 -23.84 -14.01 -33.09
C LYS B 280 -23.63 -12.70 -33.89
N GLU B 281 -23.12 -11.69 -33.22
CA GLU B 281 -22.97 -10.34 -33.77
C GLU B 281 -21.51 -10.11 -34.04
N TYR B 282 -21.20 -9.39 -35.11
CA TYR B 282 -19.80 -9.00 -35.41
C TYR B 282 -19.65 -7.49 -35.72
N SER B 283 -20.49 -6.65 -35.11
CA SER B 283 -20.55 -5.22 -35.50
C SER B 283 -19.32 -4.40 -35.18
N GLN B 284 -18.58 -4.79 -34.15
CA GLN B 284 -17.34 -4.08 -33.79
C GLN B 284 -16.07 -4.80 -34.27
N GLN B 285 -16.18 -5.59 -35.34
CA GLN B 285 -15.10 -6.49 -35.74
C GLN B 285 -14.80 -6.40 -37.22
N ARG B 286 -13.52 -6.52 -37.55
CA ARG B 286 -13.08 -6.52 -38.94
C ARG B 286 -11.96 -7.49 -39.13
N VAL B 287 -11.70 -7.80 -40.38
CA VAL B 287 -10.60 -8.68 -40.75
C VAL B 287 -9.75 -7.94 -41.77
N VAL B 288 -8.46 -7.90 -41.48
CA VAL B 288 -7.44 -7.30 -42.32
C VAL B 288 -6.64 -8.44 -42.89
N THR B 289 -6.68 -8.56 -44.23
CA THR B 289 -5.91 -9.56 -44.96
C THR B 289 -4.65 -8.93 -45.61
N ASN B 290 -3.61 -9.72 -45.75
CA ASN B 290 -2.43 -9.37 -46.50
C ASN B 290 -1.68 -10.65 -46.99
N SER B 291 -0.46 -10.48 -47.52
CA SER B 291 0.35 -11.61 -48.02
C SER B 291 0.84 -12.58 -46.94
N LYS B 292 0.81 -12.16 -45.68
CA LYS B 292 1.21 -13.00 -44.54
C LYS B 292 0.06 -13.76 -43.88
N GLY B 293 -1.18 -13.27 -44.01
CA GLY B 293 -2.35 -13.91 -43.35
C GLY B 293 -3.54 -13.01 -43.06
N VAL B 294 -4.36 -13.39 -42.09
CA VAL B 294 -5.51 -12.57 -41.71
C VAL B 294 -5.43 -12.24 -40.26
N THR B 295 -5.82 -11.00 -39.94
CA THR B 295 -5.82 -10.51 -38.57
C THR B 295 -7.23 -10.06 -38.20
N LEU B 296 -7.74 -10.60 -37.10
CA LEU B 296 -9.05 -10.24 -36.60
C LEU B 296 -8.84 -9.12 -35.61
N GLU B 297 -9.56 -8.04 -35.81
CA GLU B 297 -9.45 -6.84 -34.98
C GLU B 297 -10.81 -6.47 -34.40
N THR B 298 -10.83 -5.88 -33.20
CA THR B 298 -12.08 -5.33 -32.63
C THR B 298 -11.90 -3.86 -32.31
N LYS B 299 -13.00 -3.11 -32.40
CA LYS B 299 -13.01 -1.68 -32.14
C LYS B 299 -13.44 -1.41 -30.69
N SER B 300 -12.77 -0.50 -30.01
CA SER B 300 -13.23 0.01 -28.71
C SER B 300 -14.27 1.10 -28.93
N ALA B 301 -14.91 1.53 -27.85
CA ALA B 301 -15.91 2.61 -27.92
C ALA B 301 -15.39 3.88 -28.62
N ASN B 302 -14.11 4.22 -28.43
CA ASN B 302 -13.51 5.43 -29.04
C ASN B 302 -12.81 5.23 -30.42
N GLU B 303 -13.28 4.26 -31.21
CA GLU B 303 -12.80 4.05 -32.59
C GLU B 303 -11.35 3.50 -32.78
N LEU B 304 -10.73 2.94 -31.73
CA LEU B 304 -9.41 2.29 -31.85
C LEU B 304 -9.51 0.79 -32.11
N TRP B 305 -8.82 0.35 -33.15
CA TRP B 305 -8.71 -1.05 -33.50
C TRP B 305 -7.53 -1.72 -32.77
N SER B 306 -7.75 -2.90 -32.20
CA SER B 306 -6.65 -3.70 -31.68
C SER B 306 -6.78 -5.18 -32.07
N LYS B 307 -5.64 -5.86 -32.14
CA LYS B 307 -5.56 -7.23 -32.64
C LYS B 307 -6.08 -8.27 -31.64
N VAL B 308 -6.85 -9.22 -32.16
CA VAL B 308 -7.34 -10.35 -31.38
C VAL B 308 -6.54 -11.61 -31.77
N GLU B 309 -6.54 -11.94 -33.06
CA GLU B 309 -5.99 -13.22 -33.56
C GLU B 309 -5.38 -13.01 -34.96
N GLN B 310 -4.14 -13.51 -35.17
CA GLN B 310 -3.50 -13.57 -36.48
C GLN B 310 -3.43 -15.04 -36.90
N ILE B 311 -3.83 -15.34 -38.13
CA ILE B 311 -3.74 -16.72 -38.70
C ILE B 311 -2.85 -16.68 -39.95
N PRO B 312 -1.69 -17.41 -39.97
CA PRO B 312 -0.83 -17.36 -41.17
C PRO B 312 -1.44 -18.09 -42.36
N VAL B 313 -1.39 -17.44 -43.53
CA VAL B 313 -1.91 -18.01 -44.78
C VAL B 313 -1.11 -17.39 -45.92
N THR B 314 -0.87 -18.15 -46.98
CA THR B 314 -0.12 -17.66 -48.14
C THR B 314 -1.12 -17.37 -49.28
N GLY B 315 -0.82 -16.37 -50.10
CA GLY B 315 -1.55 -16.13 -51.35
C GLY B 315 -2.78 -15.25 -51.34
N LYS B 317 -4.41 -11.28 -51.08
CA LYS B 317 -4.07 -9.89 -51.33
C LYS B 317 -4.52 -8.98 -50.17
N ALA B 318 -4.16 -7.70 -50.26
CA ALA B 318 -4.43 -6.73 -49.19
C ALA B 318 -5.90 -6.41 -49.15
N GLY B 319 -6.49 -6.43 -47.96
CA GLY B 319 -7.92 -6.12 -47.82
C GLY B 319 -8.38 -5.86 -46.41
N ILE B 320 -9.43 -5.07 -46.31
CA ILE B 320 -10.08 -4.75 -45.03
C ILE B 320 -11.58 -5.05 -45.17
N TYR B 321 -12.09 -5.96 -44.33
CA TYR B 321 -13.49 -6.40 -44.41
C TYR B 321 -14.23 -6.20 -43.10
N LEU B 322 -15.26 -5.37 -43.10
CA LEU B 322 -16.09 -5.15 -41.89
C LEU B 322 -17.05 -6.33 -41.74
N LEU B 323 -16.86 -7.17 -40.72
CA LEU B 323 -17.61 -8.43 -40.59
C LEU B 323 -19.08 -8.26 -40.30
N GLY B 324 -19.42 -7.17 -39.61
CA GLY B 324 -20.80 -6.84 -39.31
C GLY B 324 -21.63 -6.37 -40.50
N GLN B 325 -21.00 -6.09 -41.63
CA GLN B 325 -21.73 -5.64 -42.83
C GLN B 325 -21.82 -6.75 -43.87
N ALA B 326 -21.48 -7.97 -43.49
CA ALA B 326 -21.60 -9.12 -44.38
C ALA B 326 -23.07 -9.39 -44.66
N LYS B 327 -23.40 -9.81 -45.88
CA LYS B 327 -24.76 -10.19 -46.22
C LYS B 327 -24.96 -11.62 -45.79
N LYS B 328 -26.10 -11.89 -45.15
CA LYS B 328 -26.52 -13.27 -44.87
C LYS B 328 -26.72 -14.03 -46.17
N ALA B 329 -26.23 -15.28 -46.22
CA ALA B 329 -26.46 -16.16 -47.36
C ALA B 329 -27.90 -16.65 -47.37
N GLU B 330 -28.63 -16.35 -48.45
CA GLU B 330 -30.00 -16.91 -48.66
C GLU B 330 -29.88 -18.39 -49.04
N THR B 331 -30.81 -19.21 -48.54
CA THR B 331 -30.78 -20.67 -48.79
C THR B 331 -31.19 -20.96 -50.24
N GLY B 332 -30.57 -21.99 -50.83
CA GLY B 332 -30.82 -22.37 -52.22
C GLY B 332 -29.97 -21.69 -53.30
N GLN B 333 -29.22 -20.66 -52.94
CA GLN B 333 -28.42 -19.89 -53.89
C GLN B 333 -26.95 -20.30 -53.78
N THR B 334 -26.17 -20.09 -54.85
CA THR B 334 -24.74 -20.45 -54.87
C THR B 334 -23.84 -19.21 -54.83
N TYR B 335 -22.81 -19.26 -53.96
CA TYR B 335 -21.92 -18.12 -53.66
C TYR B 335 -20.49 -18.54 -53.92
N SER B 336 -19.73 -17.74 -54.64
CA SER B 336 -18.40 -18.14 -55.12
C SER B 336 -17.31 -17.14 -54.75
N GLY B 337 -16.20 -17.62 -54.22
CA GLY B 337 -15.08 -16.75 -53.92
C GLY B 337 -14.30 -17.17 -52.70
N GLU B 338 -13.27 -16.37 -52.40
CA GLU B 338 -12.26 -16.68 -51.41
C GLU B 338 -12.78 -16.57 -49.96
N ILE B 339 -12.61 -17.63 -49.17
CA ILE B 339 -12.87 -17.56 -47.72
C ILE B 339 -11.78 -16.64 -47.14
N ILE B 340 -12.20 -15.58 -46.46
CA ILE B 340 -11.26 -14.64 -45.85
C ILE B 340 -11.18 -14.75 -44.32
N TYR B 341 -12.19 -15.37 -43.68
CA TYR B 341 -12.17 -15.61 -42.23
C TYR B 341 -13.15 -16.72 -41.84
N LYS B 342 -12.84 -17.41 -40.73
CA LYS B 342 -13.59 -18.54 -40.25
C LYS B 342 -13.42 -18.66 -38.70
N ASP B 343 -14.51 -18.98 -37.99
CA ASP B 343 -14.47 -19.28 -36.55
C ASP B 343 -15.51 -20.37 -36.26
N ALA B 344 -15.75 -20.68 -34.99
CA ALA B 344 -16.77 -21.66 -34.60
C ALA B 344 -18.20 -21.42 -35.10
N ALA B 345 -18.57 -20.13 -35.28
CA ALA B 345 -19.94 -19.73 -35.59
C ALA B 345 -20.24 -19.34 -37.04
N ALA B 346 -19.22 -18.84 -37.76
CA ALA B 346 -19.43 -18.26 -39.09
C ALA B 346 -18.27 -18.51 -40.04
N VAL B 347 -18.57 -18.47 -41.35
CA VAL B 347 -17.61 -18.48 -42.44
C VAL B 347 -17.89 -17.29 -43.35
N PHE B 348 -16.90 -16.41 -43.53
CA PHE B 348 -17.04 -15.20 -44.32
C PHE B 348 -16.34 -15.37 -45.66
N GLN B 349 -17.04 -15.02 -46.74
CA GLN B 349 -16.62 -15.31 -48.10
C GLN B 349 -16.74 -14.02 -48.94
N LYS B 350 -15.66 -13.67 -49.67
CA LYS B 350 -15.67 -12.51 -50.56
C LYS B 350 -16.21 -12.88 -51.93
N THR B 351 -17.44 -12.49 -52.24
CA THR B 351 -17.98 -12.70 -53.60
C THR B 351 -17.87 -11.44 -54.45
N LYS B 352 -18.31 -11.55 -55.71
CA LYS B 352 -18.43 -10.36 -56.58
C LYS B 352 -19.49 -9.34 -56.10
N ASN B 353 -20.55 -9.80 -55.42
CA ASN B 353 -21.53 -8.91 -54.78
C ASN B 353 -21.24 -8.64 -53.29
N GLY B 354 -19.96 -8.48 -52.92
CA GLY B 354 -19.58 -8.15 -51.54
C GLY B 354 -19.37 -9.34 -50.60
N LEU B 355 -19.02 -9.03 -49.35
CA LEU B 355 -18.72 -10.03 -48.34
C LEU B 355 -19.97 -10.77 -47.88
N VAL B 356 -19.93 -12.11 -47.89
CA VAL B 356 -21.06 -12.96 -47.47
C VAL B 356 -20.76 -13.79 -46.21
N ARG B 357 -21.76 -13.89 -45.34
CA ARG B 357 -21.71 -14.73 -44.15
C ARG B 357 -22.55 -16.01 -44.29
N HIS B 358 -21.91 -17.15 -44.06
CA HIS B 358 -22.55 -18.45 -43.96
C HIS B 358 -22.46 -18.91 -42.53
N ASN B 359 -23.51 -19.53 -42.03
CA ASN B 359 -23.42 -20.20 -40.75
C ASN B 359 -22.36 -21.32 -40.85
N ALA B 360 -21.54 -21.47 -39.81
CA ALA B 360 -20.56 -22.55 -39.77
C ALA B 360 -21.16 -23.97 -39.66
N THR B 361 -22.46 -24.06 -39.33
CA THR B 361 -23.24 -25.30 -39.43
C THR B 361 -24.51 -25.07 -40.28
N HIS B 362 -24.83 -26.03 -41.15
CA HIS B 362 -26.04 -25.97 -42.00
C HIS B 362 -26.82 -27.31 -41.92
N ASN B 363 -27.97 -27.29 -41.24
CA ASN B 363 -28.85 -28.47 -40.99
C ASN B 363 -28.10 -29.65 -40.34
N GLU B 364 -27.36 -29.34 -39.29
CA GLU B 364 -26.47 -30.29 -38.59
C GLU B 364 -25.20 -30.80 -39.35
N GLU B 365 -24.98 -30.35 -40.58
CA GLU B 365 -23.73 -30.62 -41.29
C GLU B 365 -22.77 -29.45 -41.09
N ARG B 366 -21.50 -29.76 -40.89
CA ARG B 366 -20.47 -28.79 -40.57
C ARG B 366 -19.78 -28.18 -41.80
N LEU B 367 -20.21 -26.99 -42.21
CA LEU B 367 -19.58 -26.24 -43.31
C LEU B 367 -18.13 -25.78 -43.04
N ALA B 368 -17.84 -25.30 -41.84
CA ALA B 368 -16.51 -24.71 -41.57
C ALA B 368 -15.31 -25.64 -41.81
N LYS B 369 -15.45 -26.92 -41.49
CA LYS B 369 -14.39 -27.89 -41.76
C LYS B 369 -14.23 -28.23 -43.25
N LEU B 370 -15.21 -27.93 -44.09
CA LEU B 370 -15.11 -28.21 -45.54
C LEU B 370 -14.26 -27.20 -46.35
N VAL B 371 -13.86 -26.08 -45.73
CA VAL B 371 -13.19 -24.97 -46.42
C VAL B 371 -12.03 -24.42 -45.58
N GLU B 372 -11.02 -23.87 -46.25
CA GLU B 372 -9.90 -23.18 -45.60
C GLU B 372 -9.88 -21.68 -45.93
N ILE B 373 -9.34 -20.91 -44.99
CA ILE B 373 -9.13 -19.48 -45.19
C ILE B 373 -8.11 -19.37 -46.31
N GLY B 374 -8.37 -18.47 -47.27
CA GLY B 374 -7.54 -18.35 -48.49
C GLY B 374 -7.96 -19.17 -49.71
N GLN B 375 -8.90 -20.09 -49.52
CA GLN B 375 -9.33 -21.01 -50.55
C GLN B 375 -10.51 -20.43 -51.33
N ASN B 376 -10.42 -20.51 -52.65
CA ASN B 376 -11.50 -20.09 -53.52
C ASN B 376 -12.54 -21.23 -53.66
N VAL B 377 -13.78 -21.02 -53.22
CA VAL B 377 -14.82 -22.07 -53.23
C VAL B 377 -16.18 -21.59 -53.68
N SER B 378 -17.06 -22.53 -53.97
CA SER B 378 -18.48 -22.21 -54.14
C SER B 378 -19.25 -22.94 -53.06
N ILE B 379 -20.20 -22.26 -52.45
CA ILE B 379 -21.04 -22.82 -51.38
C ILE B 379 -22.52 -22.67 -51.78
N GLY B 380 -23.26 -23.79 -51.77
CA GLY B 380 -24.70 -23.84 -52.14
C GLY B 380 -25.43 -25.01 -51.50
N SER B 381 -26.75 -25.06 -51.66
CA SER B 381 -27.57 -26.18 -51.10
C SER B 381 -28.86 -26.36 -51.86
N LEU B 386 -26.12 -29.61 -48.93
CA LEU B 386 -24.90 -28.79 -48.87
C LEU B 386 -23.81 -29.20 -49.88
N ILE B 387 -23.60 -28.36 -50.89
CA ILE B 387 -22.63 -28.60 -51.97
C ILE B 387 -21.49 -27.60 -51.84
N VAL B 388 -20.27 -28.08 -51.56
CA VAL B 388 -19.07 -27.22 -51.58
C VAL B 388 -18.12 -27.72 -52.67
N LYS B 389 -17.70 -26.80 -53.55
CA LYS B 389 -16.75 -27.11 -54.64
C LYS B 389 -15.53 -26.17 -54.59
N SER B 390 -14.35 -26.74 -54.84
CA SER B 390 -13.17 -25.92 -55.07
C SER B 390 -13.22 -25.24 -56.45
N LEU B 391 -12.86 -23.97 -56.48
CA LEU B 391 -12.73 -23.17 -57.68
C LEU B 391 -11.25 -22.84 -57.99
N GLU B 392 -10.33 -23.41 -57.19
CA GLU B 392 -8.89 -23.21 -57.35
C GLU B 392 -8.41 -23.69 -58.72
N TYR B 393 -7.51 -22.91 -59.33
CA TYR B 393 -6.90 -23.28 -60.60
C TYR B 393 -5.51 -22.65 -60.79
N SER B 394 -4.84 -23.04 -61.85
CA SER B 394 -3.61 -22.41 -62.29
C SER B 394 -3.66 -22.22 -63.82
N ALA B 395 -3.57 -20.95 -64.28
CA ALA B 395 -3.48 -20.57 -65.71
C ALA B 395 -2.62 -19.31 -65.95
N GLU C 5 17.79 5.74 -10.36
CA GLU C 5 17.26 4.75 -11.36
C GLU C 5 18.05 4.80 -12.70
N PRO C 6 19.37 4.42 -12.67
CA PRO C 6 20.42 4.63 -13.71
C PRO C 6 20.07 4.69 -15.23
N GLN C 7 19.18 3.82 -15.70
CA GLN C 7 18.90 3.72 -17.15
C GLN C 7 18.05 4.90 -17.70
N GLU C 8 17.14 5.41 -16.87
CA GLU C 8 16.32 6.61 -17.15
C GLU C 8 16.98 7.77 -17.88
N SER C 9 16.33 8.27 -18.94
CA SER C 9 16.73 9.52 -19.57
C SER C 9 16.33 10.68 -18.67
N ASN C 10 16.92 11.85 -18.89
CA ASN C 10 16.61 13.05 -18.09
C ASN C 10 15.12 13.49 -18.17
N ALA C 11 14.55 13.46 -19.37
CA ALA C 11 13.16 13.85 -19.56
C ALA C 11 12.20 13.02 -18.72
N ILE C 12 12.41 11.71 -18.68
CA ILE C 12 11.59 10.82 -17.88
C ILE C 12 11.76 11.03 -16.37
N ARG C 13 12.98 11.29 -15.91
CA ARG C 13 13.19 11.64 -14.49
C ARG C 13 12.46 12.93 -14.17
N ILE C 15 9.79 14.09 -15.68
CA ILE C 15 8.34 13.81 -15.65
C ILE C 15 7.92 13.10 -14.34
N LYS C 16 8.66 12.07 -13.95
CA LYS C 16 8.45 11.41 -12.63
C LYS C 16 8.48 12.39 -11.46
N GLU C 17 9.48 13.27 -11.42
CA GLU C 17 9.53 14.35 -10.41
C GLU C 17 8.28 15.25 -10.44
N ALA C 18 7.78 15.54 -11.64
CA ALA C 18 6.57 16.35 -11.77
C ALA C 18 5.39 15.63 -11.12
N CYS C 19 5.30 14.33 -11.34
CA CYS C 19 4.26 13.52 -10.71
C CYS C 19 4.31 13.62 -9.17
N GLU C 20 5.51 13.53 -8.59
CA GLU C 20 5.70 13.71 -7.14
C GLU C 20 5.16 15.05 -6.67
N LYS C 21 5.51 16.11 -7.39
CA LYS C 21 5.00 17.46 -7.08
C LYS C 21 3.48 17.61 -7.29
N ASN C 22 2.90 16.94 -8.28
CA ASN C 22 1.43 16.90 -8.43
C ASN C 22 0.80 16.21 -7.21
N ARG C 23 1.43 15.14 -6.70
CA ARG C 23 0.98 14.50 -5.45
C ARG C 23 1.14 15.38 -4.20
N ARG C 24 2.19 16.22 -4.19
CA ARG C 24 2.35 17.24 -3.13
C ARG C 24 1.24 18.32 -3.14
N THR C 27 -1.93 17.52 -1.09
CA THR C 27 -1.80 17.49 0.38
C THR C 27 -1.09 18.74 0.92
N ASP C 28 -1.19 19.87 0.22
CA ASP C 28 -0.52 21.12 0.65
C ASP C 28 -1.18 22.31 -0.05
N GLU C 29 -2.10 22.97 0.66
CA GLU C 29 -2.92 24.07 0.10
C GLU C 29 -2.10 25.30 -0.30
N ALA C 30 -1.03 25.60 0.43
CA ALA C 30 -0.17 26.75 0.13
C ALA C 30 0.69 26.56 -1.13
N PHE C 31 1.14 25.34 -1.37
CA PHE C 31 1.91 25.01 -2.57
C PHE C 31 1.02 24.99 -3.83
N ARG C 32 -0.19 24.44 -3.69
CA ARG C 32 -1.21 24.48 -4.76
C ARG C 32 -1.65 25.92 -5.06
N LYS C 33 -1.72 26.78 -4.03
CA LYS C 33 -2.08 28.19 -4.24
C LYS C 33 -0.94 29.01 -4.85
N GLU C 34 0.31 28.63 -4.60
CA GLU C 34 1.48 29.25 -5.27
C GLU C 34 1.49 28.98 -6.79
N VAL C 35 1.33 27.71 -7.14
CA VAL C 35 1.32 27.26 -8.54
C VAL C 35 0.18 27.92 -9.31
N GLU C 36 -1.04 27.87 -8.75
CA GLU C 36 -2.24 28.44 -9.40
C GLU C 36 -2.22 29.97 -9.55
N LYS C 37 -1.58 30.66 -8.61
CA LYS C 37 -1.36 32.11 -8.72
C LYS C 37 -0.55 32.43 -9.97
N ARG C 38 0.56 31.71 -10.16
CA ARG C 38 1.49 32.01 -11.24
C ARG C 38 0.93 31.60 -12.61
N LEU C 39 0.23 30.46 -12.68
CA LEU C 39 -0.42 30.02 -13.92
C LEU C 39 -1.39 31.03 -14.47
N TYR C 40 -2.16 31.66 -13.58
CA TYR C 40 -3.22 32.61 -13.96
C TYR C 40 -2.83 34.09 -13.76
N ALA C 41 -1.56 34.36 -13.46
CA ALA C 41 -1.05 35.73 -13.28
C ALA C 41 -1.39 36.68 -14.44
N GLY C 42 -1.33 36.16 -15.66
CA GLY C 42 -1.45 36.97 -16.84
C GLY C 42 -0.07 37.58 -17.07
N PRO C 43 0.02 38.50 -18.05
CA PRO C 43 1.29 39.17 -18.28
C PRO C 43 1.70 40.01 -17.06
N SER C 44 2.98 40.02 -16.76
CA SER C 44 3.51 40.86 -15.68
C SER C 44 3.38 42.38 -16.01
N PRO C 45 3.57 43.27 -15.01
CA PRO C 45 3.55 44.72 -15.30
C PRO C 45 4.66 45.19 -16.25
N GLU C 46 5.87 44.65 -16.10
CA GLU C 46 6.96 45.00 -17.01
C GLU C 46 6.64 44.57 -18.46
N LEU C 47 6.09 43.35 -18.62
CA LEU C 47 5.65 42.86 -19.91
C LEU C 47 4.45 43.66 -20.48
N LEU C 48 3.47 44.00 -19.66
CA LEU C 48 2.32 44.81 -20.11
C LEU C 48 2.73 46.19 -20.64
N ALA C 49 3.69 46.81 -19.95
CA ALA C 49 4.30 48.08 -20.41
C ALA C 49 4.86 47.95 -21.83
N LYS C 50 5.61 46.86 -22.06
CA LYS C 50 6.22 46.59 -23.38
C LYS C 50 5.14 46.31 -24.45
N LEU C 51 4.12 45.53 -24.09
CA LEU C 51 3.01 45.21 -25.00
C LEU C 51 2.21 46.44 -25.42
N ARG C 52 1.94 47.32 -24.45
CA ARG C 52 1.24 48.59 -24.73
C ARG C 52 1.97 49.49 -25.76
N VAL C 53 3.29 49.60 -25.61
CA VAL C 53 4.10 50.28 -26.63
C VAL C 53 3.96 49.59 -28.00
N LEU C 54 4.14 48.27 -28.05
CA LEU C 54 4.00 47.51 -29.29
C LEU C 54 2.63 47.67 -29.94
N TRP C 55 1.55 47.62 -29.15
CA TRP C 55 0.19 47.70 -29.68
C TRP C 55 -0.15 49.11 -30.20
N ALA C 56 0.14 50.12 -29.38
CA ALA C 56 -0.15 51.52 -29.71
C ALA C 56 0.62 51.98 -30.95
N ALA C 57 1.90 51.63 -31.03
CA ALA C 57 2.75 51.95 -32.19
C ALA C 57 2.33 51.32 -33.51
N ASN C 58 1.48 50.29 -33.48
CA ASN C 58 1.17 49.49 -34.67
C ASN C 58 -0.32 49.38 -34.99
N LYS C 59 -1.13 50.25 -34.36
CA LYS C 59 -2.57 50.30 -34.66
C LYS C 59 -2.83 50.91 -36.04
N GLU C 60 -3.99 50.60 -36.61
CA GLU C 60 -4.37 51.07 -37.96
C GLU C 60 -4.89 52.50 -37.92
N VAL D 2 11.95 37.72 -39.29
CA VAL D 2 11.35 36.39 -39.02
C VAL D 2 9.89 36.39 -39.44
N LYS D 3 9.51 35.45 -40.31
CA LYS D 3 8.14 35.36 -40.79
C LYS D 3 7.46 34.18 -40.11
N LEU D 4 6.13 34.15 -40.20
CA LEU D 4 5.37 33.03 -39.72
C LEU D 4 5.69 31.75 -40.52
N SER D 5 5.58 30.61 -39.84
CA SER D 5 5.86 29.32 -40.45
C SER D 5 4.84 28.98 -41.52
N SER D 6 3.62 29.53 -41.39
CA SER D 6 2.54 29.33 -42.34
C SER D 6 1.58 30.53 -42.37
N ASP D 7 0.60 30.52 -43.28
CA ASP D 7 -0.49 31.52 -43.28
C ASP D 7 -1.53 31.07 -42.27
N ILE D 8 -2.08 32.02 -41.53
CA ILE D 8 -3.03 31.70 -40.45
C ILE D 8 -4.39 31.43 -41.07
N ASN D 9 -4.96 30.26 -40.78
CA ASN D 9 -6.30 29.93 -41.26
C ASN D 9 -7.40 30.71 -40.52
N LEU D 10 -8.31 31.26 -41.31
CA LEU D 10 -9.48 31.93 -40.80
C LEU D 10 -10.53 30.88 -40.46
N ARG D 11 -11.23 31.10 -39.35
CA ARG D 11 -12.49 30.44 -39.05
C ARG D 11 -13.62 31.31 -39.54
N ASP D 12 -14.78 30.69 -39.75
CA ASP D 12 -15.99 31.38 -40.19
C ASP D 12 -16.86 31.68 -38.98
N PHE D 13 -17.00 32.97 -38.69
CA PHE D 13 -17.86 33.45 -37.61
C PHE D 13 -19.22 33.94 -38.12
N GLY D 14 -19.44 33.87 -39.43
CA GLY D 14 -20.74 34.17 -40.03
C GLY D 14 -21.11 35.64 -39.88
N ASN D 15 -22.24 35.91 -39.21
CA ASN D 15 -22.80 37.26 -39.05
C ASN D 15 -22.24 38.02 -37.85
N ASN D 16 -21.49 37.33 -36.98
CA ASN D 16 -20.84 37.99 -35.86
C ASN D 16 -19.68 38.90 -36.35
N GLU D 17 -19.97 40.19 -36.58
CA GLU D 17 -18.95 41.14 -37.06
C GLU D 17 -17.85 41.40 -36.01
N TYR D 18 -18.19 41.31 -34.71
CA TYR D 18 -17.20 41.54 -33.65
C TYR D 18 -16.08 40.53 -33.73
N LEU D 19 -16.41 39.25 -33.64
CA LEU D 19 -15.41 38.16 -33.69
C LEU D 19 -14.65 38.12 -35.02
N SER D 20 -15.31 38.55 -36.06
CA SER D 20 -14.75 38.52 -37.39
C SER D 20 -13.66 39.58 -37.54
N SER D 21 -13.88 40.76 -36.95
CA SER D 21 -12.88 41.83 -36.98
C SER D 21 -11.80 41.60 -35.91
N VAL D 22 -12.15 40.99 -34.79
CA VAL D 22 -11.15 40.48 -33.84
C VAL D 22 -10.19 39.50 -34.50
N GLN D 23 -10.74 38.57 -35.28
CA GLN D 23 -9.95 37.57 -35.99
C GLN D 23 -8.95 38.27 -36.89
N ASP D 24 -9.45 39.18 -37.73
CA ASP D 24 -8.62 39.92 -38.67
C ASP D 24 -7.54 40.71 -37.94
N GLU D 25 -7.89 41.39 -36.86
CA GLU D 25 -6.92 42.16 -36.08
C GLU D 25 -5.81 41.28 -35.48
N ALA D 26 -6.17 40.10 -34.98
CA ALA D 26 -5.20 39.15 -34.42
C ALA D 26 -4.21 38.68 -35.49
N ILE D 27 -4.75 38.28 -36.64
CA ILE D 27 -3.97 37.81 -37.77
C ILE D 27 -3.02 38.90 -38.28
N ARG D 28 -3.52 40.12 -38.45
CA ARG D 28 -2.66 41.22 -38.87
C ARG D 28 -1.47 41.43 -37.89
N PHE D 29 -1.76 41.45 -36.60
CA PHE D 29 -0.73 41.64 -35.56
C PHE D 29 0.28 40.48 -35.58
N ALA D 30 -0.21 39.24 -35.53
CA ALA D 30 0.70 38.07 -35.59
C ALA D 30 1.57 38.02 -36.87
N THR D 31 0.99 38.46 -38.00
CA THR D 31 1.67 38.42 -39.27
C THR D 31 2.73 39.51 -39.42
N GLU D 32 2.42 40.72 -38.94
CA GLU D 32 3.27 41.91 -39.17
C GLU D 32 4.27 42.19 -38.07
N GLN D 33 3.98 41.79 -36.84
CA GLN D 33 4.91 42.00 -35.72
C GLN D 33 5.58 40.75 -35.19
N THR D 34 5.78 39.77 -36.04
CA THR D 34 6.24 38.46 -35.63
C THR D 34 7.55 38.54 -34.85
N ASP D 35 8.48 39.35 -35.33
CA ASP D 35 9.78 39.47 -34.67
C ASP D 35 9.65 39.97 -33.20
N GLU D 36 8.89 41.05 -33.01
CA GLU D 36 8.77 41.66 -31.68
C GLU D 36 7.90 40.80 -30.77
N ILE D 37 6.94 40.07 -31.33
CA ILE D 37 6.12 39.15 -30.53
C ILE D 37 6.96 37.99 -30.01
N LEU D 38 7.79 37.40 -30.84
CA LEU D 38 8.64 36.27 -30.38
C LEU D 38 9.72 36.70 -29.41
N SER D 39 10.18 37.94 -29.54
CA SER D 39 11.18 38.49 -28.63
C SER D 39 10.57 38.80 -27.24
N LEU D 40 9.38 39.39 -27.21
CA LEU D 40 8.66 39.58 -25.94
C LEU D 40 8.32 38.23 -25.27
N TYR D 41 7.87 37.26 -26.07
CA TYR D 41 7.60 35.90 -25.59
C TYR D 41 8.85 35.27 -24.96
N SER D 42 9.96 35.34 -25.69
CA SER D 42 11.23 34.74 -25.23
C SER D 42 11.84 35.44 -24.00
N GLN D 43 12.02 36.76 -24.11
CA GLN D 43 12.81 37.53 -23.14
C GLN D 43 12.04 37.96 -21.89
N HIS D 44 10.71 38.12 -22.00
CA HIS D 44 9.89 38.82 -20.97
C HIS D 44 8.62 38.13 -20.48
N ALA D 45 8.29 36.92 -20.94
CA ALA D 45 7.11 36.21 -20.42
C ALA D 45 7.58 34.97 -19.71
N ASP D 46 6.68 34.36 -18.95
CA ASP D 46 7.00 33.15 -18.19
C ASP D 46 7.15 31.90 -19.12
N THR D 47 8.25 31.84 -19.86
CA THR D 47 8.41 30.86 -20.93
C THR D 47 9.73 30.12 -20.94
N GLU D 48 10.47 30.16 -19.82
CA GLU D 48 11.75 29.50 -19.73
C GLU D 48 12.65 29.97 -20.89
N GLY D 49 12.76 31.28 -21.06
CA GLY D 49 13.51 31.85 -22.16
C GLY D 49 12.91 31.52 -23.53
N GLY D 50 11.61 31.28 -23.57
CA GLY D 50 10.96 30.89 -24.81
C GLY D 50 11.16 29.45 -25.26
N ARG D 51 11.73 28.62 -24.38
CA ARG D 51 11.83 27.15 -24.57
C ARG D 51 10.45 26.47 -24.40
N TYR D 52 9.71 26.89 -23.38
CA TYR D 52 8.34 26.48 -23.12
C TYR D 52 7.42 27.16 -24.15
N VAL D 53 6.87 26.35 -25.04
CA VAL D 53 6.08 26.82 -26.18
C VAL D 53 4.63 26.36 -26.04
N CYS D 54 3.72 27.28 -25.76
CA CYS D 54 2.31 26.97 -25.75
C CYS D 54 1.50 28.11 -26.37
N ALA D 55 0.54 27.75 -27.24
CA ALA D 55 -0.40 28.70 -27.81
C ALA D 55 -1.23 29.50 -26.77
N ASP D 56 -1.56 28.87 -25.65
CA ASP D 56 -2.27 29.56 -24.57
C ASP D 56 -1.47 30.67 -23.92
N THR D 57 -0.15 30.54 -23.91
CA THR D 57 0.68 31.63 -23.41
C THR D 57 0.86 32.72 -24.49
N PHE D 58 0.94 32.35 -25.76
CA PHE D 58 0.99 33.40 -26.82
C PHE D 58 -0.22 34.31 -26.81
N LYS D 59 -1.38 33.79 -26.42
CA LYS D 59 -2.61 34.59 -26.33
C LYS D 59 -2.54 35.83 -25.44
N GLU D 60 -1.72 35.76 -24.41
CA GLU D 60 -1.51 36.87 -23.48
C GLU D 60 -0.83 38.10 -24.09
N LEU D 61 -0.29 37.97 -25.30
CA LEU D 61 0.42 39.05 -25.96
C LEU D 61 -0.43 39.73 -27.02
N PHE D 62 -1.69 39.31 -27.15
CA PHE D 62 -2.66 39.92 -28.09
C PHE D 62 -3.50 40.92 -27.32
N PRO D 63 -3.79 42.11 -27.92
CA PRO D 63 -4.59 43.11 -27.19
C PRO D 63 -6.00 42.62 -26.86
N ALA D 64 -6.62 41.86 -27.77
CA ALA D 64 -7.96 41.36 -27.51
C ALA D 64 -8.07 40.57 -26.20
N PHE D 65 -6.95 39.98 -25.73
CA PHE D 65 -6.94 39.09 -24.58
C PHE D 65 -6.59 39.79 -23.24
N GLU D 66 -6.31 41.09 -23.27
CA GLU D 66 -5.83 41.82 -22.07
C GLU D 66 -6.81 41.77 -20.89
N ASN D 67 -8.08 42.07 -21.16
CA ASN D 67 -9.08 42.13 -20.10
C ASN D 67 -9.70 40.76 -19.84
N LYS D 68 -9.61 40.36 -18.58
CA LYS D 68 -10.19 39.14 -18.07
C LYS D 68 -11.56 38.81 -18.66
N GLU D 69 -12.44 39.80 -18.69
CA GLU D 69 -13.87 39.62 -19.02
C GLU D 69 -14.13 39.14 -20.45
N ASP D 70 -13.21 39.42 -21.36
CA ASP D 70 -13.40 39.19 -22.78
C ASP D 70 -12.69 37.94 -23.33
N ARG D 71 -11.95 37.25 -22.48
CA ARG D 71 -11.10 36.16 -22.92
C ARG D 71 -11.83 34.92 -23.44
N ALA D 72 -12.90 34.54 -22.74
CA ALA D 72 -13.76 33.45 -23.22
C ALA D 72 -14.36 33.80 -24.60
N THR D 73 -14.78 35.05 -24.79
CA THR D 73 -15.40 35.50 -26.06
C THR D 73 -14.42 35.49 -27.26
N VAL D 74 -13.19 35.98 -27.06
CA VAL D 74 -12.24 36.18 -28.17
C VAL D 74 -11.34 34.98 -28.44
N ASN D 75 -11.39 33.96 -27.60
CA ASN D 75 -10.47 32.82 -27.64
C ASN D 75 -10.35 32.12 -28.99
N ASN D 76 -11.47 31.73 -29.56
CA ASN D 76 -11.48 31.07 -30.89
C ASN D 76 -11.08 31.99 -32.02
N ALA D 77 -11.38 33.28 -31.92
CA ALA D 77 -10.99 34.24 -32.97
C ALA D 77 -9.47 34.47 -33.00
N ILE D 78 -8.79 34.34 -31.85
CA ILE D 78 -7.34 34.53 -31.80
C ILE D 78 -6.56 33.21 -31.81
N HIS D 79 -7.24 32.09 -31.55
CA HIS D 79 -6.58 30.80 -31.40
C HIS D 79 -5.55 30.48 -32.49
N ASN D 80 -5.97 30.51 -33.77
CA ASN D 80 -5.09 30.06 -34.86
C ASN D 80 -3.86 30.96 -35.02
N SER D 81 -4.00 32.25 -34.71
CA SER D 81 -2.86 33.17 -34.74
C SER D 81 -1.87 32.79 -33.63
N ALA D 82 -2.38 32.46 -32.45
CA ALA D 82 -1.51 32.02 -31.34
C ALA D 82 -0.82 30.68 -31.65
N ALA D 83 -1.56 29.73 -32.25
CA ALA D 83 -0.99 28.44 -32.62
C ALA D 83 0.11 28.53 -33.70
N VAL D 84 -0.09 29.38 -34.71
CA VAL D 84 0.95 29.57 -35.74
C VAL D 84 2.19 30.30 -35.16
N LEU D 85 1.98 31.27 -34.30
CA LEU D 85 3.10 31.85 -33.57
C LEU D 85 3.83 30.81 -32.71
N SER D 86 3.10 29.82 -32.19
CA SER D 86 3.71 28.72 -31.46
C SER D 86 4.60 27.87 -32.36
N SER D 87 4.07 27.51 -33.54
CA SER D 87 4.85 26.75 -34.49
C SER D 87 6.08 27.52 -34.91
N THR D 88 5.92 28.82 -35.06
CA THR D 88 6.99 29.65 -35.54
C THR D 88 8.07 29.68 -34.51
N GLN D 89 7.69 29.81 -33.24
CA GLN D 89 8.65 29.80 -32.11
C GLN D 89 9.32 28.42 -31.98
N PHE D 90 8.54 27.37 -32.19
CA PHE D 90 9.07 25.99 -32.15
C PHE D 90 10.21 25.92 -33.13
N ASP D 91 9.98 26.38 -34.36
CA ASP D 91 10.99 26.38 -35.42
C ASP D 91 12.22 27.21 -35.08
N GLU D 92 12.03 28.42 -34.55
CA GLU D 92 13.18 29.28 -34.20
C GLU D 92 14.08 28.67 -33.12
N VAL D 93 13.50 27.98 -32.13
CA VAL D 93 14.30 27.31 -31.12
C VAL D 93 15.11 26.17 -31.78
N LEU D 94 14.48 25.42 -32.67
CA LEU D 94 15.15 24.34 -33.38
C LEU D 94 16.32 24.77 -34.25
N LYS D 95 16.29 25.98 -34.79
CA LYS D 95 17.39 26.49 -35.63
C LYS D 95 18.65 26.87 -34.84
N ARG D 96 18.52 27.19 -33.55
CA ARG D 96 19.69 27.48 -32.71
C ARG D 96 20.60 26.24 -32.59
N ASP D 97 21.90 26.42 -32.88
CA ASP D 97 22.89 25.35 -32.76
C ASP D 97 23.32 25.27 -31.29
N GLU D 98 22.92 24.17 -30.65
CA GLU D 98 23.06 23.97 -29.22
C GLU D 98 23.29 22.49 -28.95
N PRO D 99 24.50 21.97 -29.23
CA PRO D 99 24.74 20.52 -29.10
C PRO D 99 24.45 19.93 -27.71
N GLN D 100 24.57 20.74 -26.67
CA GLN D 100 24.15 20.39 -25.32
C GLN D 100 22.67 19.92 -25.21
N LYS D 101 21.77 20.54 -25.96
CA LYS D 101 20.31 20.39 -25.78
C LYS D 101 19.72 19.32 -26.71
N LYS D 102 19.40 18.17 -26.13
CA LYS D 102 19.04 16.98 -26.89
C LYS D 102 17.58 16.52 -26.80
N GLU D 103 16.83 16.98 -25.80
CA GLU D 103 15.50 16.46 -25.54
C GLU D 103 14.34 17.42 -25.92
N VAL D 104 13.30 16.86 -26.52
CA VAL D 104 12.09 17.61 -26.80
C VAL D 104 10.88 16.92 -26.21
N ILE D 105 10.09 17.66 -25.43
CA ILE D 105 8.95 17.12 -24.74
C ILE D 105 7.65 17.78 -25.20
N PHE D 106 6.65 16.94 -25.49
CA PHE D 106 5.29 17.35 -25.87
C PHE D 106 4.37 16.92 -24.72
N VAL D 107 3.53 17.84 -24.25
CA VAL D 107 2.59 17.56 -23.18
C VAL D 107 1.21 17.90 -23.71
N THR D 108 0.27 17.01 -23.48
CA THR D 108 -1.08 17.20 -23.97
C THR D 108 -2.06 16.61 -22.98
N GLY D 109 -3.31 17.05 -23.12
CA GLY D 109 -4.37 16.51 -22.31
C GLY D 109 -5.64 17.29 -22.46
N ILE D 110 -6.70 16.71 -21.93
CA ILE D 110 -8.00 17.37 -21.85
C ILE D 110 -7.86 18.62 -20.97
N PRO D 111 -8.42 19.76 -21.40
CA PRO D 111 -8.44 20.92 -20.50
C PRO D 111 -9.01 20.63 -19.11
N GLY D 112 -8.41 21.27 -18.10
CA GLY D 112 -8.76 21.02 -16.72
C GLY D 112 -8.12 19.80 -16.09
N SER D 113 -7.30 19.04 -16.86
CA SER D 113 -6.58 17.86 -16.35
C SER D 113 -5.26 18.19 -15.64
N GLY D 114 -4.91 19.46 -15.53
CA GLY D 114 -3.63 19.84 -14.90
C GLY D 114 -2.37 19.58 -15.71
N ALA D 115 -2.48 19.56 -17.03
CA ALA D 115 -1.31 19.49 -17.90
C ALA D 115 -0.40 20.69 -17.77
N THR D 116 -0.97 21.90 -17.68
CA THR D 116 -0.17 23.12 -17.51
C THR D 116 0.48 23.20 -16.11
N SER D 117 -0.26 22.81 -15.07
CA SER D 117 0.24 22.76 -13.72
C SER D 117 1.36 21.71 -13.65
N THR D 118 1.18 20.59 -14.35
CA THR D 118 2.22 19.56 -14.40
C THR D 118 3.49 20.09 -15.06
N VAL D 119 3.35 20.84 -16.15
CA VAL D 119 4.51 21.42 -16.82
C VAL D 119 5.24 22.41 -15.89
N LYS D 120 4.49 23.25 -15.18
CA LYS D 120 5.11 24.16 -14.22
C LYS D 120 5.90 23.43 -13.11
N ASN D 121 5.46 22.22 -12.74
CA ASN D 121 6.16 21.37 -11.80
C ASN D 121 7.24 20.48 -12.44
N GLN D 125 15.86 20.69 -17.55
CA GLN D 125 17.19 20.11 -17.47
C GLN D 125 18.09 20.91 -18.39
N ASP D 126 19.39 20.68 -18.28
CA ASP D 126 20.37 21.30 -19.16
C ASP D 126 20.23 20.74 -20.56
N THR D 127 19.72 19.51 -20.66
CA THR D 127 19.52 18.81 -21.93
C THR D 127 18.15 19.02 -22.58
N THR D 128 17.33 19.90 -22.03
CA THR D 128 15.98 20.14 -22.54
C THR D 128 15.97 21.26 -23.58
N LYS D 129 15.75 20.91 -24.85
CA LYS D 129 15.71 21.91 -25.92
C LYS D 129 14.39 22.68 -26.00
N LEU D 130 13.28 21.96 -25.91
CA LEU D 130 11.95 22.50 -26.15
C LEU D 130 10.95 21.73 -25.35
N LEU D 131 9.99 22.43 -24.77
CA LEU D 131 8.80 21.80 -24.25
C LEU D 131 7.59 22.45 -24.95
N PHE D 132 6.84 21.64 -25.72
CA PHE D 132 5.60 22.11 -26.38
C PHE D 132 4.35 21.51 -25.74
N GLU D 133 3.42 22.39 -25.36
CA GLU D 133 2.11 21.95 -24.89
C GLU D 133 1.03 22.37 -25.87
N GLY D 134 0.13 21.43 -26.21
CA GLY D 134 -0.91 21.63 -27.22
C GLY D 134 -1.61 20.32 -27.56
N GLN D 135 -2.76 20.40 -28.24
CA GLN D 135 -3.56 19.20 -28.52
C GLN D 135 -2.87 18.25 -29.48
N LEU D 136 -2.97 16.95 -29.22
CA LEU D 136 -2.49 15.91 -30.16
C LEU D 136 -3.59 14.96 -30.59
N ALA D 137 -4.85 15.28 -30.29
CA ALA D 137 -5.96 14.47 -30.75
C ALA D 137 -6.08 14.47 -32.27
N ARG D 138 -5.81 15.61 -32.91
CA ARG D 138 -5.56 15.71 -34.37
C ARG D 138 -4.07 16.02 -34.61
N PRO D 139 -3.24 14.99 -34.80
CA PRO D 139 -1.78 15.15 -34.75
C PRO D 139 -1.11 15.69 -36.01
N GLN D 140 -1.86 16.15 -37.00
CA GLN D 140 -1.28 16.56 -38.29
C GLN D 140 -0.27 17.71 -38.12
N SER D 141 -0.59 18.71 -37.30
CA SER D 141 0.33 19.80 -37.00
C SER D 141 1.55 19.33 -36.22
N ALA D 142 1.32 18.45 -35.25
CA ALA D 142 2.42 17.88 -34.47
C ALA D 142 3.31 16.91 -35.29
N PHE D 143 2.81 16.39 -36.41
CA PHE D 143 3.64 15.60 -37.33
C PHE D 143 4.81 16.43 -37.88
N ARG D 144 4.56 17.67 -38.28
CA ARG D 144 5.61 18.55 -38.83
C ARG D 144 6.66 18.86 -37.76
N LYS D 145 6.22 19.15 -36.55
CA LYS D 145 7.12 19.34 -35.42
C LYS D 145 7.97 18.11 -35.09
N ILE D 146 7.36 16.93 -34.99
CA ILE D 146 8.10 15.71 -34.63
C ILE D 146 9.16 15.36 -35.68
N GLU D 147 8.77 15.28 -36.94
CA GLU D 147 9.69 15.11 -38.07
C GLU D 147 10.93 16.03 -37.95
N GLN D 148 10.71 17.31 -37.70
CA GLN D 148 11.82 18.25 -37.52
C GLN D 148 12.75 17.85 -36.37
N CYS D 149 12.18 17.41 -35.24
CA CYS D 149 12.99 16.95 -34.12
C CYS D 149 13.87 15.77 -34.53
N LEU D 150 13.24 14.80 -35.20
CA LEU D 150 13.90 13.56 -35.60
C LEU D 150 14.95 13.76 -36.70
N GLU D 151 14.77 14.76 -37.56
CA GLU D 151 15.81 15.13 -38.54
C GLU D 151 17.10 15.69 -37.88
N ARG D 152 16.99 16.26 -36.68
CA ARG D 152 18.14 16.78 -35.93
C ARG D 152 18.60 15.87 -34.79
N ASN D 153 18.20 14.60 -34.82
CA ASN D 153 18.63 13.59 -33.84
C ASN D 153 18.27 13.90 -32.38
N LEU D 154 17.19 14.66 -32.21
CA LEU D 154 16.63 14.96 -30.89
C LEU D 154 15.80 13.77 -30.39
N GLU D 155 15.74 13.60 -29.08
CA GLU D 155 14.94 12.58 -28.44
C GLU D 155 13.59 13.18 -28.08
N VAL D 156 12.52 12.56 -28.57
CA VAL D 156 11.18 13.06 -28.40
C VAL D 156 10.40 12.17 -27.46
N THR D 157 9.79 12.82 -26.47
CA THR D 157 8.93 12.21 -25.47
C THR D 157 7.61 12.96 -25.45
N ILE D 158 6.48 12.23 -25.45
CA ILE D 158 5.13 12.80 -25.41
C ILE D 158 4.52 12.37 -24.10
N VAL D 159 3.82 13.29 -23.44
CA VAL D 159 3.22 13.05 -22.13
C VAL D 159 1.72 13.30 -22.23
N ALA D 160 0.95 12.22 -22.08
CA ALA D 160 -0.49 12.28 -22.10
C ALA D 160 -1.03 12.37 -20.67
N VAL D 161 -1.52 13.54 -20.30
CA VAL D 161 -2.13 13.78 -19.00
C VAL D 161 -3.65 13.56 -19.11
N SER D 162 -4.18 12.76 -18.22
CA SER D 162 -5.57 12.31 -18.32
C SER D 162 -6.31 12.47 -16.99
N ARG D 164 -10.79 12.11 -15.73
CA ARG D 164 -12.19 11.95 -16.17
C ARG D 164 -12.74 13.33 -16.50
N ALA D 165 -13.52 13.38 -17.57
CA ALA D 165 -14.04 14.64 -18.07
C ALA D 165 -14.77 15.46 -16.99
N GLU D 166 -15.61 14.80 -16.20
CA GLU D 166 -16.37 15.47 -15.14
C GLU D 166 -15.48 16.23 -14.16
N ARG D 167 -14.49 15.59 -13.57
CA ARG D 167 -13.61 16.29 -12.64
C ARG D 167 -12.82 17.38 -13.37
N ALA D 168 -12.32 17.09 -14.57
CA ALA D 168 -11.66 18.13 -15.39
C ALA D 168 -12.57 19.35 -15.60
N SER D 169 -13.86 19.10 -15.81
CA SER D 169 -14.84 20.17 -15.98
C SER D 169 -14.86 21.10 -14.78
N ASP D 170 -14.81 20.55 -13.56
CA ASP D 170 -14.78 21.39 -12.36
C ASP D 170 -13.53 22.29 -12.33
N ASN D 171 -12.41 21.78 -12.81
CA ASN D 171 -11.18 22.57 -12.89
C ASN D 171 -11.32 23.69 -13.91
N THR D 172 -12.02 23.43 -15.03
CA THR D 172 -12.25 24.46 -16.03
C THR D 172 -13.14 25.59 -15.49
N TYR D 173 -14.07 25.26 -14.59
CA TYR D 173 -14.88 26.31 -13.93
C TYR D 173 -14.01 27.24 -13.10
N LYS D 174 -13.13 26.67 -12.28
CA LYS D 174 -12.28 27.47 -11.38
C LYS D 174 -11.39 28.41 -12.18
N ARG D 175 -10.84 27.89 -13.27
CA ARG D 175 -10.00 28.66 -14.15
C ARG D 175 -10.80 29.78 -14.82
N PHE D 176 -12.02 29.48 -15.26
CA PHE D 176 -12.89 30.52 -15.83
C PHE D 176 -13.13 31.67 -14.85
N ASN D 177 -13.42 31.32 -13.60
CA ASN D 177 -13.72 32.33 -12.59
C ASN D 177 -12.52 33.17 -12.17
N GLU D 178 -11.35 32.54 -12.04
CA GLU D 178 -10.12 33.25 -11.66
C GLU D 178 -9.49 34.00 -12.83
N TYR D 179 -9.34 33.33 -13.97
CA TYR D 179 -8.55 33.81 -15.11
C TYR D 179 -9.38 34.31 -16.32
N GLY D 180 -10.62 33.87 -16.45
CA GLY D 180 -11.50 34.30 -17.56
C GLY D 180 -11.62 33.39 -18.79
N ARG D 181 -10.85 32.30 -18.84
CA ARG D 181 -10.97 31.29 -19.92
C ARG D 181 -11.16 29.92 -19.31
N GLY D 182 -12.19 29.22 -19.76
CA GLY D 182 -12.45 27.86 -19.32
C GLY D 182 -12.20 26.95 -20.51
N ALA D 183 -13.23 26.21 -20.91
CA ALA D 183 -13.15 25.30 -22.00
C ALA D 183 -14.54 24.87 -22.39
N SER D 184 -14.80 24.83 -23.70
CA SER D 184 -16.08 24.34 -24.19
C SER D 184 -16.18 22.82 -24.01
N ILE D 185 -17.39 22.32 -23.85
CA ILE D 185 -17.57 20.88 -23.75
C ILE D 185 -17.28 20.15 -25.09
N GLY D 186 -17.58 20.79 -26.22
CA GLY D 186 -17.25 20.21 -27.53
C GLY D 186 -15.76 19.96 -27.72
N ILE D 187 -14.93 20.91 -27.31
CA ILE D 187 -13.48 20.69 -27.39
C ILE D 187 -12.98 19.65 -26.36
N ALA D 189 -14.78 17.03 -25.14
CA ALA D 189 -15.22 15.70 -25.61
C ALA D 189 -14.40 15.20 -26.80
N ASP D 190 -14.12 16.13 -27.73
CA ASP D 190 -13.28 15.87 -28.88
C ASP D 190 -11.90 15.33 -28.44
N ILE D 191 -11.28 16.06 -27.51
CA ILE D 191 -9.92 15.76 -27.11
C ILE D 191 -9.86 14.45 -26.35
N GLN D 192 -10.72 14.25 -25.36
CA GLN D 192 -10.66 13.00 -24.59
C GLN D 192 -11.03 11.76 -25.42
N ALA D 193 -11.86 11.90 -26.44
CA ALA D 193 -12.27 10.76 -27.28
C ALA D 193 -11.24 10.43 -28.34
N ASN D 194 -10.56 11.44 -28.85
CA ASN D 194 -9.64 11.26 -29.96
C ASN D 194 -8.16 11.24 -29.61
N LEU D 195 -7.81 11.52 -28.36
CA LEU D 195 -6.41 11.49 -27.98
C LEU D 195 -5.76 10.14 -28.27
N PRO D 196 -6.37 9.01 -27.83
CA PRO D 196 -5.78 7.69 -28.13
C PRO D 196 -5.47 7.48 -29.61
N ASP D 197 -6.39 7.91 -30.48
CA ASP D 197 -6.21 7.76 -31.91
C ASP D 197 -5.02 8.57 -32.45
N GLY D 198 -4.90 9.83 -32.02
CA GLY D 198 -3.78 10.67 -32.46
C GLY D 198 -2.45 10.14 -31.98
N LEU D 199 -2.41 9.71 -30.72
CA LEU D 199 -1.23 9.01 -30.18
C LEU D 199 -0.89 7.75 -31.02
N LYS D 200 -1.93 6.99 -31.41
CA LYS D 200 -1.78 5.81 -32.30
C LYS D 200 -1.20 6.22 -33.64
N GLN D 201 -1.74 7.29 -34.22
CA GLN D 201 -1.22 7.79 -35.49
C GLN D 201 0.26 8.26 -35.39
N ILE D 202 0.64 8.82 -34.23
CA ILE D 202 2.02 9.26 -33.99
C ILE D 202 2.94 8.06 -33.94
N ARG D 203 2.55 7.01 -33.24
CA ARG D 203 3.37 5.80 -33.18
C ARG D 203 3.49 5.15 -34.57
N ASP D 204 2.36 4.97 -35.24
CA ASP D 204 2.36 4.32 -36.54
C ASP D 204 3.19 5.10 -37.56
N LYS D 205 3.27 6.41 -37.45
CA LYS D 205 4.11 7.19 -38.37
C LYS D 205 5.62 7.19 -38.07
N PHE D 206 5.99 7.04 -36.78
CA PHE D 206 7.39 7.25 -36.29
C PHE D 206 8.06 6.09 -35.55
N GLY D 207 7.27 5.26 -34.87
CA GLY D 207 7.77 4.06 -34.23
C GLY D 207 8.41 4.41 -32.91
N ASP D 208 9.23 3.51 -32.38
CA ASP D 208 9.85 3.67 -31.06
C ASP D 208 10.79 4.87 -30.87
N ALA D 209 11.17 5.55 -31.95
CA ALA D 209 11.91 6.82 -31.84
C ALA D 209 11.18 7.86 -30.96
N VAL D 210 9.85 7.80 -30.92
CA VAL D 210 9.05 8.65 -30.08
C VAL D 210 8.46 7.87 -28.88
N LYS D 211 8.97 8.20 -27.70
CA LYS D 211 8.54 7.61 -26.46
C LYS D 211 7.26 8.30 -26.03
N ILE D 212 6.26 7.51 -25.61
CA ILE D 212 4.93 8.01 -25.32
C ILE D 212 4.55 7.53 -23.92
N VAL D 213 4.30 8.46 -23.02
CA VAL D 213 4.04 8.14 -21.61
C VAL D 213 2.80 8.86 -21.11
N GLY D 214 2.35 8.52 -19.90
CA GLY D 214 1.07 8.97 -19.36
C GLY D 214 1.14 9.43 -17.92
N ILE D 215 0.25 10.35 -17.55
CA ILE D 215 0.03 10.70 -16.15
C ILE D 215 -1.47 10.57 -15.85
N ASN D 216 -1.83 9.59 -15.01
CA ASN D 216 -3.23 9.33 -14.69
C ASN D 216 -3.53 10.14 -13.46
N GLN D 217 -4.18 11.28 -13.65
CA GLN D 217 -4.47 12.20 -12.55
C GLN D 217 -5.51 11.63 -11.60
N ASP D 218 -6.40 10.77 -12.10
CA ASP D 218 -7.40 10.07 -11.27
C ASP D 218 -6.80 9.13 -10.21
N ARG D 219 -5.66 8.48 -10.53
CA ARG D 219 -4.93 7.62 -9.58
C ARG D 219 -3.68 8.30 -9.04
N ASN D 220 -3.87 9.48 -8.47
CA ASN D 220 -2.81 10.30 -7.84
C ASN D 220 -1.59 10.55 -8.70
N SER D 221 -1.85 11.06 -9.91
CA SER D 221 -0.80 11.50 -10.84
C SER D 221 0.23 10.41 -11.11
N GLU D 222 -0.25 9.16 -11.25
CA GLU D 222 0.61 8.00 -11.47
C GLU D 222 1.25 8.08 -12.85
N PHE D 223 2.53 7.71 -12.93
CA PHE D 223 3.27 7.68 -14.18
C PHE D 223 3.06 6.34 -14.90
N ILE D 224 2.81 6.39 -16.22
CA ILE D 224 2.58 5.20 -17.03
C ILE D 224 3.62 5.10 -18.15
N ASP D 225 4.48 4.09 -18.10
CA ASP D 225 5.68 4.00 -18.95
C ASP D 225 5.42 3.40 -20.32
N LYS D 226 4.58 2.37 -20.40
CA LYS D 226 4.42 1.60 -21.65
C LYS D 226 3.22 2.06 -22.48
N PHE D 227 3.46 2.27 -23.77
CA PHE D 227 2.48 2.81 -24.71
C PHE D 227 1.13 2.09 -24.65
N ASP D 228 1.14 0.77 -24.62
CA ASP D 228 -0.12 -0.01 -24.52
C ASP D 228 -0.94 0.33 -23.28
N ASP D 229 -0.28 0.54 -22.15
CA ASP D 229 -0.99 0.98 -20.93
C ASP D 229 -1.51 2.41 -21.03
N VAL D 230 -0.79 3.26 -21.77
CA VAL D 230 -1.22 4.65 -22.02
C VAL D 230 -2.57 4.66 -22.79
N ILE D 231 -2.68 3.83 -23.82
CA ILE D 231 -3.92 3.72 -24.62
C ILE D 231 -5.09 3.23 -23.76
N LYS D 232 -4.80 2.41 -22.75
CA LYS D 232 -5.81 1.84 -21.86
C LYS D 232 -6.37 2.88 -20.89
N LEU D 234 -6.47 6.10 -21.24
CA LEU D 234 -7.18 7.16 -22.00
C LEU D 234 -8.53 6.73 -22.61
N SER D 235 -8.85 5.44 -22.58
CA SER D 235 -10.11 4.92 -23.12
C SER D 235 -11.27 5.16 -22.15
N LEU D 236 -11.89 6.34 -22.28
CA LEU D 236 -12.88 6.83 -21.34
C LEU D 236 -14.22 7.17 -22.02
N GLY D 237 -14.45 6.56 -23.18
CA GLY D 237 -15.73 6.64 -23.86
C GLY D 237 -15.60 7.17 -25.27
N SER D 238 -16.71 7.10 -26.01
CA SER D 238 -16.82 7.78 -27.31
C SER D 238 -17.11 9.26 -27.12
N GLN D 239 -16.87 10.00 -28.20
CA GLN D 239 -17.20 11.41 -28.24
C GLN D 239 -18.67 11.67 -27.94
N GLU D 240 -19.56 10.83 -28.45
CA GLU D 240 -21.01 10.85 -28.11
C GLU D 240 -21.20 10.81 -26.61
N GLN D 241 -20.62 9.78 -25.99
CA GLN D 241 -20.84 9.51 -24.57
C GLN D 241 -20.33 10.66 -23.73
N ILE D 242 -19.08 11.05 -23.95
CA ILE D 242 -18.47 12.10 -23.14
C ILE D 242 -19.25 13.44 -23.30
N LEU D 243 -19.60 13.77 -24.55
CA LEU D 243 -20.36 15.00 -24.83
C LEU D 243 -21.72 15.03 -24.14
N GLY D 244 -22.45 13.92 -24.21
CA GLY D 244 -23.71 13.75 -23.45
C GLY D 244 -23.56 13.88 -21.93
N ARG D 245 -22.51 13.33 -21.35
CA ARG D 245 -22.29 13.46 -19.91
C ARG D 245 -21.92 14.89 -19.55
N LEU D 246 -21.10 15.53 -20.39
CA LEU D 246 -20.69 16.90 -20.16
C LEU D 246 -21.86 17.89 -20.31
N ALA D 247 -22.69 17.67 -21.33
CA ALA D 247 -23.89 18.49 -21.56
C ALA D 247 -24.84 18.45 -20.37
N GLU D 248 -25.09 17.23 -19.87
CA GLU D 248 -25.96 17.04 -18.69
C GLU D 248 -25.36 17.64 -17.45
N LYS D 249 -24.05 17.51 -17.32
CA LYS D 249 -23.37 18.03 -16.14
C LYS D 249 -23.43 19.56 -16.09
N ILE D 250 -23.11 20.24 -17.19
CA ILE D 250 -23.10 21.71 -17.16
C ILE D 250 -24.51 22.28 -17.01
N GLN D 251 -25.51 21.56 -17.53
CA GLN D 251 -26.90 22.01 -17.40
C GLN D 251 -27.40 21.86 -15.97
N SER D 252 -27.12 20.72 -15.33
CA SER D 252 -27.45 20.51 -13.89
C SER D 252 -26.76 21.53 -13.00
N ASP D 253 -25.48 21.77 -13.24
CA ASP D 253 -24.69 22.69 -12.40
C ASP D 253 -25.20 24.13 -12.46
N PHE D 254 -25.70 24.54 -13.63
CA PHE D 254 -26.31 25.85 -13.78
C PHE D 254 -27.67 25.89 -13.09
N ASP D 255 -28.54 24.94 -13.42
CA ASP D 255 -29.88 24.82 -12.83
C ASP D 255 -29.89 24.78 -11.28
N SER D 256 -28.84 24.20 -10.69
CA SER D 256 -28.65 24.13 -9.23
C SER D 256 -27.80 25.27 -8.63
N GLY D 257 -27.34 26.21 -9.47
CA GLY D 257 -26.51 27.34 -9.02
C GLY D 257 -25.12 26.98 -8.54
N LYS D 258 -24.51 25.95 -9.11
CA LYS D 258 -23.07 25.75 -8.90
C LYS D 258 -22.24 26.69 -9.79
N ILE D 259 -22.73 26.97 -10.99
CA ILE D 259 -22.01 27.85 -11.93
C ILE D 259 -22.90 28.98 -12.38
N SER D 260 -22.27 30.10 -12.76
CA SER D 260 -22.97 31.28 -13.25
C SER D 260 -23.40 31.08 -14.70
N ARG D 261 -24.23 31.97 -15.22
CA ARG D 261 -24.66 31.92 -16.62
C ARG D 261 -23.48 32.09 -17.57
N GLU D 262 -22.55 32.99 -17.24
CA GLU D 262 -21.36 33.23 -18.08
C GLU D 262 -20.51 31.97 -18.15
N CYS D 263 -20.30 31.38 -16.99
CA CYS D 263 -19.61 30.13 -16.88
C CYS D 263 -20.29 28.99 -17.65
N PHE D 264 -21.61 28.88 -17.55
CA PHE D 264 -22.39 27.92 -18.33
C PHE D 264 -22.25 28.16 -19.83
N ASN D 265 -22.32 29.44 -20.25
CA ASN D 265 -22.22 29.80 -21.68
C ASN D 265 -20.85 29.50 -22.30
N GLN D 266 -19.75 29.77 -21.58
CA GLN D 266 -18.42 29.46 -22.11
C GLN D 266 -18.20 27.94 -22.26
N ALA D 267 -18.60 27.18 -21.25
CA ALA D 267 -18.63 25.70 -21.33
C ALA D 267 -19.50 25.15 -22.48
N LYS D 268 -20.65 25.76 -22.68
CA LYS D 268 -21.57 25.37 -23.76
C LYS D 268 -20.97 25.65 -25.14
N GLY D 269 -20.32 26.80 -25.27
CA GLY D 269 -19.74 27.20 -26.54
C GLY D 269 -20.84 27.28 -27.55
N SER D 270 -20.61 26.71 -28.71
CA SER D 270 -21.54 26.78 -29.84
C SER D 270 -22.41 25.52 -29.98
N ASP D 272 -25.42 23.04 -29.68
CA ASP D 272 -26.86 22.95 -29.44
C ASP D 272 -27.14 21.80 -28.45
N LEU D 273 -27.46 22.16 -27.21
CA LEU D 273 -27.64 21.20 -26.14
C LEU D 273 -28.86 20.30 -26.38
N GLU D 274 -29.92 20.90 -26.94
CA GLU D 274 -31.12 20.16 -27.33
C GLU D 274 -30.81 18.95 -28.23
N SER D 275 -29.92 19.20 -29.20
CA SER D 275 -29.50 18.16 -30.15
C SER D 275 -28.74 17.01 -29.48
N VAL D 276 -27.98 17.31 -28.42
CA VAL D 276 -27.24 16.33 -27.63
C VAL D 276 -28.20 15.58 -26.71
N PHE D 277 -29.07 16.31 -26.03
CA PHE D 277 -30.06 15.66 -25.17
C PHE D 277 -30.92 14.72 -26.00
N ALA D 278 -31.30 15.10 -27.22
CA ALA D 278 -32.12 14.22 -28.09
C ALA D 278 -31.49 12.86 -28.39
N LYS D 279 -30.15 12.78 -28.38
CA LYS D 279 -29.43 11.54 -28.63
C LYS D 279 -29.32 10.61 -27.44
N LYS D 280 -29.66 11.09 -26.24
CA LYS D 280 -29.59 10.24 -25.04
C LYS D 280 -30.56 9.03 -25.13
N GLU D 281 -30.07 7.88 -24.71
CA GLU D 281 -30.74 6.60 -24.89
C GLU D 281 -31.23 6.19 -23.51
N TYR D 282 -32.46 5.69 -23.45
CA TYR D 282 -33.06 5.22 -22.19
C TYR D 282 -33.55 3.75 -22.26
N SER D 283 -32.98 2.94 -23.13
CA SER D 283 -33.59 1.63 -23.44
C SER D 283 -33.56 0.64 -22.27
N GLN D 284 -32.55 0.77 -21.39
CA GLN D 284 -32.40 -0.13 -20.24
C GLN D 284 -33.01 0.44 -18.95
N GLN D 285 -33.96 1.38 -19.07
CA GLN D 285 -34.42 2.20 -17.96
C GLN D 285 -35.95 2.31 -17.85
N ARG D 286 -36.41 2.32 -16.61
CA ARG D 286 -37.83 2.49 -16.31
C ARG D 286 -38.05 3.36 -15.08
N VAL D 287 -39.27 3.87 -14.96
CA VAL D 287 -39.71 4.64 -13.80
C VAL D 287 -40.89 3.87 -13.18
N VAL D 288 -40.80 3.63 -11.89
CA VAL D 288 -41.88 3.05 -11.11
C VAL D 288 -42.43 4.16 -10.25
N THR D 289 -43.70 4.50 -10.42
CA THR D 289 -44.39 5.48 -9.58
C THR D 289 -45.29 4.79 -8.57
N ASN D 290 -45.43 5.43 -7.41
CA ASN D 290 -46.37 5.02 -6.39
C ASN D 290 -46.69 6.25 -5.51
N SER D 291 -47.43 6.05 -4.43
CA SER D 291 -47.92 7.16 -3.59
C SER D 291 -46.83 7.88 -2.78
N LYS D 292 -45.63 7.31 -2.67
CA LYS D 292 -44.48 7.96 -2.00
C LYS D 292 -43.63 8.80 -2.98
N GLY D 293 -43.68 8.43 -4.28
CA GLY D 293 -42.97 9.14 -5.36
C GLY D 293 -42.60 8.26 -6.55
N VAL D 294 -41.47 8.58 -7.19
CA VAL D 294 -40.96 7.86 -8.36
C VAL D 294 -39.57 7.33 -8.10
N THR D 295 -39.25 6.22 -8.74
CA THR D 295 -37.99 5.53 -8.55
C THR D 295 -37.44 5.20 -9.93
N LEU D 296 -36.21 5.63 -10.23
CA LEU D 296 -35.57 5.32 -11.53
C LEU D 296 -34.78 4.06 -11.35
N GLU D 297 -34.99 3.11 -12.26
CA GLU D 297 -34.34 1.81 -12.19
C GLU D 297 -33.62 1.51 -13.51
N THR D 298 -32.52 0.76 -13.45
CA THR D 298 -31.86 0.25 -14.67
C THR D 298 -31.77 -1.29 -14.71
N LYS D 299 -31.89 -1.83 -15.93
CA LYS D 299 -31.78 -3.26 -16.18
C LYS D 299 -30.31 -3.63 -16.42
N SER D 300 -29.83 -4.73 -15.81
CA SER D 300 -28.57 -5.39 -16.20
C SER D 300 -28.84 -6.35 -17.37
N ALA D 301 -27.79 -6.90 -17.97
CA ALA D 301 -27.95 -7.77 -19.16
C ALA D 301 -28.80 -9.03 -18.89
N ASN D 302 -28.80 -9.53 -17.65
CA ASN D 302 -29.62 -10.69 -17.26
C ASN D 302 -31.02 -10.34 -16.70
N GLU D 303 -31.59 -9.18 -17.08
CA GLU D 303 -32.99 -8.83 -16.77
C GLU D 303 -33.30 -8.53 -15.29
N LEU D 304 -32.30 -8.13 -14.51
CA LEU D 304 -32.54 -7.64 -13.13
C LEU D 304 -32.59 -6.12 -13.08
N TRP D 305 -33.70 -5.62 -12.55
CA TRP D 305 -33.91 -4.21 -12.28
C TRP D 305 -33.32 -3.81 -10.92
N SER D 306 -32.64 -2.66 -10.84
CA SER D 306 -32.16 -2.15 -9.55
C SER D 306 -32.22 -0.62 -9.47
N LYS D 307 -32.31 -0.13 -8.23
CA LYS D 307 -32.61 1.28 -7.98
C LYS D 307 -31.43 2.16 -8.30
N VAL D 308 -31.70 3.28 -8.98
CA VAL D 308 -30.71 4.32 -9.27
C VAL D 308 -30.97 5.59 -8.43
N GLU D 309 -32.23 6.01 -8.38
CA GLU D 309 -32.62 7.28 -7.74
C GLU D 309 -34.10 7.21 -7.33
N GLN D 310 -34.44 7.84 -6.19
CA GLN D 310 -35.82 7.99 -5.71
C GLN D 310 -36.09 9.47 -5.45
N ILE D 311 -37.18 10.00 -6.02
CA ILE D 311 -37.61 11.38 -5.83
C ILE D 311 -38.96 11.41 -5.07
N PRO D 312 -39.01 11.96 -3.84
CA PRO D 312 -40.32 12.02 -3.13
C PRO D 312 -41.35 12.95 -3.81
N VAL D 313 -42.55 12.41 -4.05
CA VAL D 313 -43.67 13.14 -4.61
C VAL D 313 -44.94 12.60 -3.98
N THR D 314 -45.92 13.48 -3.79
CA THR D 314 -47.24 13.13 -3.26
C THR D 314 -48.27 13.20 -4.38
N GLY D 315 -49.27 12.34 -4.33
CA GLY D 315 -50.44 12.43 -5.20
C GLY D 315 -50.41 11.64 -6.48
N LYS D 317 -50.28 7.92 -8.64
CA LYS D 317 -50.79 6.57 -8.54
C LYS D 317 -49.71 5.58 -8.96
N ALA D 318 -50.01 4.29 -8.80
CA ALA D 318 -49.03 3.23 -9.05
C ALA D 318 -48.89 3.04 -10.54
N GLY D 319 -47.65 2.93 -11.02
CA GLY D 319 -47.36 2.74 -12.46
C GLY D 319 -45.93 2.34 -12.78
N ILE D 320 -45.74 1.67 -13.93
CA ILE D 320 -44.44 1.24 -14.43
C ILE D 320 -44.30 1.74 -15.87
N TYR D 321 -43.32 2.62 -16.11
CA TYR D 321 -43.14 3.27 -17.43
C TYR D 321 -41.76 2.94 -17.98
N LEU D 322 -41.73 2.25 -19.12
CA LEU D 322 -40.49 1.92 -19.82
C LEU D 322 -40.01 3.15 -20.59
N LEU D 323 -38.95 3.80 -20.12
CA LEU D 323 -38.52 5.08 -20.69
C LEU D 323 -38.09 5.03 -22.17
N GLY D 324 -37.46 3.93 -22.57
CA GLY D 324 -37.01 3.75 -23.95
C GLY D 324 -38.08 3.56 -25.00
N GLN D 325 -39.32 3.25 -24.58
CA GLN D 325 -40.49 3.08 -25.47
C GLN D 325 -41.30 4.35 -25.68
N ALA D 326 -40.91 5.47 -25.04
CA ALA D 326 -41.67 6.72 -25.15
C ALA D 326 -41.71 7.24 -26.59
N LYS D 327 -42.78 7.89 -27.00
CA LYS D 327 -42.81 8.50 -28.33
C LYS D 327 -42.16 9.86 -28.25
N LYS D 328 -41.36 10.20 -29.27
CA LYS D 328 -40.79 11.53 -29.37
C LYS D 328 -41.91 12.54 -29.63
N ALA D 329 -41.93 13.62 -28.88
CA ALA D 329 -42.84 14.74 -29.11
C ALA D 329 -42.59 15.35 -30.49
N GLU D 330 -43.67 15.52 -31.27
CA GLU D 330 -43.60 16.18 -32.58
C GLU D 330 -43.84 17.66 -32.35
N THR D 331 -43.24 18.47 -33.23
CA THR D 331 -43.24 19.92 -33.06
C THR D 331 -44.58 20.51 -33.49
N GLY D 332 -44.96 21.60 -32.82
CA GLY D 332 -46.25 22.27 -33.04
C GLY D 332 -47.50 21.48 -32.69
N GLN D 333 -47.37 20.50 -31.80
CA GLN D 333 -48.51 19.71 -31.33
C GLN D 333 -48.56 19.80 -29.81
N THR D 334 -49.78 19.80 -29.25
CA THR D 334 -49.99 19.93 -27.81
C THR D 334 -50.17 18.56 -27.17
N TYR D 335 -49.40 18.30 -26.11
CA TYR D 335 -49.47 17.04 -25.35
C TYR D 335 -49.91 17.35 -23.94
N SER D 336 -50.87 16.58 -23.43
CA SER D 336 -51.54 16.86 -22.15
C SER D 336 -51.38 15.66 -21.25
N GLY D 337 -51.17 15.90 -19.95
CA GLY D 337 -51.05 14.81 -18.97
C GLY D 337 -49.95 14.99 -17.94
N GLU D 338 -49.83 14.01 -17.06
CA GLU D 338 -49.01 14.11 -15.87
C GLU D 338 -47.50 13.86 -16.15
N ILE D 339 -46.65 14.70 -15.55
CA ILE D 339 -45.18 14.48 -15.62
C ILE D 339 -44.81 13.36 -14.66
N ILE D 340 -44.23 12.27 -15.19
CA ILE D 340 -43.84 11.11 -14.38
C ILE D 340 -42.36 11.04 -14.06
N TYR D 341 -41.53 11.71 -14.86
CA TYR D 341 -40.10 11.81 -14.60
C TYR D 341 -39.48 12.92 -15.41
N LYS D 342 -38.42 13.47 -14.84
CA LYS D 342 -37.67 14.56 -15.41
C LYS D 342 -36.17 14.40 -15.03
N ASP D 343 -35.27 14.65 -15.98
CA ASP D 343 -33.82 14.77 -15.68
C ASP D 343 -33.21 15.94 -16.49
N ALA D 344 -31.87 16.06 -16.51
CA ALA D 344 -31.19 17.10 -17.28
C ALA D 344 -31.51 17.12 -18.78
N ALA D 345 -31.80 15.96 -19.35
CA ALA D 345 -31.96 15.81 -20.79
C ALA D 345 -33.38 15.62 -21.29
N ALA D 346 -34.30 15.21 -20.42
CA ALA D 346 -35.67 14.85 -20.91
C ALA D 346 -36.77 15.04 -19.88
N VAL D 347 -37.98 15.18 -20.41
CA VAL D 347 -39.20 15.28 -19.61
C VAL D 347 -40.17 14.23 -20.15
N PHE D 348 -40.60 13.32 -19.28
CA PHE D 348 -41.49 12.22 -19.67
C PHE D 348 -42.87 12.44 -19.12
N GLN D 349 -43.84 12.39 -20.03
CA GLN D 349 -45.20 12.79 -19.76
C GLN D 349 -46.15 11.66 -20.19
N LYS D 350 -47.13 11.35 -19.33
CA LYS D 350 -48.14 10.33 -19.60
C LYS D 350 -49.37 10.95 -20.23
N THR D 351 -49.63 10.64 -21.49
CA THR D 351 -50.82 11.13 -22.21
C THR D 351 -51.82 10.00 -22.44
N LYS D 352 -52.98 10.36 -22.98
CA LYS D 352 -53.99 9.37 -23.43
C LYS D 352 -53.44 8.38 -24.47
N ASN D 353 -52.52 8.82 -25.32
CA ASN D 353 -51.87 7.97 -26.33
C ASN D 353 -50.49 7.42 -25.92
N GLY D 354 -50.29 7.14 -24.63
CA GLY D 354 -49.02 6.57 -24.14
C GLY D 354 -47.96 7.58 -23.72
N LEU D 355 -46.77 7.07 -23.42
CA LEU D 355 -45.70 7.89 -22.85
C LEU D 355 -45.04 8.74 -23.94
N VAL D 356 -44.89 10.03 -23.67
CA VAL D 356 -44.26 10.99 -24.58
C VAL D 356 -42.99 11.54 -23.94
N ARG D 357 -41.94 11.67 -24.74
CA ARG D 357 -40.68 12.27 -24.31
C ARG D 357 -40.49 13.63 -24.95
N HIS D 358 -40.17 14.61 -24.12
CA HIS D 358 -39.88 15.97 -24.57
C HIS D 358 -38.43 16.29 -24.26
N ASN D 359 -37.72 16.94 -25.18
CA ASN D 359 -36.38 17.45 -24.88
C ASN D 359 -36.50 18.45 -23.74
N ALA D 360 -35.62 18.36 -22.76
CA ALA D 360 -35.67 19.27 -21.61
C ALA D 360 -35.33 20.72 -22.00
N THR D 361 -34.68 20.90 -23.15
CA THR D 361 -34.44 22.21 -23.74
C THR D 361 -35.13 22.24 -25.11
N HIS D 362 -35.67 23.40 -25.46
CA HIS D 362 -36.38 23.61 -26.72
C HIS D 362 -36.03 25.01 -27.26
N ASN D 363 -35.24 25.03 -28.34
CA ASN D 363 -34.75 26.27 -28.97
C ASN D 363 -34.12 27.23 -27.96
N GLU D 364 -33.19 26.68 -27.19
CA GLU D 364 -32.47 27.38 -26.10
C GLU D 364 -33.31 27.88 -24.90
N GLU D 365 -34.63 27.65 -24.90
CA GLU D 365 -35.48 27.88 -23.73
C GLU D 365 -35.69 26.54 -23.03
N ARG D 366 -35.73 26.58 -21.71
CA ARG D 366 -35.57 25.39 -20.88
C ARG D 366 -36.94 24.86 -20.41
N LEU D 367 -37.41 23.77 -21.00
CA LEU D 367 -38.71 23.18 -20.63
C LEU D 367 -38.76 22.58 -19.22
N ALA D 368 -37.67 21.96 -18.79
CA ALA D 368 -37.68 21.19 -17.53
C ALA D 368 -38.01 21.97 -16.25
N LYS D 369 -37.51 23.19 -16.14
CA LYS D 369 -37.79 24.05 -14.98
C LYS D 369 -39.25 24.53 -14.92
N LEU D 370 -39.98 24.45 -16.04
CA LEU D 370 -41.36 24.90 -16.10
C LEU D 370 -42.39 23.89 -15.55
N VAL D 371 -42.00 22.62 -15.41
CA VAL D 371 -42.89 21.56 -14.92
C VAL D 371 -42.29 20.80 -13.73
N GLU D 372 -43.16 20.18 -12.95
CA GLU D 372 -42.78 19.30 -11.84
C GLU D 372 -43.25 17.89 -12.07
N ILE D 373 -42.56 16.94 -11.45
CA ILE D 373 -42.94 15.56 -11.48
C ILE D 373 -44.22 15.49 -10.65
N GLY D 374 -45.22 14.77 -11.17
CA GLY D 374 -46.56 14.72 -10.56
C GLY D 374 -47.56 15.77 -11.02
N GLN D 375 -47.11 16.75 -11.79
CA GLN D 375 -47.96 17.85 -12.25
C GLN D 375 -48.65 17.53 -13.60
N ASN D 376 -49.94 17.80 -13.67
CA ASN D 376 -50.69 17.61 -14.90
C ASN D 376 -50.57 18.90 -15.71
N VAL D 377 -50.06 18.79 -16.94
CA VAL D 377 -49.77 19.97 -17.76
C VAL D 377 -50.03 19.73 -19.22
N SER D 378 -50.19 20.81 -19.97
CA SER D 378 -50.15 20.76 -21.44
C SER D 378 -48.87 21.44 -21.94
N ILE D 379 -48.19 20.78 -22.88
CA ILE D 379 -46.96 21.26 -23.48
C ILE D 379 -47.16 21.29 -25.03
N GLY D 380 -47.13 22.49 -25.59
CA GLY D 380 -47.31 22.66 -27.02
C GLY D 380 -46.52 23.87 -27.47
N SER D 381 -46.22 23.94 -28.75
CA SER D 381 -45.46 25.09 -29.21
C SER D 381 -46.02 25.88 -30.39
N ASN D 382 -46.23 27.17 -30.17
CA ASN D 382 -46.60 28.08 -31.25
C ASN D 382 -45.18 28.32 -31.74
N LYS D 383 -44.90 28.10 -33.01
CA LYS D 383 -43.49 28.10 -33.45
C LYS D 383 -42.60 29.28 -33.09
N GLY D 384 -41.45 28.90 -32.55
CA GLY D 384 -40.44 29.79 -32.02
C GLY D 384 -40.64 30.04 -30.54
N LYS D 385 -41.73 29.51 -29.98
CA LYS D 385 -42.06 29.70 -28.56
C LYS D 385 -42.58 28.43 -27.87
N LEU D 386 -42.39 28.33 -26.57
CA LEU D 386 -42.87 27.16 -25.81
C LEU D 386 -44.11 27.57 -25.02
N ILE D 387 -45.24 26.86 -25.18
CA ILE D 387 -46.45 27.08 -24.35
C ILE D 387 -46.62 25.92 -23.36
N VAL D 388 -46.68 26.22 -22.06
CA VAL D 388 -46.87 25.21 -21.01
C VAL D 388 -47.97 25.66 -20.06
N LYS D 389 -49.08 24.94 -20.02
CA LYS D 389 -50.22 25.28 -19.13
C LYS D 389 -50.47 24.23 -18.05
N SER D 390 -50.77 24.67 -16.84
CA SER D 390 -51.26 23.77 -15.80
C SER D 390 -52.68 23.29 -16.14
N LEU D 391 -52.90 22.00 -15.99
CA LEU D 391 -54.23 21.41 -16.09
C LEU D 391 -54.70 20.90 -14.72
N GLU D 392 -54.00 21.28 -13.64
CA GLU D 392 -54.38 20.93 -12.28
C GLU D 392 -55.77 21.50 -11.93
N TYR D 393 -56.61 20.66 -11.34
CA TYR D 393 -57.93 21.07 -10.89
C TYR D 393 -58.37 20.31 -9.64
N SER D 394 -59.48 20.76 -9.07
CA SER D 394 -60.11 20.09 -7.95
C SER D 394 -61.63 20.22 -8.13
N ALA D 395 -62.33 19.09 -8.23
CA ALA D 395 -63.81 19.03 -8.33
C ALA D 395 -64.38 17.82 -7.59
N GLN E 7 8.81 35.28 -2.53
CA GLN E 7 9.11 34.52 -1.27
C GLN E 7 10.48 33.83 -1.31
N GLU E 8 10.62 32.79 -2.14
CA GLU E 8 11.87 32.00 -2.25
C GLU E 8 13.04 32.83 -2.83
N SER E 9 14.16 32.89 -2.10
CA SER E 9 15.33 33.71 -2.50
C SER E 9 16.07 33.06 -3.67
N ASN E 10 16.88 33.87 -4.37
CA ASN E 10 17.70 33.37 -5.49
C ASN E 10 18.73 32.30 -5.07
N ALA E 11 19.23 32.38 -3.84
CA ALA E 11 20.17 31.39 -3.29
C ALA E 11 19.52 30.02 -3.19
N ILE E 12 18.32 29.98 -2.60
CA ILE E 12 17.61 28.72 -2.40
C ILE E 12 17.16 28.07 -3.72
N ARG E 13 16.78 28.88 -4.72
CA ARG E 13 16.47 28.35 -6.06
C ARG E 13 17.72 27.75 -6.70
N ILE E 15 20.27 26.50 -5.12
CA ILE E 15 20.59 25.26 -4.41
C ILE E 15 19.65 24.10 -4.83
N LYS E 16 18.37 24.40 -5.03
CA LYS E 16 17.43 23.39 -5.56
C LYS E 16 17.79 22.95 -6.98
N GLU E 17 18.18 23.89 -7.84
CA GLU E 17 18.70 23.53 -9.18
C GLU E 17 19.96 22.64 -9.13
N ALA E 18 20.93 22.99 -8.27
CA ALA E 18 22.10 22.11 -8.08
C ALA E 18 21.70 20.70 -7.62
N CYS E 19 20.72 20.59 -6.72
CA CYS E 19 20.16 19.28 -6.34
C CYS E 19 19.60 18.48 -7.52
N GLU E 20 18.94 19.16 -8.47
CA GLU E 20 18.48 18.55 -9.71
C GLU E 20 19.63 17.98 -10.48
N LYS E 21 20.67 18.77 -10.65
CA LYS E 21 21.87 18.36 -11.36
C LYS E 21 22.57 17.17 -10.67
N ASN E 22 22.60 17.14 -9.32
CA ASN E 22 23.14 15.98 -8.60
C ASN E 22 22.32 14.73 -8.96
N ARG E 23 21.00 14.84 -9.01
CA ARG E 23 20.16 13.69 -9.42
C ARG E 23 20.41 13.28 -10.89
N ARG E 24 20.64 14.26 -11.76
CA ARG E 24 21.08 13.99 -13.15
C ARG E 24 22.35 13.16 -13.21
N THR E 27 21.84 9.38 -13.12
CA THR E 27 21.20 8.73 -14.29
C THR E 27 21.84 9.00 -15.67
N ASP E 28 22.77 9.96 -15.78
CA ASP E 28 23.39 10.35 -17.07
C ASP E 28 24.92 10.25 -16.93
N GLU E 29 25.45 9.09 -17.30
CA GLU E 29 26.87 8.75 -17.12
C GLU E 29 27.85 9.79 -17.69
N ALA E 30 27.63 10.20 -18.93
CA ALA E 30 28.52 11.15 -19.63
C ALA E 30 28.65 12.49 -18.90
N PHE E 31 27.55 12.91 -18.25
CA PHE E 31 27.51 14.12 -17.45
C PHE E 31 28.26 13.99 -16.12
N ARG E 32 28.08 12.86 -15.43
CA ARG E 32 28.83 12.58 -14.20
C ARG E 32 30.34 12.57 -14.47
N LYS E 33 30.75 11.94 -15.57
CA LYS E 33 32.15 11.93 -16.02
C LYS E 33 32.68 13.31 -16.42
N GLU E 34 31.83 14.15 -17.00
CA GLU E 34 32.19 15.53 -17.32
C GLU E 34 32.39 16.37 -16.04
N VAL E 35 31.58 16.14 -15.01
CA VAL E 35 31.70 16.91 -13.77
C VAL E 35 32.96 16.47 -13.00
N GLU E 36 33.17 15.16 -12.89
CA GLU E 36 34.37 14.60 -12.26
C GLU E 36 35.67 14.98 -12.97
N LYS E 37 35.62 15.07 -14.30
CA LYS E 37 36.78 15.51 -15.10
C LYS E 37 37.15 16.95 -14.75
N ARG E 38 36.15 17.82 -14.70
CA ARG E 38 36.38 19.22 -14.37
C ARG E 38 36.82 19.43 -12.91
N LEU E 39 36.24 18.67 -11.99
CA LEU E 39 36.62 18.74 -10.60
C LEU E 39 38.07 18.41 -10.43
N TYR E 40 38.51 17.37 -11.15
CA TYR E 40 39.82 16.76 -10.95
C TYR E 40 40.85 17.16 -12.00
N ALA E 41 40.52 18.13 -12.85
CA ALA E 41 41.45 18.58 -13.90
C ALA E 41 42.77 19.08 -13.30
N GLY E 42 42.65 19.96 -12.30
CA GLY E 42 43.77 20.66 -11.73
C GLY E 42 43.94 21.94 -12.51
N PRO E 43 45.10 22.61 -12.37
CA PRO E 43 45.31 23.83 -13.13
C PRO E 43 45.33 23.58 -14.64
N SER E 44 44.69 24.45 -15.40
CA SER E 44 44.76 24.42 -16.85
C SER E 44 46.18 24.76 -17.36
N PRO E 45 46.50 24.42 -18.63
CA PRO E 45 47.82 24.73 -19.16
C PRO E 45 48.18 26.21 -19.11
N GLU E 46 47.19 27.08 -19.28
CA GLU E 46 47.42 28.53 -19.18
C GLU E 46 47.78 28.98 -17.75
N LEU E 47 47.08 28.43 -16.77
CA LEU E 47 47.39 28.69 -15.36
C LEU E 47 48.74 28.11 -14.91
N LEU E 48 49.03 26.87 -15.31
CA LEU E 48 50.34 26.23 -15.02
C LEU E 48 51.54 27.01 -15.58
N ALA E 49 51.39 27.55 -16.78
CA ALA E 49 52.43 28.40 -17.38
C ALA E 49 52.71 29.64 -16.53
N LYS E 50 51.64 30.27 -16.02
CA LYS E 50 51.78 31.44 -15.14
C LYS E 50 52.41 31.06 -13.78
N LEU E 51 51.92 29.96 -13.20
CA LEU E 51 52.42 29.48 -11.92
C LEU E 51 53.90 29.19 -11.95
N ARG E 52 54.33 28.50 -12.99
CA ARG E 52 55.75 28.20 -13.16
C ARG E 52 56.63 29.46 -13.19
N VAL E 53 56.16 30.52 -13.85
CA VAL E 53 56.90 31.79 -13.85
C VAL E 53 56.90 32.37 -12.43
N LEU E 54 55.75 32.41 -11.77
CA LEU E 54 55.67 32.91 -10.40
C LEU E 54 56.56 32.13 -9.42
N TRP E 55 56.53 30.80 -9.52
CA TRP E 55 57.35 29.96 -8.63
C TRP E 55 58.84 30.14 -8.93
N ALA E 56 59.20 30.18 -10.21
CA ALA E 56 60.61 30.26 -10.60
C ALA E 56 61.19 31.63 -10.28
N ALA E 57 60.44 32.69 -10.56
CA ALA E 57 60.86 34.05 -10.18
C ALA E 57 61.04 34.31 -8.67
N ASN E 58 60.51 33.44 -7.82
CA ASN E 58 60.51 33.68 -6.38
C ASN E 58 61.13 32.55 -5.57
N LYS E 59 61.90 31.67 -6.19
CA LYS E 59 62.63 30.66 -5.40
C LYS E 59 63.72 31.29 -4.53
N GLU E 60 64.10 30.63 -3.43
CA GLU E 60 65.22 31.11 -2.59
C GLU E 60 66.57 30.81 -3.24
N VAL F 2 48.23 43.52 -1.29
CA VAL F 2 47.22 42.93 -0.41
C VAL F 2 47.95 42.07 0.58
N LYS F 3 47.67 42.21 1.88
CA LYS F 3 48.31 41.33 2.89
C LYS F 3 47.37 40.25 3.36
N LEU F 4 47.97 39.16 3.86
CA LEU F 4 47.20 38.07 4.42
C LEU F 4 46.34 38.58 5.55
N SER F 5 45.09 38.13 5.61
CA SER F 5 44.17 38.54 6.66
C SER F 5 44.64 38.16 8.08
N SER F 6 45.53 37.16 8.22
CA SER F 6 46.06 36.72 9.50
C SER F 6 47.41 36.03 9.31
N ASP F 7 48.11 35.75 10.42
CA ASP F 7 49.37 34.97 10.37
C ASP F 7 48.99 33.49 10.27
N ILE F 8 49.81 32.72 9.56
CA ILE F 8 49.50 31.32 9.29
C ILE F 8 50.05 30.49 10.45
N ASN F 9 49.20 29.67 11.06
CA ASN F 9 49.64 28.76 12.11
C ASN F 9 50.47 27.57 11.56
N LEU F 10 51.60 27.31 12.23
CA LEU F 10 52.42 26.15 11.98
C LEU F 10 51.83 24.95 12.70
N ARG F 11 51.80 23.79 12.05
CA ARG F 11 51.56 22.52 12.70
C ARG F 11 52.89 21.97 13.02
N ASP F 12 52.95 21.13 14.06
CA ASP F 12 54.17 20.46 14.50
C ASP F 12 54.29 19.14 13.74
N PHE F 13 55.32 19.02 12.91
CA PHE F 13 55.57 17.76 12.18
C PHE F 13 56.63 16.83 12.82
N GLY F 14 57.21 17.25 13.94
CA GLY F 14 58.12 16.41 14.71
C GLY F 14 59.44 16.21 14.00
N ASN F 15 59.83 14.95 13.83
CA ASN F 15 61.09 14.56 13.14
C ASN F 15 61.05 14.56 11.59
N ASN F 16 59.84 14.70 11.02
CA ASN F 16 59.68 14.78 9.56
C ASN F 16 60.19 16.13 8.99
N GLU F 17 61.45 16.16 8.57
CA GLU F 17 62.09 17.36 8.02
C GLU F 17 61.46 17.71 6.67
N TYR F 18 61.08 16.69 5.90
CA TYR F 18 60.40 16.92 4.63
C TYR F 18 59.23 17.87 4.77
N LEU F 19 58.24 17.49 5.59
CA LEU F 19 56.98 18.25 5.74
C LEU F 19 57.21 19.57 6.44
N SER F 20 58.21 19.58 7.31
CA SER F 20 58.59 20.75 8.02
C SER F 20 59.11 21.83 7.07
N SER F 21 59.97 21.46 6.12
CA SER F 21 60.39 22.42 5.08
C SER F 21 59.26 22.71 4.04
N VAL F 22 58.43 21.71 3.70
CA VAL F 22 57.25 21.98 2.84
C VAL F 22 56.34 23.03 3.45
N GLN F 23 56.06 22.92 4.75
CA GLN F 23 55.26 23.93 5.48
C GLN F 23 55.85 25.32 5.38
N ASP F 24 57.14 25.44 5.71
CA ASP F 24 57.80 26.75 5.67
C ASP F 24 57.82 27.38 4.29
N GLU F 25 58.06 26.57 3.27
CA GLU F 25 58.01 27.03 1.88
C GLU F 25 56.63 27.56 1.52
N ALA F 26 55.59 26.79 1.85
CA ALA F 26 54.20 27.17 1.61
C ALA F 26 53.87 28.45 2.32
N ILE F 27 54.27 28.56 3.59
CA ILE F 27 54.01 29.78 4.37
C ILE F 27 54.71 31.01 3.76
N ARG F 28 55.96 30.86 3.33
CA ARG F 28 56.68 31.97 2.70
C ARG F 28 56.01 32.38 1.39
N PHE F 29 55.58 31.41 0.61
CA PHE F 29 54.94 31.65 -0.66
C PHE F 29 53.64 32.43 -0.45
N ALA F 30 52.75 31.89 0.40
CA ALA F 30 51.46 32.52 0.66
C ALA F 30 51.55 33.92 1.29
N THR F 31 52.62 34.15 2.07
CA THR F 31 52.79 35.41 2.80
C THR F 31 53.42 36.49 1.93
N GLU F 32 54.37 36.13 1.08
CA GLU F 32 55.09 37.14 0.27
C GLU F 32 54.50 37.38 -1.11
N GLN F 33 53.76 36.42 -1.66
CA GLN F 33 53.21 36.55 -3.00
C GLN F 33 51.70 36.69 -3.09
N THR F 34 51.07 37.03 -1.97
CA THR F 34 49.62 37.10 -1.83
C THR F 34 48.90 37.78 -2.98
N ASP F 35 49.42 38.92 -3.38
CA ASP F 35 48.81 39.68 -4.47
C ASP F 35 48.68 38.82 -5.73
N GLU F 36 49.80 38.25 -6.17
CA GLU F 36 49.83 37.52 -7.45
C GLU F 36 49.07 36.20 -7.36
N ILE F 37 49.08 35.57 -6.18
CA ILE F 37 48.30 34.34 -5.96
C ILE F 37 46.79 34.63 -6.04
N LEU F 38 46.30 35.66 -5.34
CA LEU F 38 44.87 36.06 -5.40
C LEU F 38 44.45 36.46 -6.80
N SER F 39 45.39 37.12 -7.49
CA SER F 39 45.18 37.54 -8.85
C SER F 39 45.07 36.32 -9.79
N LEU F 40 45.98 35.36 -9.69
CA LEU F 40 45.88 34.13 -10.49
C LEU F 40 44.60 33.33 -10.15
N TYR F 41 44.23 33.33 -8.86
CA TYR F 41 43.04 32.63 -8.38
C TYR F 41 41.75 33.24 -8.95
N SER F 42 41.70 34.56 -8.90
CA SER F 42 40.55 35.31 -9.41
C SER F 42 40.41 35.25 -10.93
N GLN F 43 41.52 35.47 -11.63
CA GLN F 43 41.50 35.72 -13.08
C GLN F 43 41.82 34.53 -13.96
N HIS F 44 42.49 33.50 -13.44
CA HIS F 44 42.92 32.36 -14.27
C HIS F 44 42.55 30.96 -13.77
N ALA F 45 41.89 30.83 -12.61
CA ALA F 45 41.51 29.50 -12.11
C ALA F 45 40.00 29.29 -12.20
N ASP F 46 39.55 28.06 -12.02
CA ASP F 46 38.12 27.75 -12.08
C ASP F 46 37.37 28.24 -10.80
N THR F 47 37.18 29.54 -10.70
CA THR F 47 36.71 30.13 -9.46
C THR F 47 35.55 31.10 -9.58
N GLU F 48 34.91 31.17 -10.76
CA GLU F 48 33.84 32.13 -11.05
C GLU F 48 34.35 33.56 -10.86
N GLY F 49 35.50 33.86 -11.43
CA GLY F 49 36.11 35.18 -11.25
C GLY F 49 36.50 35.46 -9.80
N GLY F 50 36.92 34.41 -9.08
CA GLY F 50 37.29 34.55 -7.66
C GLY F 50 36.13 34.63 -6.68
N ARG F 51 34.90 34.48 -7.15
CA ARG F 51 33.73 34.45 -6.23
C ARG F 51 33.53 33.10 -5.55
N TYR F 52 33.99 32.01 -6.17
CA TYR F 52 34.02 30.70 -5.53
C TYR F 52 35.34 30.59 -4.76
N VAL F 53 35.21 30.53 -3.44
CA VAL F 53 36.35 30.55 -2.53
C VAL F 53 36.47 29.20 -1.80
N CYS F 54 37.57 28.49 -2.01
CA CYS F 54 37.81 27.25 -1.30
C CYS F 54 39.30 27.04 -1.10
N ALA F 55 39.68 26.57 0.09
CA ALA F 55 41.07 26.29 0.40
C ALA F 55 41.62 25.21 -0.55
N ASP F 56 40.78 24.25 -0.94
CA ASP F 56 41.21 23.13 -1.82
C ASP F 56 41.59 23.55 -3.23
N THR F 57 40.99 24.64 -3.72
CA THR F 57 41.37 25.23 -5.00
C THR F 57 42.67 26.07 -4.83
N PHE F 58 42.80 26.81 -3.74
CA PHE F 58 44.08 27.45 -3.45
C PHE F 58 45.28 26.52 -3.45
N LYS F 59 45.11 25.29 -2.98
CA LYS F 59 46.21 24.30 -2.91
C LYS F 59 46.90 24.03 -4.22
N GLU F 60 46.14 24.10 -5.31
CA GLU F 60 46.66 23.85 -6.65
C GLU F 60 47.58 24.95 -7.17
N LEU F 61 47.74 26.05 -6.42
CA LEU F 61 48.61 27.14 -6.82
C LEU F 61 49.94 27.05 -6.09
N PHE F 62 50.09 26.02 -5.26
CA PHE F 62 51.32 25.80 -4.52
C PHE F 62 52.20 24.83 -5.29
N PRO F 63 53.53 25.10 -5.36
CA PRO F 63 54.42 24.19 -6.08
C PRO F 63 54.46 22.76 -5.53
N ALA F 64 54.29 22.60 -4.22
CA ALA F 64 54.30 21.27 -3.61
C ALA F 64 53.10 20.41 -4.06
N PHE F 65 52.08 21.02 -4.62
CA PHE F 65 50.87 20.33 -5.01
C PHE F 65 50.80 20.01 -6.49
N GLU F 66 51.87 20.32 -7.23
CA GLU F 66 51.82 20.23 -8.69
C GLU F 66 51.57 18.80 -9.17
N ASN F 67 52.34 17.86 -8.61
CA ASN F 67 52.34 16.47 -9.03
C ASN F 67 51.38 15.64 -8.19
N LYS F 68 50.48 14.97 -8.88
CA LYS F 68 49.53 14.02 -8.33
C LYS F 68 50.07 13.18 -7.16
N GLU F 69 51.27 12.63 -7.32
CA GLU F 69 51.81 11.62 -6.38
C GLU F 69 52.17 12.20 -5.00
N ASP F 70 52.38 13.52 -4.91
CA ASP F 70 52.79 14.19 -3.69
C ASP F 70 51.63 14.73 -2.85
N ARG F 71 50.43 14.80 -3.43
CA ARG F 71 49.36 15.62 -2.84
C ARG F 71 48.85 15.16 -1.49
N ALA F 72 48.70 13.85 -1.33
CA ALA F 72 48.32 13.26 -0.05
C ALA F 72 49.38 13.54 1.03
N THR F 73 50.64 13.47 0.66
CA THR F 73 51.71 13.67 1.60
C THR F 73 51.80 15.10 2.09
N VAL F 74 51.67 16.07 1.18
CA VAL F 74 51.94 17.49 1.49
C VAL F 74 50.68 18.24 1.91
N ASN F 75 49.53 17.59 1.77
CA ASN F 75 48.26 18.24 2.07
C ASN F 75 48.20 19.01 3.42
N ASN F 76 48.51 18.32 4.52
CA ASN F 76 48.43 18.93 5.87
C ASN F 76 49.46 20.07 6.02
N ALA F 77 50.63 19.90 5.40
CA ALA F 77 51.67 20.91 5.48
C ALA F 77 51.24 22.22 4.82
N ILE F 78 50.43 22.17 3.77
CA ILE F 78 50.03 23.41 3.09
C ILE F 78 48.64 23.89 3.47
N HIS F 79 47.85 23.06 4.17
CA HIS F 79 46.45 23.38 4.42
C HIS F 79 46.19 24.77 5.04
N ASN F 80 46.91 25.12 6.11
CA ASN F 80 46.68 26.39 6.80
C ASN F 80 47.01 27.59 5.91
N SER F 81 48.06 27.48 5.09
CA SER F 81 48.40 28.50 4.12
C SER F 81 47.25 28.69 3.12
N ALA F 82 46.69 27.60 2.62
CA ALA F 82 45.55 27.69 1.69
C ALA F 82 44.32 28.27 2.36
N ALA F 83 44.06 27.88 3.62
CA ALA F 83 42.92 28.44 4.38
C ALA F 83 43.01 29.96 4.61
N VAL F 84 44.18 30.48 4.98
CA VAL F 84 44.32 31.92 5.22
C VAL F 84 44.24 32.71 3.90
N LEU F 85 44.78 32.15 2.83
CA LEU F 85 44.50 32.68 1.50
C LEU F 85 43.01 32.73 1.19
N SER F 86 42.26 31.68 1.55
CA SER F 86 40.78 31.69 1.43
C SER F 86 40.11 32.84 2.17
N SER F 87 40.39 32.98 3.47
CA SER F 87 39.89 34.09 4.29
C SER F 87 40.24 35.44 3.64
N THR F 88 41.46 35.54 3.11
CA THR F 88 41.91 36.77 2.48
C THR F 88 41.08 37.08 1.23
N GLN F 89 40.87 36.06 0.40
CA GLN F 89 40.05 36.20 -0.80
C GLN F 89 38.61 36.53 -0.43
N PHE F 90 38.12 35.91 0.64
CA PHE F 90 36.77 36.21 1.15
C PHE F 90 36.62 37.70 1.43
N ASP F 91 37.61 38.28 2.12
CA ASP F 91 37.63 39.71 2.47
C ASP F 91 37.73 40.61 1.26
N GLU F 92 38.58 40.26 0.29
CA GLU F 92 38.74 41.06 -0.94
C GLU F 92 37.49 41.10 -1.77
N VAL F 93 36.77 39.99 -1.85
CA VAL F 93 35.48 39.98 -2.56
C VAL F 93 34.45 40.85 -1.80
N LEU F 94 34.44 40.77 -0.47
CA LEU F 94 33.56 41.61 0.36
C LEU F 94 33.78 43.11 0.24
N LYS F 95 35.03 43.52 0.00
CA LYS F 95 35.37 44.94 -0.19
C LYS F 95 34.92 45.56 -1.53
N ARG F 96 34.67 44.75 -2.56
CA ARG F 96 34.19 45.27 -3.85
C ARG F 96 32.76 45.81 -3.65
N ASP F 97 32.52 47.07 -4.05
CA ASP F 97 31.23 47.74 -3.82
C ASP F 97 30.25 47.41 -4.96
N GLU F 98 29.33 46.47 -4.67
CA GLU F 98 28.44 45.86 -5.65
C GLU F 98 27.03 45.74 -5.07
N PRO F 99 26.27 46.85 -5.01
CA PRO F 99 24.95 46.79 -4.34
C PRO F 99 23.98 45.69 -4.87
N GLN F 100 24.12 45.32 -6.14
CA GLN F 100 23.31 44.23 -6.72
C GLN F 100 23.56 42.87 -6.03
N LYS F 101 24.81 42.65 -5.64
CA LYS F 101 25.25 41.36 -5.08
C LYS F 101 24.97 41.29 -3.57
N LYS F 102 23.95 40.52 -3.20
CA LYS F 102 23.40 40.52 -1.84
C LYS F 102 23.51 39.19 -1.08
N GLU F 103 23.84 38.10 -1.76
CA GLU F 103 23.77 36.76 -1.19
C GLU F 103 25.15 36.14 -1.03
N VAL F 104 25.36 35.51 0.11
CA VAL F 104 26.57 34.74 0.36
C VAL F 104 26.17 33.36 0.79
N ILE F 105 26.66 32.36 0.10
CA ILE F 105 26.37 30.99 0.43
C ILE F 105 27.64 30.28 0.91
N PHE F 106 27.50 29.59 2.06
CA PHE F 106 28.52 28.73 2.68
C PHE F 106 28.09 27.28 2.46
N VAL F 107 28.99 26.44 1.98
CA VAL F 107 28.72 25.01 1.74
C VAL F 107 29.74 24.17 2.51
N THR F 108 29.25 23.09 3.08
CA THR F 108 30.08 22.23 3.90
C THR F 108 29.57 20.80 3.91
N GLY F 109 30.47 19.88 4.22
CA GLY F 109 30.09 18.50 4.40
C GLY F 109 31.28 17.66 4.73
N ILE F 110 31.01 16.41 5.10
CA ILE F 110 32.02 15.38 5.23
C ILE F 110 32.66 15.17 3.85
N PRO F 111 34.00 15.03 3.78
CA PRO F 111 34.64 14.73 2.51
C PRO F 111 34.10 13.45 1.89
N GLY F 112 33.96 13.49 0.56
CA GLY F 112 33.31 12.44 -0.19
C GLY F 112 31.79 12.53 -0.26
N SER F 113 31.20 13.57 0.36
CA SER F 113 29.74 13.76 0.35
C SER F 113 29.25 14.44 -0.91
N GLY F 114 30.12 14.77 -1.84
CA GLY F 114 29.73 15.49 -3.04
C GLY F 114 29.46 16.98 -2.81
N ALA F 115 29.94 17.55 -1.70
CA ALA F 115 29.85 19.00 -1.50
C ALA F 115 30.50 19.83 -2.63
N THR F 116 31.68 19.45 -3.07
CA THR F 116 32.35 20.18 -4.14
C THR F 116 31.62 20.04 -5.51
N SER F 117 31.23 18.83 -5.86
CA SER F 117 30.43 18.57 -7.07
C SER F 117 29.11 19.31 -7.02
N THR F 118 28.51 19.41 -5.83
CA THR F 118 27.27 20.18 -5.63
C THR F 118 27.49 21.69 -5.93
N VAL F 119 28.63 22.24 -5.53
CA VAL F 119 28.99 23.63 -5.80
C VAL F 119 29.26 23.92 -7.28
N LYS F 120 29.95 23.02 -7.99
CA LYS F 120 30.06 23.12 -9.47
C LYS F 120 28.70 23.20 -10.14
N ASN F 121 27.75 22.44 -9.60
CA ASN F 121 26.40 22.35 -10.11
C ASN F 121 25.53 23.55 -9.78
N GLN F 125 23.96 33.41 -9.75
CA GLN F 125 22.91 34.37 -10.09
C GLN F 125 23.54 35.76 -10.08
N ASP F 126 22.82 36.73 -10.63
CA ASP F 126 23.23 38.14 -10.59
C ASP F 126 23.31 38.69 -9.17
N THR F 127 22.55 38.10 -8.26
CA THR F 127 22.57 38.47 -6.84
C THR F 127 23.61 37.72 -6.00
N THR F 128 24.29 36.73 -6.57
CA THR F 128 25.28 35.96 -5.84
C THR F 128 26.60 36.75 -5.68
N LYS F 129 26.92 37.15 -4.45
CA LYS F 129 28.18 37.84 -4.18
C LYS F 129 29.35 36.89 -3.98
N LEU F 130 29.13 35.81 -3.25
CA LEU F 130 30.23 35.00 -2.74
C LEU F 130 29.75 33.59 -2.41
N LEU F 131 30.57 32.59 -2.74
CA LEU F 131 30.29 31.21 -2.40
C LEU F 131 31.55 30.61 -1.74
N PHE F 132 31.46 30.31 -0.45
CA PHE F 132 32.58 29.72 0.33
C PHE F 132 32.32 28.25 0.67
N GLU F 133 33.32 27.40 0.42
CA GLU F 133 33.31 26.00 0.85
C GLU F 133 34.43 25.69 1.86
N GLY F 134 34.08 25.04 2.96
CA GLY F 134 35.00 24.76 4.06
C GLY F 134 34.30 24.11 5.27
N GLN F 135 35.08 23.53 6.18
CA GLN F 135 34.49 22.88 7.36
C GLN F 135 33.80 23.91 8.26
N LEU F 136 32.63 23.53 8.79
CA LEU F 136 31.92 24.35 9.79
C LEU F 136 31.76 23.58 11.11
N ALA F 137 32.42 22.44 11.22
CA ALA F 137 32.36 21.62 12.42
C ALA F 137 33.02 22.34 13.60
N ARG F 138 34.16 23.01 13.32
CA ARG F 138 34.73 24.04 14.20
C ARG F 138 34.47 25.44 13.60
N PRO F 139 33.38 26.11 14.02
CA PRO F 139 32.87 27.30 13.34
C PRO F 139 33.51 28.65 13.68
N GLN F 140 34.50 28.68 14.59
CA GLN F 140 35.11 29.95 15.01
C GLN F 140 35.54 30.82 13.81
N SER F 141 36.40 30.28 12.97
CA SER F 141 36.85 30.95 11.74
C SER F 141 35.68 31.41 10.85
N ALA F 142 34.64 30.58 10.76
CA ALA F 142 33.44 30.93 10.01
C ALA F 142 32.63 32.04 10.68
N PHE F 143 32.71 32.15 12.03
CA PHE F 143 32.06 33.26 12.76
C PHE F 143 32.51 34.63 12.25
N ARG F 144 33.81 34.82 12.09
CA ARG F 144 34.36 36.10 11.59
C ARG F 144 33.81 36.42 10.18
N LYS F 145 33.76 35.42 9.31
CA LYS F 145 33.13 35.56 7.98
C LYS F 145 31.62 35.91 8.01
N ILE F 146 30.85 35.25 8.88
CA ILE F 146 29.41 35.50 8.97
C ILE F 146 29.15 36.92 9.50
N GLU F 147 29.90 37.30 10.52
CA GLU F 147 29.81 38.62 11.10
C GLU F 147 29.98 39.70 10.04
N GLN F 148 31.04 39.57 9.24
CA GLN F 148 31.38 40.52 8.17
C GLN F 148 30.30 40.66 7.11
N CYS F 149 29.65 39.54 6.77
CA CYS F 149 28.53 39.53 5.84
C CYS F 149 27.33 40.25 6.42
N LEU F 150 27.10 40.05 7.72
CA LEU F 150 25.94 40.63 8.38
C LEU F 150 26.14 42.14 8.66
N GLU F 151 27.37 42.58 8.90
CA GLU F 151 27.67 44.01 8.98
C GLU F 151 27.38 44.75 7.68
N ARG F 152 27.49 44.06 6.55
CA ARG F 152 27.24 44.69 5.23
C ARG F 152 25.84 44.39 4.71
N ASN F 153 25.00 43.73 5.50
CA ASN F 153 23.59 43.51 5.22
C ASN F 153 23.34 42.47 4.14
N LEU F 154 24.27 41.53 4.01
CA LEU F 154 24.18 40.48 3.03
C LEU F 154 23.35 39.33 3.60
N GLU F 155 22.60 38.65 2.75
CA GLU F 155 21.89 37.43 3.13
C GLU F 155 22.82 36.21 3.11
N VAL F 156 22.83 35.49 4.23
CA VAL F 156 23.73 34.38 4.42
C VAL F 156 22.95 33.12 4.43
N THR F 157 23.32 32.18 3.57
CA THR F 157 22.75 30.85 3.55
C THR F 157 23.83 29.81 3.76
N ILE F 158 23.55 28.78 4.58
CA ILE F 158 24.51 27.72 4.83
C ILE F 158 23.90 26.43 4.37
N VAL F 159 24.67 25.65 3.62
CA VAL F 159 24.17 24.40 3.05
C VAL F 159 25.03 23.30 3.63
N ALA F 160 24.40 22.35 4.31
CA ALA F 160 25.11 21.22 4.87
C ALA F 160 24.81 20.00 4.03
N VAL F 161 25.83 19.52 3.31
CA VAL F 161 25.70 18.37 2.41
C VAL F 161 26.07 17.14 3.23
N SER F 162 25.31 16.06 3.12
CA SER F 162 25.51 14.91 4.00
C SER F 162 25.35 13.57 3.32
N ARG F 164 26.25 9.11 4.46
CA ARG F 164 26.76 8.12 5.42
C ARG F 164 28.27 8.03 5.23
N ALA F 165 28.99 7.90 6.33
CA ALA F 165 30.44 7.92 6.28
C ALA F 165 31.00 6.86 5.32
N GLU F 166 30.42 5.67 5.34
CA GLU F 166 30.95 4.54 4.58
C GLU F 166 30.91 4.79 3.06
N ARG F 167 29.81 5.34 2.58
CA ARG F 167 29.66 5.67 1.16
C ARG F 167 30.55 6.85 0.81
N ALA F 168 30.58 7.87 1.67
CA ALA F 168 31.51 9.01 1.49
C ALA F 168 32.98 8.53 1.39
N SER F 169 33.34 7.56 2.23
CA SER F 169 34.66 6.95 2.20
C SER F 169 34.99 6.34 0.85
N ASP F 170 34.06 5.56 0.28
CA ASP F 170 34.24 5.01 -1.06
C ASP F 170 34.55 6.13 -2.06
N ASN F 171 33.84 7.25 -1.99
CA ASN F 171 34.12 8.39 -2.88
C ASN F 171 35.50 9.01 -2.68
N THR F 172 36.00 9.04 -1.43
CA THR F 172 37.34 9.52 -1.18
C THR F 172 38.40 8.59 -1.81
N TYR F 173 38.14 7.28 -1.90
CA TYR F 173 39.03 6.36 -2.64
C TYR F 173 39.15 6.75 -4.12
N LYS F 174 38.01 6.93 -4.78
CA LYS F 174 37.97 7.31 -6.19
C LYS F 174 38.75 8.58 -6.44
N ARG F 175 38.54 9.58 -5.58
CA ARG F 175 39.22 10.84 -5.72
C ARG F 175 40.72 10.72 -5.50
N PHE F 176 41.12 9.98 -4.46
CA PHE F 176 42.53 9.70 -4.26
C PHE F 176 43.15 9.08 -5.52
N ASN F 177 42.48 8.07 -6.07
CA ASN F 177 43.02 7.38 -7.26
C ASN F 177 43.15 8.26 -8.50
N GLU F 178 42.19 9.16 -8.71
CA GLU F 178 42.15 9.99 -9.91
C GLU F 178 42.90 11.32 -9.77
N TYR F 179 42.81 11.94 -8.60
CA TYR F 179 43.31 13.30 -8.35
C TYR F 179 44.53 13.35 -7.39
N GLY F 180 44.75 12.29 -6.60
CA GLY F 180 45.88 12.21 -5.66
C GLY F 180 45.63 12.63 -4.22
N ARG F 181 44.44 13.15 -3.91
CA ARG F 181 44.09 13.57 -2.54
C ARG F 181 42.77 12.92 -2.18
N GLY F 182 42.73 12.27 -1.02
CA GLY F 182 41.52 11.62 -0.52
C GLY F 182 41.11 12.38 0.73
N ALA F 183 41.08 11.66 1.86
CA ALA F 183 40.76 12.25 3.13
C ALA F 183 41.08 11.25 4.22
N SER F 184 41.54 11.76 5.37
CA SER F 184 41.83 10.93 6.53
C SER F 184 40.55 10.52 7.26
N ILE F 185 40.52 9.31 7.81
CA ILE F 185 39.32 8.90 8.59
C ILE F 185 39.14 9.78 9.85
N GLY F 186 40.24 10.29 10.40
CA GLY F 186 40.19 11.23 11.53
C GLY F 186 39.39 12.49 11.21
N ILE F 187 39.69 13.13 10.09
CA ILE F 187 38.97 14.36 9.72
C ILE F 187 37.52 14.05 9.31
N ALA F 189 35.55 11.66 10.63
CA ALA F 189 34.77 11.36 11.83
C ALA F 189 34.54 12.64 12.62
N ASP F 190 35.59 13.46 12.70
CA ASP F 190 35.52 14.78 13.35
C ASP F 190 34.41 15.59 12.69
N ILE F 191 34.44 15.69 11.36
CA ILE F 191 33.45 16.52 10.67
C ILE F 191 32.05 15.96 10.83
N GLN F 192 31.83 14.68 10.62
CA GLN F 192 30.47 14.14 10.70
C GLN F 192 29.86 14.15 12.11
N ALA F 193 30.71 14.08 13.14
CA ALA F 193 30.25 14.04 14.52
C ALA F 193 29.98 15.45 15.05
N ASN F 194 30.79 16.41 14.61
CA ASN F 194 30.76 17.77 15.17
C ASN F 194 30.05 18.79 14.34
N LEU F 195 29.60 18.41 13.15
CA LEU F 195 28.93 19.34 12.26
C LEU F 195 27.60 19.80 12.85
N PRO F 196 26.79 18.86 13.39
CA PRO F 196 25.54 19.31 14.03
C PRO F 196 25.77 20.34 15.12
N ASP F 197 26.82 20.16 15.91
CA ASP F 197 27.18 21.12 16.96
C ASP F 197 27.71 22.44 16.35
N GLY F 198 28.48 22.37 15.28
CA GLY F 198 28.94 23.58 14.63
C GLY F 198 27.78 24.42 14.15
N LEU F 199 26.83 23.75 13.51
CA LEU F 199 25.67 24.42 12.95
C LEU F 199 24.80 24.96 14.09
N LYS F 200 24.71 24.21 15.20
CA LYS F 200 23.98 24.65 16.39
C LYS F 200 24.57 25.93 16.99
N GLN F 201 25.89 25.95 17.16
CA GLN F 201 26.59 27.17 17.59
C GLN F 201 26.32 28.40 16.69
N ILE F 202 26.11 28.16 15.40
CA ILE F 202 25.86 29.26 14.46
C ILE F 202 24.42 29.74 14.64
N ARG F 203 23.47 28.82 14.64
CA ARG F 203 22.05 29.19 14.87
C ARG F 203 21.82 29.93 16.19
N ASP F 204 22.65 29.63 17.20
CA ASP F 204 22.56 30.28 18.51
C ASP F 204 23.21 31.66 18.53
N LYS F 205 24.40 31.80 17.96
CA LYS F 205 25.10 33.09 17.92
C LYS F 205 24.49 34.19 17.01
N PHE F 206 23.79 33.78 15.94
CA PHE F 206 23.31 34.72 14.88
C PHE F 206 21.80 34.77 14.65
N GLY F 207 21.10 33.68 14.98
CA GLY F 207 19.67 33.63 14.85
C GLY F 207 19.22 33.46 13.42
N ASP F 208 17.94 33.75 13.18
CA ASP F 208 17.33 33.61 11.86
C ASP F 208 17.91 34.50 10.76
N ALA F 209 18.85 35.39 11.07
CA ALA F 209 19.61 36.12 10.03
C ALA F 209 20.44 35.21 9.10
N VAL F 210 20.74 34.01 9.56
CA VAL F 210 21.44 32.99 8.82
C VAL F 210 20.48 31.82 8.60
N LYS F 211 20.12 31.60 7.36
CA LYS F 211 19.28 30.49 6.95
C LYS F 211 20.19 29.27 6.82
N ILE F 212 19.76 28.15 7.36
CA ILE F 212 20.53 26.90 7.34
C ILE F 212 19.67 25.81 6.69
N VAL F 213 20.20 25.16 5.66
CA VAL F 213 19.48 24.13 4.91
C VAL F 213 20.39 22.95 4.68
N GLY F 214 19.81 21.85 4.17
CA GLY F 214 20.52 20.58 4.01
C GLY F 214 20.30 19.90 2.66
N ILE F 215 21.23 19.02 2.30
CA ILE F 215 21.14 18.18 1.15
C ILE F 215 21.48 16.77 1.60
N ASN F 216 20.50 15.87 1.64
CA ASN F 216 20.71 14.46 1.92
C ASN F 216 21.01 13.74 0.60
N GLN F 217 22.28 13.43 0.40
CA GLN F 217 22.74 12.71 -0.79
C GLN F 217 22.31 11.24 -0.77
N ASP F 218 22.09 10.68 0.42
CA ASP F 218 21.55 9.31 0.56
C ASP F 218 20.06 9.16 0.17
N ARG F 219 19.33 10.28 0.06
CA ARG F 219 17.93 10.30 -0.37
C ARG F 219 17.83 11.15 -1.64
N ASN F 220 18.58 10.72 -2.66
CA ASN F 220 18.62 11.34 -3.99
C ASN F 220 18.77 12.86 -3.97
N SER F 221 19.72 13.33 -3.17
CA SER F 221 20.07 14.75 -3.08
C SER F 221 18.89 15.63 -2.67
N GLU F 222 18.02 15.10 -1.82
CA GLU F 222 16.84 15.81 -1.31
C GLU F 222 17.21 17.09 -0.54
N PHE F 223 16.55 18.19 -0.88
CA PHE F 223 16.69 19.47 -0.21
C PHE F 223 15.89 19.52 1.09
N ILE F 224 16.50 20.04 2.15
CA ILE F 224 15.91 20.07 3.49
C ILE F 224 15.88 21.53 3.91
N ASP F 225 14.68 22.08 4.02
CA ASP F 225 14.48 23.51 4.29
C ASP F 225 14.56 23.87 5.79
N LYS F 226 14.33 22.92 6.69
CA LYS F 226 14.13 23.24 8.10
C LYS F 226 15.30 22.86 9.01
N PHE F 227 15.85 23.86 9.73
CA PHE F 227 16.99 23.66 10.64
C PHE F 227 16.87 22.42 11.52
N ASP F 228 15.75 22.28 12.23
CA ASP F 228 15.45 21.09 13.04
C ASP F 228 15.65 19.80 12.25
N ASP F 229 15.17 19.77 11.01
CA ASP F 229 15.30 18.59 10.15
C ASP F 229 16.72 18.41 9.56
N VAL F 230 17.46 19.52 9.39
CA VAL F 230 18.88 19.46 9.04
C VAL F 230 19.68 18.78 10.17
N ILE F 231 19.48 19.20 11.40
CA ILE F 231 20.17 18.58 12.55
C ILE F 231 19.83 17.07 12.67
N LYS F 232 18.61 16.68 12.33
CA LYS F 232 18.19 15.28 12.43
C LYS F 232 18.85 14.40 11.36
N LEU F 234 21.70 14.91 9.95
CA LEU F 234 23.13 14.89 10.23
C LEU F 234 23.53 14.07 11.47
N SER F 235 22.56 13.58 12.24
CA SER F 235 22.86 12.83 13.47
C SER F 235 23.21 11.42 13.11
N LEU F 236 24.49 11.18 12.85
CA LEU F 236 24.92 9.89 12.28
C LEU F 236 25.89 9.12 13.19
N GLY F 237 25.98 9.53 14.45
CA GLY F 237 26.79 8.87 15.46
C GLY F 237 27.74 9.85 16.12
N SER F 238 28.35 9.39 17.22
CA SER F 238 29.42 10.11 17.90
C SER F 238 30.70 9.88 17.14
N GLN F 239 31.71 10.67 17.48
CA GLN F 239 33.03 10.58 16.87
C GLN F 239 33.73 9.23 17.04
N GLU F 240 33.59 8.61 18.22
CA GLU F 240 34.12 7.27 18.48
C GLU F 240 33.45 6.22 17.58
N GLN F 241 32.14 6.34 17.41
CA GLN F 241 31.36 5.35 16.67
C GLN F 241 31.76 5.35 15.20
N ILE F 242 31.82 6.55 14.62
CA ILE F 242 32.11 6.69 13.21
C ILE F 242 33.58 6.35 12.94
N LEU F 243 34.48 6.84 13.79
CA LEU F 243 35.92 6.54 13.63
C LEU F 243 36.20 5.04 13.72
N GLY F 244 35.51 4.34 14.63
CA GLY F 244 35.64 2.87 14.74
C GLY F 244 35.19 2.15 13.49
N ARG F 245 34.05 2.58 12.95
CA ARG F 245 33.49 1.99 11.73
C ARG F 245 34.34 2.31 10.54
N LEU F 246 34.92 3.52 10.49
CA LEU F 246 35.82 3.86 9.40
C LEU F 246 37.13 3.07 9.48
N ALA F 247 37.70 2.96 10.68
CA ALA F 247 38.95 2.21 10.85
C ALA F 247 38.77 0.75 10.39
N GLU F 248 37.64 0.14 10.76
CA GLU F 248 37.38 -1.25 10.38
C GLU F 248 37.23 -1.38 8.89
N LYS F 249 36.51 -0.44 8.28
CA LYS F 249 36.29 -0.44 6.84
C LYS F 249 37.58 -0.36 6.06
N ILE F 250 38.41 0.65 6.36
CA ILE F 250 39.64 0.84 5.56
C ILE F 250 40.58 -0.35 5.69
N GLN F 251 40.62 -0.94 6.89
CA GLN F 251 41.41 -2.18 7.11
C GLN F 251 40.84 -3.40 6.33
N SER F 252 39.53 -3.64 6.40
CA SER F 252 38.90 -4.74 5.62
C SER F 252 39.16 -4.52 4.15
N ASP F 253 38.93 -3.29 3.71
CA ASP F 253 39.15 -2.91 2.31
C ASP F 253 40.58 -3.19 1.85
N PHE F 254 41.56 -2.88 2.69
CA PHE F 254 42.97 -3.19 2.38
C PHE F 254 43.26 -4.70 2.43
N ASP F 255 42.99 -5.33 3.58
CA ASP F 255 43.15 -6.80 3.79
C ASP F 255 42.56 -7.64 2.66
N SER F 256 41.42 -7.21 2.11
CA SER F 256 40.74 -7.89 1.01
C SER F 256 41.13 -7.39 -0.40
N GLY F 257 42.05 -6.41 -0.49
CA GLY F 257 42.55 -5.93 -1.77
C GLY F 257 41.63 -5.00 -2.55
N LYS F 258 40.68 -4.35 -1.87
CA LYS F 258 39.87 -3.32 -2.52
C LYS F 258 40.68 -2.02 -2.75
N ILE F 259 41.65 -1.73 -1.89
CA ILE F 259 42.43 -0.49 -2.00
C ILE F 259 43.91 -0.78 -1.90
N SER F 260 44.71 0.02 -2.61
CA SER F 260 46.17 -0.09 -2.59
C SER F 260 46.69 0.32 -1.20
N ARG F 261 47.95 -0.01 -0.91
CA ARG F 261 48.57 0.37 0.34
C ARG F 261 48.57 1.88 0.46
N GLU F 262 48.87 2.56 -0.65
CA GLU F 262 48.96 4.01 -0.66
C GLU F 262 47.62 4.65 -0.29
N CYS F 263 46.55 4.14 -0.89
CA CYS F 263 45.20 4.59 -0.58
C CYS F 263 44.79 4.30 0.88
N PHE F 264 45.16 3.13 1.39
CA PHE F 264 45.02 2.78 2.81
C PHE F 264 45.82 3.74 3.71
N ASN F 265 47.05 4.07 3.38
CA ASN F 265 47.86 5.01 4.19
C ASN F 265 47.29 6.46 4.28
N GLN F 266 46.84 7.01 3.17
CA GLN F 266 46.26 8.35 3.21
C GLN F 266 44.95 8.33 4.00
N ALA F 267 44.12 7.29 3.82
CA ALA F 267 42.93 7.16 4.67
C ALA F 267 43.31 7.07 6.15
N LYS F 268 44.40 6.40 6.47
CA LYS F 268 44.83 6.23 7.85
C LYS F 268 45.28 7.54 8.47
N GLY F 269 45.99 8.35 7.69
CA GLY F 269 46.56 9.58 8.21
C GLY F 269 47.53 9.23 9.35
N SER F 270 47.40 9.94 10.47
CA SER F 270 48.27 9.74 11.64
C SER F 270 47.55 8.93 12.73
N ASP F 272 46.44 6.03 14.98
CA ASP F 272 46.93 4.71 15.41
C ASP F 272 45.73 3.77 15.47
N LEU F 273 45.61 2.90 14.47
CA LEU F 273 44.50 1.97 14.35
C LEU F 273 44.38 1.01 15.54
N GLU F 274 45.51 0.50 16.04
CA GLU F 274 45.51 -0.42 17.19
C GLU F 274 44.69 0.18 18.36
N SER F 275 45.01 1.43 18.67
CA SER F 275 44.28 2.22 19.69
C SER F 275 42.76 2.36 19.45
N VAL F 276 42.32 2.49 18.21
CA VAL F 276 40.88 2.55 17.86
C VAL F 276 40.21 1.18 18.01
N PHE F 277 40.91 0.14 17.59
CA PHE F 277 40.40 -1.22 17.68
C PHE F 277 40.29 -1.64 19.14
N ALA F 278 41.23 -1.23 19.99
CA ALA F 278 41.13 -1.52 21.43
C ALA F 278 39.82 -0.97 22.07
N LYS F 279 39.27 0.15 21.60
CA LYS F 279 38.01 0.72 22.12
C LYS F 279 36.71 0.01 21.69
N LYS F 280 36.78 -0.85 20.67
CA LYS F 280 35.61 -1.59 20.24
C LYS F 280 35.07 -2.48 21.39
N GLU F 281 33.75 -2.48 21.49
CA GLU F 281 33.02 -3.05 22.59
C GLU F 281 32.33 -4.25 22.01
N TYR F 282 32.42 -5.39 22.70
CA TYR F 282 31.79 -6.64 22.24
C TYR F 282 30.74 -7.17 23.22
N SER F 283 30.23 -6.30 24.09
CA SER F 283 29.52 -6.75 25.30
C SER F 283 28.24 -7.54 25.01
N GLN F 284 27.52 -7.17 23.96
CA GLN F 284 26.27 -7.87 23.65
C GLN F 284 26.46 -8.97 22.59
N GLN F 285 27.66 -9.56 22.52
CA GLN F 285 28.04 -10.44 21.43
C GLN F 285 28.59 -11.79 21.92
N ARG F 286 28.36 -12.84 21.14
CA ARG F 286 28.95 -14.14 21.43
C ARG F 286 29.27 -14.91 20.17
N VAL F 287 30.09 -15.94 20.32
CA VAL F 287 30.44 -16.82 19.21
C VAL F 287 30.12 -18.26 19.62
N VAL F 288 29.33 -18.92 18.79
CA VAL F 288 28.94 -20.30 18.98
C VAL F 288 29.77 -21.10 18.00
N THR F 289 30.59 -22.03 18.50
CA THR F 289 31.35 -22.94 17.65
C THR F 289 30.68 -24.34 17.64
N ASN F 290 30.88 -25.05 16.56
CA ASN F 290 30.48 -26.43 16.39
C ASN F 290 31.34 -27.05 15.28
N SER F 291 31.00 -28.26 14.86
CA SER F 291 31.77 -29.00 13.87
C SER F 291 31.60 -28.49 12.43
N LYS F 292 30.67 -27.55 12.19
CA LYS F 292 30.52 -26.87 10.89
C LYS F 292 31.22 -25.50 10.81
N GLY F 293 31.51 -24.89 11.95
CA GLY F 293 32.14 -23.58 11.98
C GLY F 293 31.71 -22.72 13.14
N VAL F 294 31.84 -21.40 12.97
CA VAL F 294 31.57 -20.46 14.04
C VAL F 294 30.46 -19.54 13.61
N THR F 295 29.65 -19.11 14.57
CA THR F 295 28.58 -18.16 14.32
C THR F 295 28.72 -16.99 15.30
N LEU F 296 28.78 -15.77 14.79
CA LEU F 296 28.69 -14.55 15.64
C LEU F 296 27.22 -14.24 15.87
N GLU F 297 26.86 -13.98 17.12
CA GLU F 297 25.48 -13.63 17.50
C GLU F 297 25.48 -12.37 18.39
N THR F 298 24.46 -11.53 18.22
CA THR F 298 24.22 -10.37 19.12
C THR F 298 22.95 -10.58 19.93
N LYS F 299 22.89 -10.00 21.12
CA LYS F 299 21.68 -10.04 21.94
C LYS F 299 20.91 -8.73 21.82
N SER F 300 19.59 -8.82 21.86
CA SER F 300 18.68 -7.65 21.89
C SER F 300 18.46 -7.25 23.34
N ALA F 301 17.87 -6.08 23.56
CA ALA F 301 17.51 -5.61 24.92
C ALA F 301 16.74 -6.69 25.72
N ASN F 302 15.82 -7.38 25.06
CA ASN F 302 15.03 -8.46 25.67
C ASN F 302 15.69 -9.86 25.57
N GLU F 303 17.01 -9.94 25.70
CA GLU F 303 17.74 -11.20 25.91
C GLU F 303 17.71 -12.25 24.77
N LEU F 304 17.26 -11.87 23.56
CA LEU F 304 17.23 -12.81 22.42
C LEU F 304 18.48 -12.72 21.55
N TRP F 305 19.07 -13.89 21.30
CA TRP F 305 20.24 -14.04 20.42
C TRP F 305 19.79 -14.22 19.00
N SER F 306 20.45 -13.52 18.08
CA SER F 306 20.22 -13.74 16.63
C SER F 306 21.54 -13.75 15.88
N LYS F 307 21.54 -14.39 14.71
CA LYS F 307 22.76 -14.60 13.94
C LYS F 307 23.13 -13.37 13.15
N VAL F 308 24.42 -13.05 13.15
CA VAL F 308 24.95 -12.00 12.28
C VAL F 308 25.74 -12.60 11.11
N GLU F 309 26.75 -13.41 11.42
CA GLU F 309 27.68 -13.96 10.43
C GLU F 309 27.99 -15.42 10.79
N GLN F 310 28.06 -16.30 9.78
CA GLN F 310 28.54 -17.68 9.97
C GLN F 310 29.75 -17.88 9.10
N ILE F 311 30.81 -18.48 9.66
CA ILE F 311 32.05 -18.80 8.91
C ILE F 311 32.29 -20.32 8.91
N PRO F 312 32.31 -20.98 7.74
CA PRO F 312 32.60 -22.43 7.72
C PRO F 312 34.04 -22.75 8.07
N VAL F 313 34.23 -23.68 9.00
CA VAL F 313 35.56 -24.13 9.39
C VAL F 313 35.39 -25.58 9.78
N THR F 314 36.43 -26.40 9.58
CA THR F 314 36.43 -27.80 10.03
C THR F 314 37.30 -27.99 11.29
N GLY F 315 37.00 -29.06 12.04
CA GLY F 315 37.82 -29.49 13.16
C GLY F 315 37.58 -28.87 14.52
N LYS F 317 35.40 -28.00 18.11
CA LYS F 317 34.47 -28.61 19.06
C LYS F 317 33.36 -27.60 19.42
N ALA F 318 32.27 -28.10 19.97
CA ALA F 318 31.15 -27.27 20.40
C ALA F 318 31.60 -26.31 21.53
N GLY F 319 31.19 -25.05 21.43
CA GLY F 319 31.52 -24.06 22.46
C GLY F 319 30.77 -22.77 22.31
N ILE F 320 30.63 -22.06 23.43
CA ILE F 320 29.91 -20.79 23.46
C ILE F 320 30.82 -19.79 24.15
N TYR F 321 31.17 -18.71 23.45
CA TYR F 321 32.17 -17.75 23.93
C TYR F 321 31.61 -16.34 24.02
N LEU F 322 31.48 -15.82 25.24
CA LEU F 322 31.08 -14.41 25.45
C LEU F 322 32.28 -13.49 25.17
N LEU F 323 32.21 -12.77 24.04
CA LEU F 323 33.32 -11.95 23.57
C LEU F 323 33.63 -10.74 24.47
N GLY F 324 32.60 -10.12 25.02
CA GLY F 324 32.80 -9.02 25.94
C GLY F 324 33.45 -9.37 27.27
N GLN F 325 33.53 -10.65 27.61
CA GLN F 325 34.18 -11.12 28.85
C GLN F 325 35.61 -11.61 28.64
N ALA F 326 36.17 -11.43 27.43
CA ALA F 326 37.52 -11.85 27.14
C ALA F 326 38.55 -10.98 27.88
N LYS F 327 39.63 -11.57 28.35
CA LYS F 327 40.73 -10.82 28.98
C LYS F 327 41.58 -10.18 27.91
N LYS F 328 41.88 -8.90 28.07
CA LYS F 328 42.81 -8.22 27.18
C LYS F 328 44.20 -8.85 27.32
N ALA F 329 44.82 -9.22 26.20
CA ALA F 329 46.19 -9.70 26.22
C ALA F 329 47.13 -8.68 26.85
N GLU F 330 48.04 -9.13 27.71
CA GLU F 330 49.08 -8.26 28.26
C GLU F 330 50.35 -8.39 27.41
N THR F 331 51.06 -7.28 27.26
CA THR F 331 52.21 -7.24 26.35
C THR F 331 53.38 -8.01 26.97
N GLY F 332 54.17 -8.65 26.11
CA GLY F 332 55.31 -9.45 26.53
C GLY F 332 54.98 -10.75 27.24
N GLN F 333 53.79 -11.27 27.00
CA GLN F 333 53.36 -12.56 27.54
C GLN F 333 52.92 -13.43 26.37
N THR F 334 53.11 -14.74 26.48
CA THR F 334 52.72 -15.70 25.45
C THR F 334 51.40 -16.43 25.77
N TYR F 335 50.51 -16.50 24.77
CA TYR F 335 49.19 -17.11 24.92
C TYR F 335 49.01 -18.19 23.87
N SER F 336 48.53 -19.35 24.30
CA SER F 336 48.54 -20.58 23.48
C SER F 336 47.11 -21.12 23.37
N GLY F 337 46.74 -21.59 22.19
CA GLY F 337 45.42 -22.16 22.00
C GLY F 337 44.73 -21.70 20.74
N GLU F 338 43.50 -22.17 20.59
CA GLU F 338 42.78 -22.13 19.35
C GLU F 338 42.11 -20.77 19.09
N ILE F 339 42.23 -20.27 17.86
CA ILE F 339 41.51 -19.06 17.47
C ILE F 339 40.06 -19.44 17.27
N ILE F 340 39.17 -18.82 18.05
CA ILE F 340 37.74 -19.06 17.93
C ILE F 340 36.99 -18.01 17.07
N TYR F 341 37.55 -16.80 16.97
CA TYR F 341 36.98 -15.75 16.10
C TYR F 341 37.97 -14.64 15.83
N LYS F 342 37.86 -14.02 14.64
CA LYS F 342 38.62 -12.78 14.34
C LYS F 342 37.84 -11.87 13.40
N ASP F 343 38.05 -10.57 13.52
CA ASP F 343 37.44 -9.60 12.60
C ASP F 343 38.48 -8.52 12.25
N ALA F 344 38.04 -7.35 11.81
CA ALA F 344 38.95 -6.26 11.53
C ALA F 344 39.68 -5.75 12.76
N ALA F 345 39.00 -5.79 13.91
CA ALA F 345 39.48 -5.16 15.17
C ALA F 345 40.19 -6.07 16.17
N ALA F 346 39.80 -7.34 16.21
CA ALA F 346 40.25 -8.25 17.26
C ALA F 346 40.47 -9.70 16.83
N VAL F 347 41.34 -10.39 17.55
CA VAL F 347 41.49 -11.82 17.46
C VAL F 347 41.15 -12.38 18.84
N PHE F 348 40.30 -13.41 18.88
CA PHE F 348 39.86 -14.06 20.12
C PHE F 348 40.41 -15.48 20.16
N GLN F 349 41.09 -15.81 21.25
CA GLN F 349 41.84 -17.06 21.39
C GLN F 349 41.45 -17.78 22.71
N LYS F 350 41.13 -19.07 22.63
CA LYS F 350 40.76 -19.89 23.78
C LYS F 350 42.04 -20.43 24.37
N THR F 351 42.44 -19.92 25.53
CA THR F 351 43.56 -20.51 26.29
C THR F 351 43.03 -21.36 27.46
N LYS F 352 43.95 -22.03 28.17
CA LYS F 352 43.59 -22.75 29.41
C LYS F 352 43.12 -21.84 30.55
N ASN F 353 43.57 -20.58 30.55
CA ASN F 353 43.09 -19.54 31.49
C ASN F 353 41.89 -18.72 30.99
N GLY F 354 41.13 -19.24 30.02
CA GLY F 354 39.94 -18.54 29.50
C GLY F 354 40.21 -17.80 28.20
N LEU F 355 39.17 -17.11 27.72
CA LEU F 355 39.16 -16.43 26.44
C LEU F 355 39.98 -15.14 26.47
N VAL F 356 40.86 -14.99 25.48
CA VAL F 356 41.79 -13.86 25.41
C VAL F 356 41.51 -13.01 24.17
N ARG F 357 41.52 -11.70 24.34
CA ARG F 357 41.38 -10.76 23.25
C ARG F 357 42.76 -10.15 22.96
N HIS F 358 43.18 -10.22 21.69
CA HIS F 358 44.39 -9.57 21.16
C HIS F 358 43.93 -8.55 20.12
N ASN F 359 44.60 -7.41 20.04
CA ASN F 359 44.29 -6.43 18.99
C ASN F 359 44.71 -7.02 17.66
N ALA F 360 43.85 -6.93 16.65
CA ALA F 360 44.17 -7.45 15.30
C ALA F 360 45.39 -6.76 14.66
N THR F 361 45.76 -5.58 15.17
CA THR F 361 46.98 -4.90 14.83
C THR F 361 47.82 -4.67 16.09
N HIS F 362 49.13 -4.88 15.98
CA HIS F 362 50.04 -4.65 17.08
C HIS F 362 51.26 -3.87 16.59
N ASN F 363 51.43 -2.64 17.06
CA ASN F 363 52.59 -1.81 16.69
C ASN F 363 52.82 -1.73 15.18
N GLU F 364 51.75 -1.51 14.43
CA GLU F 364 51.71 -1.41 12.96
C GLU F 364 51.91 -2.74 12.23
N GLU F 365 51.79 -3.84 12.95
CA GLU F 365 51.94 -5.17 12.40
C GLU F 365 50.57 -5.80 12.51
N ARG F 366 50.13 -6.43 11.44
CA ARG F 366 48.81 -7.03 11.44
C ARG F 366 48.85 -8.46 11.97
N LEU F 367 48.22 -8.67 13.12
CA LEU F 367 48.13 -10.01 13.72
C LEU F 367 47.12 -10.91 13.01
N ALA F 368 45.98 -10.34 12.61
CA ALA F 368 44.86 -11.13 12.07
C ALA F 368 45.17 -12.01 10.85
N LYS F 369 45.93 -11.50 9.88
CA LYS F 369 46.31 -12.28 8.71
C LYS F 369 47.24 -13.47 9.03
N LEU F 370 47.95 -13.42 10.15
CA LEU F 370 48.90 -14.48 10.56
C LEU F 370 48.25 -15.70 11.22
N VAL F 371 46.95 -15.64 11.54
CA VAL F 371 46.22 -16.76 12.17
C VAL F 371 44.91 -17.05 11.42
N GLU F 372 44.46 -18.29 11.51
CA GLU F 372 43.15 -18.70 10.99
C GLU F 372 42.23 -19.18 12.14
N ILE F 373 40.93 -19.03 11.95
CA ILE F 373 39.95 -19.51 12.91
C ILE F 373 40.03 -21.05 12.93
N GLY F 374 39.90 -21.64 14.12
CA GLY F 374 40.12 -23.07 14.30
C GLY F 374 41.56 -23.54 14.43
N GLN F 375 42.54 -22.63 14.30
CA GLN F 375 43.94 -23.02 14.26
C GLN F 375 44.50 -22.85 15.67
N ASN F 376 45.27 -23.82 16.12
CA ASN F 376 45.97 -23.74 17.39
C ASN F 376 47.32 -23.09 17.19
N VAL F 377 47.50 -21.94 17.85
CA VAL F 377 48.73 -21.12 17.76
C VAL F 377 49.16 -20.59 19.13
N SER F 378 50.40 -20.13 19.20
CA SER F 378 50.84 -19.24 20.30
C SER F 378 51.15 -17.84 19.75
N ILE F 379 50.77 -16.81 20.51
CA ILE F 379 50.91 -15.40 20.13
C ILE F 379 51.66 -14.70 21.26
N GLY F 380 52.79 -14.05 20.93
CA GLY F 380 53.59 -13.34 21.90
C GLY F 380 54.26 -12.13 21.25
N SER F 381 54.99 -11.39 22.08
CA SER F 381 55.74 -10.20 21.64
C SER F 381 57.12 -10.12 22.31
N ASN F 382 58.13 -9.86 21.48
CA ASN F 382 59.47 -9.45 21.96
C ASN F 382 59.84 -8.09 21.34
N LYS F 383 59.60 -7.02 22.11
CA LYS F 383 59.90 -5.63 21.75
C LYS F 383 59.22 -5.20 20.45
N GLY F 384 57.91 -5.06 20.51
CA GLY F 384 57.10 -4.56 19.38
C GLY F 384 57.09 -5.37 18.10
N LYS F 385 57.43 -6.66 18.23
CA LYS F 385 57.48 -7.59 17.09
C LYS F 385 56.80 -8.90 17.48
N LEU F 386 55.79 -9.29 16.69
CA LEU F 386 54.99 -10.47 16.95
C LEU F 386 55.76 -11.75 16.67
N ILE F 387 55.65 -12.71 17.59
CA ILE F 387 56.02 -14.09 17.31
C ILE F 387 54.74 -14.91 17.32
N VAL F 388 54.40 -15.52 16.17
CA VAL F 388 53.24 -16.40 16.06
C VAL F 388 53.70 -17.75 15.54
N LYS F 389 53.53 -18.79 16.37
CA LYS F 389 53.91 -20.17 16.02
C LYS F 389 52.67 -21.06 15.91
N SER F 390 52.64 -21.95 14.95
CA SER F 390 51.60 -22.99 14.91
C SER F 390 51.86 -24.02 16.01
N LEU F 391 50.82 -24.40 16.75
CA LEU F 391 50.90 -25.49 17.71
C LEU F 391 50.20 -26.75 17.18
N GLU F 392 49.80 -26.76 15.90
CA GLU F 392 49.16 -27.91 15.27
C GLU F 392 50.05 -29.15 15.26
N TYR F 393 49.48 -30.29 15.58
CA TYR F 393 50.20 -31.55 15.55
C TYR F 393 49.26 -32.72 15.28
N SER F 394 49.86 -33.87 14.99
CA SER F 394 49.11 -35.12 14.87
C SER F 394 49.89 -36.22 15.57
N ALA F 395 49.23 -36.95 16.47
CA ALA F 395 49.89 -38.05 17.20
C ALA F 395 49.00 -39.30 17.34
N GLN G 7 -4.52 -24.07 1.88
CA GLN G 7 -3.75 -22.81 2.14
C GLN G 7 -3.90 -22.34 3.59
N GLU G 8 -5.13 -21.98 3.96
CA GLU G 8 -5.44 -21.35 5.24
C GLU G 8 -6.40 -22.22 6.12
N SER G 9 -5.96 -22.52 7.34
CA SER G 9 -6.72 -23.38 8.26
C SER G 9 -7.92 -22.68 8.84
N ASN G 10 -8.88 -23.49 9.29
CA ASN G 10 -10.05 -23.00 10.06
C ASN G 10 -9.69 -22.10 11.29
N ALA G 11 -8.60 -22.44 12.01
CA ALA G 11 -8.14 -21.64 13.16
C ALA G 11 -7.66 -20.22 12.76
N ILE G 12 -6.84 -20.13 11.72
CA ILE G 12 -6.32 -18.84 11.27
C ILE G 12 -7.45 -17.92 10.75
N ARG G 13 -8.44 -18.49 10.07
CA ARG G 13 -9.62 -17.69 9.67
C ARG G 13 -10.33 -17.17 10.91
N ILE G 15 -9.21 -16.58 13.80
CA ILE G 15 -8.41 -15.51 14.40
C ILE G 15 -8.55 -14.19 13.62
N LYS G 16 -8.50 -14.25 12.29
CA LYS G 16 -8.73 -13.05 11.47
C LYS G 16 -10.14 -12.49 11.68
N GLU G 17 -11.16 -13.34 11.69
CA GLU G 17 -12.54 -12.86 11.97
C GLU G 17 -12.62 -12.13 13.32
N ALA G 18 -11.92 -12.65 14.33
CA ALA G 18 -11.83 -12.01 15.64
C ALA G 18 -11.10 -10.67 15.60
N CYS G 19 -10.05 -10.57 14.78
CA CYS G 19 -9.38 -9.28 14.52
C CYS G 19 -10.29 -8.21 13.89
N GLU G 20 -11.14 -8.64 12.94
CA GLU G 20 -12.10 -7.71 12.32
C GLU G 20 -13.14 -7.28 13.37
N LYS G 21 -13.52 -8.20 14.27
CA LYS G 21 -14.43 -7.84 15.38
C LYS G 21 -13.79 -6.92 16.41
N ASN G 22 -12.50 -7.11 16.69
CA ASN G 22 -11.74 -6.18 17.57
C ASN G 22 -11.84 -4.75 17.02
N ARG G 23 -11.64 -4.60 15.72
CA ARG G 23 -11.72 -3.28 15.06
C ARG G 23 -13.12 -2.66 15.19
N ARG G 24 -14.16 -3.48 15.09
CA ARG G 24 -15.54 -3.02 15.23
C ARG G 24 -15.81 -2.47 16.64
N THR G 27 -15.05 1.35 16.99
CA THR G 27 -15.97 2.30 16.33
C THR G 27 -17.46 2.04 16.64
N ASP G 28 -17.76 1.19 17.62
CA ASP G 28 -19.14 0.79 17.95
C ASP G 28 -19.29 0.58 19.47
N GLU G 29 -19.50 1.69 20.17
CA GLU G 29 -19.58 1.69 21.64
C GLU G 29 -20.64 0.74 22.22
N ALA G 30 -21.75 0.50 21.50
CA ALA G 30 -22.79 -0.45 21.95
C ALA G 30 -22.29 -1.89 21.94
N PHE G 31 -21.49 -2.25 20.93
CA PHE G 31 -20.87 -3.57 20.83
C PHE G 31 -19.77 -3.79 21.91
N ARG G 32 -18.87 -2.82 22.07
CA ARG G 32 -17.81 -2.89 23.09
C ARG G 32 -18.35 -3.05 24.51
N LYS G 33 -19.48 -2.39 24.80
CA LYS G 33 -20.16 -2.55 26.08
C LYS G 33 -20.73 -3.96 26.27
N GLU G 34 -21.29 -4.53 25.20
CA GLU G 34 -21.89 -5.88 25.20
C GLU G 34 -20.84 -6.96 25.48
N VAL G 35 -19.69 -6.85 24.81
CA VAL G 35 -18.56 -7.76 25.00
C VAL G 35 -17.99 -7.60 26.41
N GLU G 36 -17.75 -6.37 26.83
CA GLU G 36 -17.20 -6.11 28.17
C GLU G 36 -18.17 -6.41 29.31
N LYS G 37 -19.48 -6.39 29.04
CA LYS G 37 -20.51 -6.87 29.98
C LYS G 37 -20.34 -8.37 30.28
N ARG G 38 -20.13 -9.17 29.24
CA ARG G 38 -19.95 -10.63 29.35
C ARG G 38 -18.61 -11.04 29.98
N LEU G 39 -17.54 -10.35 29.60
CA LEU G 39 -16.22 -10.64 30.14
C LEU G 39 -16.19 -10.53 31.65
N TYR G 40 -16.81 -9.47 32.17
CA TYR G 40 -16.74 -9.14 33.59
C TYR G 40 -18.01 -9.51 34.39
N ALA G 41 -18.95 -10.21 33.72
CA ALA G 41 -20.22 -10.67 34.34
C ALA G 41 -20.06 -11.41 35.66
N GLY G 42 -19.01 -12.22 35.74
CA GLY G 42 -18.79 -13.08 36.89
C GLY G 42 -19.66 -14.30 36.70
N PRO G 43 -19.87 -15.08 37.76
CA PRO G 43 -20.76 -16.24 37.67
C PRO G 43 -22.22 -15.85 37.48
N SER G 44 -22.94 -16.56 36.59
CA SER G 44 -24.38 -16.35 36.43
C SER G 44 -25.11 -16.65 37.73
N PRO G 45 -26.34 -16.12 37.91
CA PRO G 45 -27.09 -16.50 39.10
C PRO G 45 -27.34 -18.00 39.20
N GLU G 46 -27.57 -18.66 38.07
CA GLU G 46 -27.72 -20.13 38.06
C GLU G 46 -26.44 -20.81 38.57
N LEU G 47 -25.29 -20.37 38.08
CA LEU G 47 -24.01 -20.98 38.46
C LEU G 47 -23.69 -20.73 39.92
N LEU G 48 -23.98 -19.53 40.40
CA LEU G 48 -23.77 -19.15 41.80
C LEU G 48 -24.56 -20.01 42.77
N ALA G 49 -25.82 -20.29 42.41
CA ALA G 49 -26.67 -21.16 43.22
C ALA G 49 -25.97 -22.51 43.46
N LYS G 50 -25.45 -23.09 42.38
CA LYS G 50 -24.77 -24.40 42.45
C LYS G 50 -23.48 -24.31 43.27
N LEU G 51 -22.69 -23.28 43.00
CA LEU G 51 -21.45 -23.03 43.75
C LEU G 51 -21.68 -22.92 45.25
N ARG G 52 -22.74 -22.21 45.66
CA ARG G 52 -23.07 -22.05 47.08
C ARG G 52 -23.38 -23.37 47.76
N VAL G 53 -24.14 -24.22 47.08
CA VAL G 53 -24.37 -25.57 47.57
C VAL G 53 -23.05 -26.33 47.64
N LEU G 54 -22.27 -26.29 46.55
CA LEU G 54 -20.96 -26.97 46.55
C LEU G 54 -20.00 -26.48 47.64
N TRP G 55 -19.94 -25.18 47.87
CA TRP G 55 -19.10 -24.63 48.96
C TRP G 55 -19.66 -25.01 50.33
N ALA G 56 -20.96 -24.79 50.56
CA ALA G 56 -21.59 -25.04 51.88
C ALA G 56 -21.45 -26.48 52.32
N ALA G 57 -21.63 -27.41 51.39
CA ALA G 57 -21.58 -28.85 51.68
C ALA G 57 -20.18 -29.39 52.00
N ASN G 58 -19.16 -28.60 51.69
CA ASN G 58 -17.77 -29.04 51.83
C ASN G 58 -16.89 -28.17 52.71
N LYS G 59 -17.47 -27.29 53.51
CA LYS G 59 -16.68 -26.48 54.45
C LYS G 59 -16.12 -27.35 55.60
N GLU G 60 -15.10 -26.86 56.28
CA GLU G 60 -14.48 -27.59 57.41
C GLU G 60 -15.27 -27.36 58.70
N VAL H 2 -11.94 -37.88 39.23
CA VAL H 2 -10.98 -37.21 38.35
C VAL H 2 -10.00 -36.50 39.29
N LYS H 3 -8.73 -36.84 39.23
CA LYS H 3 -7.73 -36.22 40.11
C LYS H 3 -7.08 -35.05 39.41
N LEU H 4 -6.50 -34.15 40.18
CA LEU H 4 -5.69 -33.09 39.62
C LEU H 4 -4.53 -33.67 38.79
N SER H 5 -4.17 -33.00 37.71
CA SER H 5 -3.06 -33.45 36.90
C SER H 5 -1.75 -33.38 37.68
N SER H 6 -1.69 -32.53 38.70
CA SER H 6 -0.49 -32.42 39.54
C SER H 6 -0.74 -31.90 40.96
N ASP H 7 0.32 -31.87 41.76
CA ASP H 7 0.32 -31.20 43.08
C ASP H 7 0.33 -29.69 42.88
N ILE H 8 -0.41 -28.97 43.70
CA ILE H 8 -0.45 -27.51 43.58
C ILE H 8 0.71 -26.93 44.39
N ASN H 9 1.56 -26.17 43.75
CA ASN H 9 2.64 -25.46 44.42
C ASN H 9 2.15 -24.31 45.34
N LEU H 10 2.56 -24.39 46.60
CA LEU H 10 2.34 -23.34 47.57
C LEU H 10 3.31 -22.20 47.35
N ARG H 11 2.82 -20.96 47.41
CA ARG H 11 3.68 -19.79 47.49
C ARG H 11 3.89 -19.43 48.95
N ASP H 12 4.98 -18.70 49.20
CA ASP H 12 5.32 -18.18 50.52
C ASP H 12 4.72 -16.78 50.71
N PHE H 13 3.76 -16.69 51.62
CA PHE H 13 3.13 -15.42 52.00
C PHE H 13 3.68 -14.80 53.29
N GLY H 14 4.54 -15.54 53.99
CA GLY H 14 5.22 -15.05 55.18
C GLY H 14 4.28 -14.93 56.35
N ASN H 15 4.20 -13.72 56.89
CA ASN H 15 3.41 -13.40 58.10
C ASN H 15 1.94 -13.08 57.80
N ASN H 16 1.61 -12.92 56.52
CA ASN H 16 0.23 -12.68 56.08
C ASN H 16 -0.60 -13.98 56.22
N GLU H 17 -1.17 -14.17 57.40
CA GLU H 17 -1.96 -15.38 57.73
C GLU H 17 -3.22 -15.45 56.87
N TYR H 18 -3.86 -14.31 56.63
CA TYR H 18 -5.04 -14.27 55.76
C TYR H 18 -4.77 -15.00 54.43
N LEU H 19 -3.73 -14.58 53.72
CA LEU H 19 -3.42 -15.14 52.40
C LEU H 19 -2.98 -16.60 52.51
N SER H 20 -2.29 -16.90 53.60
CA SER H 20 -1.73 -18.20 53.83
C SER H 20 -2.80 -19.25 54.01
N SER H 21 -3.90 -18.89 54.65
CA SER H 21 -5.01 -19.82 54.86
C SER H 21 -6.02 -19.79 53.69
N VAL H 22 -6.16 -18.64 53.02
CA VAL H 22 -6.89 -18.61 51.73
C VAL H 22 -6.22 -19.56 50.74
N GLN H 23 -4.89 -19.54 50.68
CA GLN H 23 -4.14 -20.47 49.82
C GLN H 23 -4.49 -21.90 50.15
N ASP H 24 -4.40 -22.26 51.43
CA ASP H 24 -4.68 -23.63 51.84
C ASP H 24 -6.11 -24.04 51.57
N GLU H 25 -7.06 -23.17 51.88
CA GLU H 25 -8.47 -23.41 51.56
C GLU H 25 -8.74 -23.58 50.06
N ALA H 26 -8.02 -22.85 49.21
CA ALA H 26 -8.16 -22.97 47.76
C ALA H 26 -7.60 -24.32 47.29
N ILE H 27 -6.46 -24.70 47.83
CA ILE H 27 -5.83 -25.97 47.50
C ILE H 27 -6.69 -27.15 47.94
N ARG H 28 -7.32 -27.06 49.11
CA ARG H 28 -8.19 -28.14 49.58
C ARG H 28 -9.41 -28.33 48.68
N PHE H 29 -10.00 -27.21 48.26
CA PHE H 29 -11.17 -27.24 47.41
C PHE H 29 -10.81 -27.82 46.02
N ALA H 30 -9.78 -27.28 45.40
CA ALA H 30 -9.35 -27.75 44.09
C ALA H 30 -8.92 -29.23 44.11
N THR H 31 -8.34 -29.69 45.21
CA THR H 31 -7.90 -31.09 45.30
C THR H 31 -9.05 -32.06 45.58
N GLU H 32 -9.91 -31.73 46.53
CA GLU H 32 -10.94 -32.68 46.99
C GLU H 32 -12.23 -32.67 46.15
N GLN H 33 -12.54 -31.55 45.53
CA GLN H 33 -13.75 -31.40 44.78
C GLN H 33 -13.53 -31.26 43.26
N THR H 34 -12.46 -31.88 42.77
CA THR H 34 -12.03 -31.70 41.39
C THR H 34 -13.12 -32.08 40.40
N ASP H 35 -13.81 -33.17 40.68
CA ASP H 35 -14.82 -33.69 39.76
C ASP H 35 -15.94 -32.68 39.55
N GLU H 36 -16.51 -32.20 40.65
CA GLU H 36 -17.65 -31.28 40.57
C GLU H 36 -17.23 -29.89 40.11
N ILE H 37 -16.01 -29.48 40.45
CA ILE H 37 -15.48 -28.22 39.92
C ILE H 37 -15.42 -28.27 38.41
N LEU H 38 -14.86 -29.35 37.83
CA LEU H 38 -14.72 -29.45 36.36
C LEU H 38 -16.08 -29.56 35.65
N SER H 39 -17.03 -30.23 36.29
CA SER H 39 -18.36 -30.34 35.77
C SER H 39 -19.08 -29.00 35.77
N LEU H 40 -18.95 -28.22 36.85
CA LEU H 40 -19.53 -26.86 36.86
C LEU H 40 -18.89 -25.96 35.80
N TYR H 41 -17.57 -26.06 35.62
CA TYR H 41 -16.86 -25.30 34.60
C TYR H 41 -17.40 -25.58 33.20
N SER H 42 -17.56 -26.86 32.90
CA SER H 42 -17.98 -27.33 31.58
C SER H 42 -19.45 -27.04 31.29
N GLN H 43 -20.35 -27.48 32.16
CA GLN H 43 -21.77 -27.50 31.82
C GLN H 43 -22.51 -26.19 32.14
N HIS H 44 -21.94 -25.36 33.02
CA HIS H 44 -22.66 -24.23 33.61
C HIS H 44 -21.93 -22.88 33.65
N ALA H 45 -20.79 -22.77 32.96
CA ALA H 45 -20.02 -21.51 32.95
C ALA H 45 -19.71 -21.11 31.51
N ASP H 46 -19.32 -19.85 31.31
CA ASP H 46 -19.04 -19.32 29.97
C ASP H 46 -17.74 -19.91 29.38
N THR H 47 -17.75 -21.19 29.05
CA THR H 47 -16.52 -21.89 28.68
C THR H 47 -16.65 -22.73 27.39
N GLU H 48 -17.66 -22.45 26.56
CA GLU H 48 -18.02 -23.26 25.40
C GLU H 48 -18.04 -24.76 25.71
N GLY H 49 -18.86 -25.16 26.66
CA GLY H 49 -18.86 -26.55 27.12
C GLY H 49 -17.51 -27.01 27.68
N GLY H 50 -16.75 -26.08 28.28
CA GLY H 50 -15.43 -26.38 28.83
C GLY H 50 -14.30 -26.50 27.83
N ARG H 51 -14.52 -26.09 26.58
CA ARG H 51 -13.47 -26.11 25.55
C ARG H 51 -12.56 -24.90 25.62
N TYR H 52 -13.07 -23.80 26.16
CA TYR H 52 -12.28 -22.65 26.48
C TYR H 52 -11.75 -22.91 27.88
N VAL H 53 -10.42 -22.92 27.99
CA VAL H 53 -9.72 -23.28 29.22
C VAL H 53 -8.84 -22.10 29.63
N CYS H 54 -9.21 -21.46 30.73
CA CYS H 54 -8.43 -20.37 31.30
C CYS H 54 -8.45 -20.42 32.80
N ALA H 55 -7.31 -20.16 33.44
CA ALA H 55 -7.20 -20.13 34.89
C ALA H 55 -8.01 -18.99 35.51
N ASP H 56 -8.12 -17.86 34.82
CA ASP H 56 -8.96 -16.73 35.25
C ASP H 56 -10.46 -17.04 35.27
N THR H 57 -10.93 -17.96 34.45
CA THR H 57 -12.32 -18.40 34.58
C THR H 57 -12.49 -19.43 35.69
N PHE H 58 -11.52 -20.29 35.92
CA PHE H 58 -11.59 -21.19 37.08
C PHE H 58 -11.68 -20.45 38.41
N LYS H 59 -11.10 -19.25 38.49
CA LYS H 59 -11.07 -18.44 39.73
C LYS H 59 -12.48 -18.09 40.23
N GLU H 60 -13.40 -17.92 39.30
CA GLU H 60 -14.77 -17.56 39.63
C GLU H 60 -15.56 -18.64 40.38
N LEU H 61 -15.01 -19.84 40.50
CA LEU H 61 -15.64 -20.96 41.15
C LEU H 61 -15.08 -21.20 42.56
N PHE H 62 -14.20 -20.32 43.01
CA PHE H 62 -13.61 -20.37 44.35
C PHE H 62 -14.38 -19.44 45.28
N PRO H 63 -14.68 -19.90 46.50
CA PRO H 63 -15.39 -19.04 47.45
C PRO H 63 -14.70 -17.69 47.69
N ALA H 64 -13.39 -17.73 47.84
CA ALA H 64 -12.61 -16.53 48.12
C ALA H 64 -12.73 -15.45 47.05
N PHE H 65 -13.05 -15.84 45.82
CA PHE H 65 -13.12 -14.90 44.71
C PHE H 65 -14.53 -14.35 44.47
N GLU H 66 -15.51 -14.84 45.21
CA GLU H 66 -16.91 -14.46 45.00
C GLU H 66 -17.18 -12.94 45.01
N ASN H 67 -16.60 -12.23 45.98
CA ASN H 67 -16.86 -10.80 46.13
C ASN H 67 -15.79 -9.92 45.47
N LYS H 68 -16.25 -9.13 44.52
CA LYS H 68 -15.49 -8.07 43.83
C LYS H 68 -14.32 -7.41 44.61
N GLU H 69 -14.60 -6.96 45.83
CA GLU H 69 -13.64 -6.15 46.61
C GLU H 69 -12.44 -6.94 47.10
N ASP H 70 -12.54 -8.26 47.09
CA ASP H 70 -11.49 -9.13 47.59
C ASP H 70 -10.63 -9.77 46.49
N ARG H 71 -10.99 -9.59 45.22
CA ARG H 71 -10.34 -10.41 44.18
C ARG H 71 -8.87 -10.08 43.96
N ALA H 72 -8.52 -8.79 44.01
CA ALA H 72 -7.13 -8.34 43.94
C ALA H 72 -6.27 -8.93 45.06
N THR H 73 -6.82 -8.95 46.26
CA THR H 73 -6.10 -9.46 47.42
C THR H 73 -5.84 -10.95 47.33
N VAL H 74 -6.85 -11.74 46.96
CA VAL H 74 -6.73 -13.21 46.97
C VAL H 74 -6.15 -13.85 45.70
N ASN H 75 -6.05 -13.06 44.64
CA ASN H 75 -5.61 -13.55 43.32
C ASN H 75 -4.41 -14.50 43.30
N ASN H 76 -3.29 -14.06 43.88
CA ASN H 76 -2.04 -14.85 43.93
C ASN H 76 -2.21 -16.08 44.78
N ALA H 77 -2.95 -15.97 45.89
CA ALA H 77 -3.23 -17.10 46.76
C ALA H 77 -3.95 -18.26 46.05
N ILE H 78 -4.84 -17.96 45.11
CA ILE H 78 -5.61 -19.02 44.42
C ILE H 78 -5.07 -19.35 43.03
N HIS H 79 -4.16 -18.53 42.50
CA HIS H 79 -3.73 -18.66 41.12
C HIS H 79 -3.28 -20.09 40.78
N ASN H 80 -2.36 -20.65 41.55
CA ASN H 80 -1.78 -21.98 41.22
C ASN H 80 -2.84 -23.09 41.19
N SER H 81 -3.80 -23.03 42.11
CA SER H 81 -4.98 -23.92 42.15
C SER H 81 -5.85 -23.79 40.88
N ALA H 82 -6.10 -22.57 40.42
CA ALA H 82 -6.81 -22.40 39.15
C ALA H 82 -6.02 -22.92 37.92
N ALA H 83 -4.71 -22.68 37.86
CA ALA H 83 -3.90 -23.14 36.74
C ALA H 83 -3.89 -24.66 36.68
N VAL H 84 -3.72 -25.32 37.83
CA VAL H 84 -3.70 -26.78 37.83
C VAL H 84 -5.06 -27.38 37.47
N LEU H 85 -6.15 -26.79 37.93
CA LEU H 85 -7.49 -27.15 37.45
C LEU H 85 -7.60 -26.93 35.93
N SER H 86 -6.95 -25.89 35.42
CA SER H 86 -6.87 -25.63 33.99
C SER H 86 -6.14 -26.73 33.24
N SER H 87 -4.98 -27.16 33.75
CA SER H 87 -4.24 -28.27 33.13
C SER H 87 -5.08 -29.53 33.15
N THR H 88 -5.79 -29.73 34.25
CA THR H 88 -6.56 -30.93 34.44
C THR H 88 -7.69 -30.94 33.42
N GLN H 89 -8.36 -29.79 33.26
CA GLN H 89 -9.42 -29.63 32.27
C GLN H 89 -8.89 -29.82 30.86
N PHE H 90 -7.74 -29.19 30.56
CA PHE H 90 -7.02 -29.40 29.29
C PHE H 90 -6.90 -30.89 28.96
N ASP H 91 -6.38 -31.70 29.90
CA ASP H 91 -6.21 -33.17 29.74
C ASP H 91 -7.53 -33.92 29.51
N GLU H 92 -8.57 -33.57 30.25
CA GLU H 92 -9.91 -34.17 30.10
C GLU H 92 -10.51 -33.91 28.73
N VAL H 93 -10.41 -32.66 28.25
CA VAL H 93 -10.93 -32.35 26.94
C VAL H 93 -10.12 -33.13 25.88
N LEU H 94 -8.81 -33.30 26.09
CA LEU H 94 -7.99 -34.10 25.17
C LEU H 94 -8.35 -35.57 25.09
N LYS H 95 -8.80 -36.14 26.21
CA LYS H 95 -9.22 -37.55 26.25
C LYS H 95 -10.48 -37.85 25.41
N ARG H 96 -11.39 -36.88 25.29
CA ARG H 96 -12.64 -37.09 24.54
C ARG H 96 -12.34 -37.49 23.08
N ASP H 97 -12.85 -38.64 22.68
CA ASP H 97 -12.66 -39.18 21.34
C ASP H 97 -13.55 -38.41 20.36
N GLU H 98 -12.92 -37.51 19.61
CA GLU H 98 -13.59 -36.58 18.72
C GLU H 98 -12.75 -36.42 17.43
N PRO H 99 -12.85 -37.41 16.52
CA PRO H 99 -11.99 -37.36 15.30
C PRO H 99 -12.12 -36.11 14.41
N GLN H 100 -13.24 -35.40 14.48
CA GLN H 100 -13.43 -34.16 13.70
C GLN H 100 -12.72 -32.92 14.29
N LYS H 101 -12.43 -32.93 15.59
CA LYS H 101 -11.87 -31.77 16.28
C LYS H 101 -10.35 -31.91 16.25
N LYS H 102 -9.69 -31.16 15.38
CA LYS H 102 -8.26 -31.34 15.10
C LYS H 102 -7.40 -30.16 15.53
N GLU H 103 -7.99 -29.08 16.00
CA GLU H 103 -7.28 -27.81 16.17
C GLU H 103 -7.17 -27.36 17.60
N VAL H 104 -5.96 -26.98 17.99
CA VAL H 104 -5.72 -26.43 19.31
C VAL H 104 -5.06 -25.07 19.23
N ILE H 105 -5.69 -24.12 19.90
CA ILE H 105 -5.28 -22.74 19.84
C ILE H 105 -4.95 -22.28 21.24
N PHE H 106 -3.72 -21.75 21.38
CA PHE H 106 -3.16 -21.16 22.63
C PHE H 106 -3.10 -19.65 22.42
N VAL H 107 -3.71 -18.90 23.32
CA VAL H 107 -3.73 -17.45 23.26
C VAL H 107 -3.03 -16.84 24.49
N THR H 108 -2.19 -15.83 24.27
CA THR H 108 -1.37 -15.27 25.34
C THR H 108 -1.06 -13.81 25.10
N GLY H 109 -0.69 -13.13 26.17
CA GLY H 109 -0.26 -11.75 26.08
C GLY H 109 -0.30 -11.01 27.40
N ILE H 110 0.32 -9.84 27.41
CA ILE H 110 0.39 -8.98 28.60
C ILE H 110 -1.03 -8.65 29.08
N PRO H 111 -1.27 -8.66 30.41
CA PRO H 111 -2.59 -8.27 30.91
C PRO H 111 -3.02 -6.86 30.47
N GLY H 112 -4.29 -6.72 30.06
CA GLY H 112 -4.82 -5.49 29.46
C GLY H 112 -4.67 -5.36 27.95
N SER H 113 -4.02 -6.31 27.30
CA SER H 113 -3.81 -6.31 25.85
C SER H 113 -5.06 -6.70 25.06
N GLY H 114 -6.14 -7.08 25.74
CA GLY H 114 -7.36 -7.47 25.08
C GLY H 114 -7.31 -8.89 24.55
N ALA H 115 -6.45 -9.73 25.15
CA ALA H 115 -6.34 -11.13 24.75
C ALA H 115 -7.64 -11.88 25.02
N THR H 116 -8.19 -11.69 26.22
CA THR H 116 -9.48 -12.30 26.59
C THR H 116 -10.64 -11.80 25.72
N SER H 117 -10.74 -10.49 25.54
CA SER H 117 -11.76 -9.90 24.67
C SER H 117 -11.63 -10.43 23.24
N THR H 118 -10.40 -10.64 22.79
CA THR H 118 -10.13 -11.20 21.47
C THR H 118 -10.67 -12.63 21.34
N VAL H 119 -10.34 -13.48 22.33
CA VAL H 119 -10.89 -14.84 22.44
C VAL H 119 -12.44 -14.89 22.45
N LYS H 120 -13.07 -13.96 23.17
CA LYS H 120 -14.53 -13.85 23.15
C LYS H 120 -15.07 -13.44 21.76
N ASN H 121 -14.27 -12.74 20.96
CA ASN H 121 -14.60 -12.43 19.55
C ASN H 121 -14.24 -13.54 18.54
N GLN H 125 -15.20 -23.12 15.88
CA GLN H 125 -15.45 -23.93 14.69
C GLN H 125 -15.75 -25.39 15.06
N ASP H 126 -16.26 -26.16 14.11
CA ASP H 126 -16.59 -27.58 14.33
C ASP H 126 -15.34 -28.45 14.42
N THR H 127 -14.23 -27.94 13.88
CA THR H 127 -12.92 -28.56 14.00
C THR H 127 -12.06 -28.06 15.19
N THR H 128 -12.57 -27.12 15.98
CA THR H 128 -11.86 -26.58 17.13
C THR H 128 -12.01 -27.53 18.30
N LYS H 129 -10.89 -28.16 18.69
CA LYS H 129 -10.88 -29.02 19.88
C LYS H 129 -10.74 -28.30 21.20
N LEU H 130 -9.87 -27.31 21.26
CA LEU H 130 -9.52 -26.64 22.52
C LEU H 130 -8.97 -25.24 22.28
N LEU H 131 -9.35 -24.33 23.18
CA LEU H 131 -8.79 -23.01 23.24
C LEU H 131 -8.24 -22.76 24.65
N PHE H 132 -6.91 -22.68 24.78
CA PHE H 132 -6.28 -22.42 26.07
C PHE H 132 -5.71 -21.00 26.15
N GLU H 133 -6.11 -20.25 27.17
CA GLU H 133 -5.54 -18.92 27.43
C GLU H 133 -4.69 -18.89 28.73
N GLY H 134 -3.43 -18.47 28.56
CA GLY H 134 -2.46 -18.40 29.65
C GLY H 134 -1.08 -17.87 29.21
N GLN H 135 -0.24 -17.54 30.19
CA GLN H 135 1.10 -17.01 29.91
C GLN H 135 2.02 -18.07 29.26
N LEU H 136 2.80 -17.63 28.26
CA LEU H 136 3.84 -18.46 27.66
C LEU H 136 5.24 -17.88 27.85
N ALA H 137 5.36 -16.79 28.60
CA ALA H 137 6.68 -16.20 28.86
C ALA H 137 7.62 -17.20 29.55
N ARG H 138 7.10 -18.00 30.48
CA ARG H 138 7.81 -19.19 30.98
C ARG H 138 7.09 -20.44 30.42
N PRO H 139 7.54 -20.94 29.26
CA PRO H 139 6.81 -21.94 28.46
C PRO H 139 6.88 -23.40 28.94
N GLN H 140 7.54 -23.65 30.07
CA GLN H 140 7.75 -25.00 30.56
C GLN H 140 6.43 -25.81 30.68
N SER H 141 5.50 -25.29 31.45
CA SER H 141 4.16 -25.85 31.66
C SER H 141 3.40 -26.02 30.32
N ALA H 142 3.49 -25.02 29.45
CA ALA H 142 2.90 -25.11 28.12
C ALA H 142 3.57 -26.14 27.19
N PHE H 143 4.84 -26.52 27.44
CA PHE H 143 5.49 -27.63 26.72
C PHE H 143 4.78 -28.99 26.91
N ARG H 144 4.39 -29.32 28.13
CA ARG H 144 3.66 -30.57 28.41
C ARG H 144 2.32 -30.61 27.63
N LYS H 145 1.65 -29.47 27.54
CA LYS H 145 0.40 -29.35 26.81
C LYS H 145 0.60 -29.54 25.30
N ILE H 146 1.61 -28.87 24.75
CA ILE H 146 1.90 -28.94 23.31
C ILE H 146 2.26 -30.37 22.91
N GLU H 147 3.20 -30.97 23.65
CA GLU H 147 3.55 -32.37 23.49
C GLU H 147 2.32 -33.27 23.30
N GLN H 148 1.32 -33.07 24.17
CA GLN H 148 0.13 -33.90 24.18
C GLN H 148 -0.77 -33.66 22.98
N CYS H 149 -0.80 -32.42 22.50
CA CYS H 149 -1.53 -32.11 21.28
C CYS H 149 -0.89 -32.87 20.13
N LEU H 150 0.44 -32.79 20.05
CA LEU H 150 1.22 -33.35 18.95
C LEU H 150 1.29 -34.87 19.02
N GLU H 151 1.24 -35.44 20.23
CA GLU H 151 1.05 -36.88 20.41
C GLU H 151 -0.28 -37.40 19.80
N ARG H 152 -1.27 -36.53 19.67
CA ARG H 152 -2.57 -36.94 19.13
C ARG H 152 -2.83 -36.35 17.75
N ASN H 153 -1.78 -35.87 17.07
CA ASN H 153 -1.85 -35.37 15.70
C ASN H 153 -2.68 -34.11 15.55
N LEU H 154 -2.80 -33.35 16.64
CA LEU H 154 -3.61 -32.13 16.62
C LEU H 154 -2.78 -30.99 16.03
N GLU H 155 -3.43 -30.03 15.41
CA GLU H 155 -2.74 -28.86 14.86
C GLU H 155 -2.76 -27.76 15.92
N VAL H 156 -1.60 -27.14 16.15
CA VAL H 156 -1.41 -26.20 17.23
C VAL H 156 -1.11 -24.84 16.68
N THR H 157 -1.86 -23.86 17.18
CA THR H 157 -1.64 -22.47 16.80
C THR H 157 -1.54 -21.60 18.05
N ILE H 158 -0.49 -20.78 18.11
CA ILE H 158 -0.25 -19.89 19.23
C ILE H 158 -0.46 -18.47 18.74
N VAL H 159 -1.36 -17.74 19.41
CA VAL H 159 -1.64 -16.35 19.10
C VAL H 159 -1.08 -15.48 20.22
N ALA H 160 -0.06 -14.67 19.91
CA ALA H 160 0.51 -13.67 20.83
C ALA H 160 -0.14 -12.32 20.60
N VAL H 161 -0.97 -11.88 21.54
CA VAL H 161 -1.60 -10.56 21.50
C VAL H 161 -0.69 -9.54 22.20
N SER H 162 -0.58 -8.33 21.65
CA SER H 162 0.43 -7.35 22.13
C SER H 162 -0.03 -5.92 22.08
N ARG H 164 1.55 -1.83 23.90
CA ARG H 164 2.57 -1.19 24.76
C ARG H 164 2.11 -1.28 26.20
N ALA H 165 3.01 -1.67 27.09
CA ALA H 165 2.72 -1.79 28.54
C ALA H 165 1.81 -0.68 29.09
N GLU H 166 2.18 0.56 28.80
CA GLU H 166 1.49 1.74 29.29
C GLU H 166 -0.01 1.78 28.95
N ARG H 167 -0.35 1.59 27.68
CA ARG H 167 -1.75 1.55 27.26
C ARG H 167 -2.47 0.32 27.85
N ALA H 168 -1.78 -0.82 27.91
CA ALA H 168 -2.32 -2.01 28.58
C ALA H 168 -2.63 -1.74 30.07
N SER H 169 -1.77 -0.97 30.71
CA SER H 169 -1.96 -0.59 32.11
C SER H 169 -3.26 0.18 32.29
N ASP H 170 -3.54 1.15 31.42
CA ASP H 170 -4.79 1.89 31.48
C ASP H 170 -5.99 0.93 31.42
N ASN H 171 -5.93 -0.11 30.59
CA ASN H 171 -7.00 -1.13 30.57
C ASN H 171 -7.06 -1.91 31.87
N THR H 172 -5.92 -2.21 32.49
CA THR H 172 -5.93 -2.92 33.78
C THR H 172 -6.63 -2.11 34.88
N TYR H 173 -6.51 -0.79 34.84
CA TYR H 173 -7.23 0.08 35.78
C TYR H 173 -8.76 0.00 35.64
N LYS H 174 -9.27 0.06 34.40
CA LYS H 174 -10.71 -0.02 34.14
C LYS H 174 -11.26 -1.36 34.55
N ARG H 175 -10.52 -2.42 34.24
CA ARG H 175 -10.88 -3.76 34.67
C ARG H 175 -10.90 -3.87 36.20
N PHE H 176 -9.91 -3.32 36.88
CA PHE H 176 -9.92 -3.34 38.33
C PHE H 176 -11.16 -2.65 38.90
N ASN H 177 -11.57 -1.54 38.29
CA ASN H 177 -12.69 -0.74 38.81
C ASN H 177 -14.08 -1.38 38.60
N GLU H 178 -14.28 -2.15 37.53
CA GLU H 178 -15.56 -2.82 37.28
C GLU H 178 -15.62 -4.27 37.77
N TYR H 179 -14.53 -5.01 37.58
CA TYR H 179 -14.45 -6.45 37.90
C TYR H 179 -13.68 -6.76 39.19
N GLY H 180 -12.74 -5.91 39.61
CA GLY H 180 -12.02 -6.11 40.88
C GLY H 180 -10.62 -6.71 40.81
N ARG H 181 -10.19 -7.13 39.60
CA ARG H 181 -8.83 -7.66 39.39
C ARG H 181 -8.17 -6.88 38.27
N GLY H 182 -6.97 -6.41 38.54
CA GLY H 182 -6.17 -5.73 37.54
C GLY H 182 -4.97 -6.62 37.28
N ALA H 183 -3.80 -6.10 37.63
CA ALA H 183 -2.56 -6.75 37.32
C ALA H 183 -1.42 -5.98 37.96
N SER H 184 -0.47 -6.72 38.54
CA SER H 184 0.71 -6.10 39.10
C SER H 184 1.69 -5.67 37.98
N ILE H 185 2.43 -4.60 38.22
CA ILE H 185 3.43 -4.18 37.23
C ILE H 185 4.57 -5.21 37.11
N GLY H 186 4.87 -5.94 38.20
CA GLY H 186 5.86 -7.01 38.17
C GLY H 186 5.55 -8.09 37.13
N ILE H 187 4.30 -8.52 37.09
CA ILE H 187 3.90 -9.61 36.19
C ILE H 187 3.75 -9.08 34.75
N ALA H 189 5.53 -6.61 33.34
CA ALA H 189 6.90 -6.43 32.84
C ALA H 189 7.60 -7.74 32.59
N ASP H 190 7.43 -8.71 33.50
CA ASP H 190 7.89 -10.09 33.31
C ASP H 190 7.34 -10.66 31.99
N ILE H 191 6.04 -10.51 31.75
CA ILE H 191 5.46 -11.08 30.55
C ILE H 191 5.94 -10.35 29.30
N GLN H 192 5.86 -9.03 29.26
CA GLN H 192 6.22 -8.29 28.04
C GLN H 192 7.70 -8.39 27.68
N ALA H 193 8.56 -8.51 28.68
CA ALA H 193 10.00 -8.69 28.45
C ALA H 193 10.35 -10.08 27.98
N ASN H 194 9.70 -11.09 28.54
CA ASN H 194 10.11 -12.47 28.34
C ASN H 194 9.29 -13.27 27.36
N LEU H 195 8.21 -12.71 26.84
CA LEU H 195 7.35 -13.43 25.88
C LEU H 195 8.04 -13.79 24.58
N PRO H 196 8.82 -12.85 23.98
CA PRO H 196 9.67 -13.25 22.84
C PRO H 196 10.55 -14.47 23.12
N ASP H 197 11.15 -14.53 24.32
CA ASP H 197 11.99 -15.68 24.71
C ASP H 197 11.18 -16.99 24.82
N GLY H 198 9.97 -16.93 25.36
CA GLY H 198 9.16 -18.13 25.54
C GLY H 198 8.70 -18.72 24.22
N LEU H 199 8.28 -17.82 23.32
CA LEU H 199 7.88 -18.17 21.96
C LEU H 199 9.05 -18.66 21.09
N LYS H 200 10.24 -18.09 21.31
CA LYS H 200 11.48 -18.58 20.74
C LYS H 200 11.81 -19.96 21.28
N GLN H 201 11.71 -20.14 22.58
CA GLN H 201 11.88 -21.46 23.19
C GLN H 201 10.90 -22.53 22.62
N ILE H 202 9.70 -22.12 22.23
CA ILE H 202 8.72 -23.07 21.71
C ILE H 202 9.08 -23.46 20.28
N ARG H 203 9.27 -22.46 19.42
CA ARG H 203 9.72 -22.65 18.04
C ARG H 203 10.95 -23.53 17.95
N ASP H 204 11.91 -23.33 18.85
CA ASP H 204 13.17 -24.09 18.83
C ASP H 204 12.98 -25.56 19.26
N LYS H 205 12.06 -25.84 20.18
CA LYS H 205 11.75 -27.23 20.60
C LYS H 205 10.82 -28.01 19.63
N PHE H 206 9.92 -27.32 18.91
CA PHE H 206 8.83 -27.99 18.16
C PHE H 206 8.80 -27.71 16.65
N GLY H 207 9.31 -26.55 16.23
CA GLY H 207 9.48 -26.23 14.83
C GLY H 207 8.19 -25.81 14.17
N ASP H 208 8.05 -26.17 12.90
CA ASP H 208 6.89 -25.81 12.09
C ASP H 208 5.63 -26.58 12.49
N ALA H 209 5.77 -27.60 13.34
CA ALA H 209 4.61 -28.28 13.93
C ALA H 209 3.67 -27.32 14.72
N VAL H 210 4.22 -26.24 15.24
CA VAL H 210 3.47 -25.21 15.95
C VAL H 210 3.52 -23.92 15.14
N LYS H 211 2.36 -23.52 14.64
CA LYS H 211 2.20 -22.23 14.00
C LYS H 211 2.09 -21.11 15.06
N ILE H 212 2.91 -20.07 14.96
CA ILE H 212 2.94 -18.95 15.93
C ILE H 212 2.58 -17.64 15.22
N VAL H 213 1.48 -17.00 15.64
CA VAL H 213 1.01 -15.75 15.02
C VAL H 213 0.84 -14.63 16.05
N GLY H 214 0.55 -13.41 15.55
CA GLY H 214 0.41 -12.19 16.35
C GLY H 214 -0.87 -11.39 16.10
N ILE H 215 -1.32 -10.66 17.12
CA ILE H 215 -2.34 -9.65 16.96
C ILE H 215 -1.80 -8.37 17.60
N ASN H 216 -1.42 -7.38 16.77
CA ASN H 216 -0.93 -6.08 17.27
C ASN H 216 -2.10 -5.17 17.53
N GLN H 217 -2.39 -4.95 18.82
CA GLN H 217 -3.54 -4.12 19.21
C GLN H 217 -3.25 -2.62 19.03
N ASP H 218 -1.98 -2.24 18.98
CA ASP H 218 -1.58 -0.84 18.69
C ASP H 218 -1.83 -0.42 17.22
N ARG H 219 -1.93 -1.37 16.30
CA ARG H 219 -2.24 -1.10 14.88
C ARG H 219 -3.62 -1.62 14.51
N ASN H 220 -4.63 -1.14 15.24
CA ASN H 220 -6.01 -1.63 15.11
C ASN H 220 -6.13 -3.15 14.83
N SER H 221 -5.54 -3.92 15.75
CA SER H 221 -5.70 -5.37 15.81
C SER H 221 -5.21 -6.08 14.54
N GLU H 222 -4.06 -5.64 14.03
CA GLU H 222 -3.49 -6.17 12.80
C GLU H 222 -2.94 -7.55 13.07
N PHE H 223 -3.23 -8.48 12.14
CA PHE H 223 -2.82 -9.89 12.22
C PHE H 223 -1.47 -10.06 11.54
N ILE H 224 -0.57 -10.80 12.19
CA ILE H 224 0.82 -10.96 11.77
C ILE H 224 1.11 -12.45 11.56
N ASP H 225 1.30 -12.86 10.30
CA ASP H 225 1.36 -14.27 9.92
C ASP H 225 2.71 -14.92 10.21
N LYS H 226 3.81 -14.13 10.21
CA LYS H 226 5.16 -14.70 10.26
C LYS H 226 5.84 -14.56 11.63
N PHE H 227 6.46 -15.66 12.09
CA PHE H 227 7.22 -15.71 13.35
C PHE H 227 8.21 -14.58 13.47
N ASP H 228 9.11 -14.47 12.49
CA ASP H 228 10.12 -13.40 12.49
C ASP H 228 9.49 -12.01 12.69
N ASP H 229 8.33 -11.76 12.06
CA ASP H 229 7.59 -10.52 12.28
C ASP H 229 7.00 -10.41 13.70
N VAL H 230 6.48 -11.54 14.23
CA VAL H 230 5.86 -11.61 15.58
C VAL H 230 6.87 -11.18 16.66
N ILE H 231 8.06 -11.77 16.62
CA ILE H 231 9.14 -11.45 17.54
C ILE H 231 9.45 -9.93 17.49
N LYS H 232 9.43 -9.35 16.29
CA LYS H 232 9.66 -7.90 16.10
C LYS H 232 8.60 -6.99 16.76
N LEU H 234 6.84 -7.88 19.35
CA LEU H 234 6.92 -8.19 20.78
C LEU H 234 8.18 -7.68 21.50
N SER H 235 9.19 -7.21 20.76
CA SER H 235 10.41 -6.65 21.36
C SER H 235 10.17 -5.20 21.77
N LEU H 236 9.78 -5.01 23.04
CA LEU H 236 9.34 -3.69 23.55
C LEU H 236 10.18 -3.19 24.74
N GLY H 237 11.33 -3.81 24.97
CA GLY H 237 12.22 -3.43 26.06
C GLY H 237 12.64 -4.63 26.89
N SER H 238 13.66 -4.42 27.71
CA SER H 238 14.03 -5.37 28.75
C SER H 238 13.05 -5.26 29.93
N GLN H 239 13.19 -6.17 30.88
CA GLN H 239 12.36 -6.19 32.06
C GLN H 239 12.59 -4.94 32.95
N GLU H 240 13.83 -4.56 33.19
CA GLU H 240 14.12 -3.30 33.93
C GLU H 240 13.41 -2.11 33.27
N GLN H 241 13.63 -1.94 31.96
CA GLN H 241 13.12 -0.77 31.24
C GLN H 241 11.58 -0.70 31.38
N ILE H 242 10.89 -1.81 31.14
CA ILE H 242 9.43 -1.84 31.22
C ILE H 242 8.97 -1.62 32.66
N LEU H 243 9.62 -2.29 33.62
CA LEU H 243 9.22 -2.18 35.01
C LEU H 243 9.41 -0.73 35.50
N GLY H 244 10.55 -0.14 35.14
CA GLY H 244 10.84 1.28 35.44
C GLY H 244 9.78 2.23 34.95
N ARG H 245 9.32 2.03 33.72
CA ARG H 245 8.33 2.93 33.15
C ARG H 245 6.98 2.72 33.79
N LEU H 246 6.64 1.47 34.08
CA LEU H 246 5.34 1.16 34.69
C LEU H 246 5.27 1.71 36.12
N ALA H 247 6.34 1.50 36.90
CA ALA H 247 6.52 2.12 38.23
C ALA H 247 6.25 3.64 38.22
N GLU H 248 6.90 4.35 37.31
CA GLU H 248 6.73 5.81 37.22
C GLU H 248 5.32 6.16 36.79
N LYS H 249 4.75 5.38 35.89
CA LYS H 249 3.39 5.63 35.42
C LYS H 249 2.40 5.48 36.57
N ILE H 250 2.46 4.38 37.32
CA ILE H 250 1.47 4.16 38.40
C ILE H 250 1.64 5.14 39.57
N GLN H 251 2.86 5.62 39.80
CA GLN H 251 3.14 6.60 40.86
C GLN H 251 2.59 7.99 40.49
N SER H 252 2.86 8.43 39.25
CA SER H 252 2.32 9.70 38.73
C SER H 252 0.82 9.67 38.58
N ASP H 253 0.28 8.51 38.20
CA ASP H 253 -1.16 8.32 38.13
C ASP H 253 -1.83 8.39 39.52
N PHE H 254 -1.16 7.92 40.57
CA PHE H 254 -1.74 8.07 41.92
C PHE H 254 -1.62 9.53 42.38
N ASP H 255 -0.42 10.08 42.31
CA ASP H 255 -0.10 11.43 42.75
C ASP H 255 -0.95 12.53 42.08
N SER H 256 -1.32 12.34 40.82
CA SER H 256 -2.18 13.28 40.08
C SER H 256 -3.70 13.00 40.18
N GLY H 257 -4.09 11.99 40.94
CA GLY H 257 -5.51 11.65 41.15
C GLY H 257 -6.19 10.89 40.02
N LYS H 258 -5.41 10.33 39.10
CA LYS H 258 -5.97 9.50 38.03
C LYS H 258 -6.52 8.16 38.56
N ILE H 259 -5.86 7.58 39.56
CA ILE H 259 -6.26 6.27 40.12
C ILE H 259 -6.41 6.33 41.65
N SER H 260 -7.30 5.50 42.19
CA SER H 260 -7.49 5.40 43.64
C SER H 260 -6.28 4.76 44.29
N ARG H 261 -6.20 4.81 45.62
CA ARG H 261 -5.10 4.17 46.35
C ARG H 261 -5.19 2.65 46.19
N GLU H 262 -6.41 2.11 46.14
CA GLU H 262 -6.58 0.66 45.99
C GLU H 262 -6.08 0.20 44.62
N CYS H 263 -6.48 0.94 43.60
CA CYS H 263 -6.03 0.69 42.24
C CYS H 263 -4.52 0.85 42.09
N PHE H 264 -3.92 1.81 42.81
CA PHE H 264 -2.47 1.93 42.93
C PHE H 264 -1.85 0.72 43.63
N ASN H 265 -2.43 0.27 44.73
CA ASN H 265 -1.82 -0.84 45.52
C ASN H 265 -1.78 -2.20 44.79
N GLN H 266 -2.84 -2.53 44.07
CA GLN H 266 -2.89 -3.77 43.31
C GLN H 266 -1.92 -3.72 42.12
N ALA H 267 -1.82 -2.58 41.46
CA ALA H 267 -0.78 -2.38 40.43
C ALA H 267 0.62 -2.53 41.02
N LYS H 268 0.85 -1.97 42.19
CA LYS H 268 2.14 -2.05 42.89
C LYS H 268 2.44 -3.50 43.22
N GLY H 269 1.42 -4.24 43.67
CA GLY H 269 1.62 -5.62 44.10
C GLY H 269 2.63 -5.63 45.24
N SER H 270 3.62 -6.51 45.16
CA SER H 270 4.66 -6.58 46.17
C SER H 270 5.97 -5.92 45.71
N ASP H 272 8.78 -3.23 45.46
CA ASP H 272 9.37 -2.14 46.23
C ASP H 272 9.72 -1.01 45.24
N LEU H 273 8.85 -0.02 45.19
CA LEU H 273 8.99 1.05 44.20
C LEU H 273 10.27 1.85 44.43
N GLU H 274 10.58 2.17 45.69
CA GLU H 274 11.85 2.82 46.00
C GLU H 274 12.98 2.13 45.24
N SER H 275 13.02 0.81 45.33
CA SER H 275 14.05 -0.01 44.70
C SER H 275 14.13 0.09 43.17
N VAL H 276 12.98 0.16 42.52
CA VAL H 276 12.90 0.35 41.07
C VAL H 276 13.36 1.78 40.69
N PHE H 277 12.93 2.78 41.47
CA PHE H 277 13.32 4.17 41.23
C PHE H 277 14.82 4.39 41.39
N ALA H 278 15.43 3.73 42.38
CA ALA H 278 16.89 3.86 42.58
C ALA H 278 17.69 3.37 41.37
N LYS H 279 17.13 2.45 40.57
CA LYS H 279 17.81 1.94 39.37
C LYS H 279 17.71 2.85 38.15
N LYS H 280 16.79 3.81 38.15
CA LYS H 280 16.67 4.74 37.02
C LYS H 280 18.00 5.49 36.85
N GLU H 281 18.34 5.70 35.58
CA GLU H 281 19.60 6.24 35.15
C GLU H 281 19.35 7.61 34.57
N TYR H 282 20.24 8.55 34.87
CA TYR H 282 20.12 9.93 34.37
C TYR H 282 21.34 10.39 33.57
N SER H 283 22.10 9.47 32.99
CA SER H 283 23.47 9.80 32.53
C SER H 283 23.50 10.83 31.40
N GLN H 284 22.47 10.82 30.56
CA GLN H 284 22.45 11.74 29.43
C GLN H 284 21.52 12.94 29.67
N GLN H 285 21.34 13.33 30.94
CA GLN H 285 20.38 14.36 31.32
C GLN H 285 21.05 15.47 32.15
N ARG H 286 20.62 16.70 31.89
CA ARG H 286 20.96 17.83 32.76
C ARG H 286 19.75 18.67 33.02
N VAL H 287 19.85 19.51 34.03
CA VAL H 287 18.82 20.51 34.33
C VAL H 287 19.50 21.88 34.27
N VAL H 288 18.88 22.78 33.48
CA VAL H 288 19.30 24.18 33.39
C VAL H 288 18.30 25.03 34.19
N THR H 289 18.78 25.79 35.14
CA THR H 289 17.96 26.70 35.93
C THR H 289 18.28 28.16 35.61
N ASN H 290 17.25 28.98 35.63
CA ASN H 290 17.36 30.42 35.47
C ASN H 290 16.19 31.08 36.21
N SER H 291 16.06 32.40 36.09
CA SER H 291 15.03 33.16 36.81
C SER H 291 13.61 32.87 36.35
N LYS H 292 13.43 32.25 35.17
CA LYS H 292 12.10 31.82 34.69
C LYS H 292 11.69 30.41 35.13
N GLY H 293 12.66 29.56 35.50
CA GLY H 293 12.38 28.18 35.92
C GLY H 293 13.50 27.19 35.62
N VAL H 294 13.11 25.92 35.44
CA VAL H 294 14.07 24.88 35.13
C VAL H 294 13.70 24.20 33.83
N THR H 295 14.71 23.76 33.08
CA THR H 295 14.49 23.00 31.86
C THR H 295 15.27 21.70 31.95
N LEU H 296 14.61 20.57 31.66
CA LEU H 296 15.28 19.25 31.58
C LEU H 296 15.70 18.95 30.15
N GLU H 297 16.97 18.57 30.01
CA GLU H 297 17.57 18.33 28.70
C GLU H 297 18.27 16.95 28.56
N THR H 298 18.23 16.39 27.36
CA THR H 298 18.88 15.11 27.04
C THR H 298 19.98 15.37 26.00
N LYS H 299 21.12 14.70 26.17
CA LYS H 299 22.22 14.76 25.19
C LYS H 299 22.09 13.60 24.19
N SER H 300 22.32 13.88 22.90
CA SER H 300 22.35 12.84 21.84
C SER H 300 23.74 12.22 21.75
N ALA H 301 23.85 11.09 21.04
CA ALA H 301 25.15 10.48 20.72
C ALA H 301 26.19 11.54 20.27
N ASN H 302 25.78 12.48 19.43
CA ASN H 302 26.68 13.57 18.95
C ASN H 302 26.74 14.85 19.83
N GLU H 303 26.55 14.72 21.14
CA GLU H 303 26.80 15.82 22.11
C GLU H 303 25.90 17.07 21.96
N LEU H 304 24.72 16.93 21.37
CA LEU H 304 23.76 18.03 21.25
C LEU H 304 22.69 17.90 22.30
N TRP H 305 22.41 19.00 22.99
CA TRP H 305 21.41 19.04 24.04
C TRP H 305 20.11 19.53 23.47
N SER H 306 19.02 18.82 23.78
CA SER H 306 17.68 19.27 23.39
C SER H 306 16.73 19.26 24.60
N LYS H 307 15.68 20.06 24.53
CA LYS H 307 14.79 20.31 25.64
C LYS H 307 13.74 19.23 25.72
N VAL H 308 13.50 18.70 26.92
CA VAL H 308 12.45 17.71 27.16
C VAL H 308 11.25 18.31 27.89
N GLU H 309 11.52 19.13 28.93
CA GLU H 309 10.48 19.64 29.82
C GLU H 309 10.90 20.98 30.43
N GLN H 310 9.98 21.96 30.42
CA GLN H 310 10.16 23.27 31.08
C GLN H 310 9.12 23.42 32.17
N ILE H 311 9.58 23.75 33.39
CA ILE H 311 8.72 23.98 34.54
C ILE H 311 8.90 25.42 35.08
N PRO H 312 7.83 26.24 35.05
CA PRO H 312 8.01 27.61 35.54
C PRO H 312 8.21 27.68 37.05
N VAL H 313 9.24 28.41 37.46
CA VAL H 313 9.48 28.68 38.87
C VAL H 313 10.14 30.05 38.99
N THR H 314 9.80 30.76 40.06
CA THR H 314 10.40 32.05 40.36
C THR H 314 11.43 31.87 41.45
N GLY H 315 12.46 32.72 41.40
CA GLY H 315 13.38 32.89 42.51
C GLY H 315 14.70 32.16 42.42
N LYS H 317 18.39 30.91 40.69
CA LYS H 317 19.49 31.51 39.95
C LYS H 317 19.97 30.64 38.80
N ALA H 318 20.85 31.19 37.97
CA ALA H 318 21.36 30.49 36.79
C ALA H 318 22.19 29.33 37.26
N GLY H 319 22.05 28.19 36.61
CA GLY H 319 22.77 26.99 37.03
C GLY H 319 22.59 25.85 36.04
N ILE H 320 23.65 25.07 35.87
CA ILE H 320 23.64 23.85 35.04
C ILE H 320 24.00 22.65 35.94
N TYR H 321 23.15 21.61 35.92
CA TYR H 321 23.29 20.46 36.83
C TYR H 321 23.25 19.15 36.06
N LEU H 322 24.38 18.46 36.01
CA LEU H 322 24.46 17.11 35.43
C LEU H 322 23.82 16.07 36.39
N LEU H 323 22.66 15.55 36.01
CA LEU H 323 21.86 14.72 36.91
C LEU H 323 22.48 13.36 37.14
N GLY H 324 23.16 12.84 36.12
CA GLY H 324 23.86 11.58 36.22
C GLY H 324 25.07 11.58 37.14
N GLN H 325 25.59 12.75 37.50
CA GLN H 325 26.77 12.89 38.39
C GLN H 325 26.39 13.20 39.84
N ALA H 326 25.12 13.10 40.21
CA ALA H 326 24.69 13.39 41.55
C ALA H 326 25.13 12.28 42.48
N LYS H 327 25.39 12.61 43.73
CA LYS H 327 25.74 11.63 44.75
C LYS H 327 24.45 11.09 45.34
N LYS H 328 24.41 9.80 45.60
CA LYS H 328 23.26 9.19 46.27
C LYS H 328 23.24 9.68 47.72
N ALA H 329 22.06 10.03 48.22
CA ALA H 329 21.86 10.31 49.64
C ALA H 329 22.15 9.09 50.53
N GLU H 330 23.03 9.27 51.51
CA GLU H 330 23.36 8.21 52.49
C GLU H 330 22.38 8.29 53.66
N THR H 331 21.88 7.13 54.09
CA THR H 331 20.81 7.06 55.08
C THR H 331 21.30 7.57 56.45
N GLY H 332 20.39 8.18 57.21
CA GLY H 332 20.71 8.80 58.49
C GLY H 332 21.61 10.04 58.42
N GLN H 333 21.58 10.75 57.30
CA GLN H 333 22.33 12.01 57.15
C GLN H 333 21.34 13.09 56.76
N THR H 334 21.58 14.32 57.22
CA THR H 334 20.74 15.49 56.88
C THR H 334 21.40 16.34 55.78
N TYR H 335 20.62 16.68 54.76
CA TYR H 335 21.11 17.38 53.57
C TYR H 335 20.31 18.64 53.35
N SER H 336 21.00 19.75 53.16
CA SER H 336 20.39 21.08 53.18
C SER H 336 20.62 21.80 51.85
N GLY H 337 19.57 22.42 51.33
CA GLY H 337 19.69 23.16 50.08
C GLY H 337 18.46 23.10 49.21
N GLU H 338 18.58 23.77 48.08
CA GLU H 338 17.50 24.02 47.17
C GLU H 338 17.19 22.81 46.29
N ILE H 339 15.91 22.51 46.13
CA ILE H 339 15.49 21.48 45.22
C ILE H 339 15.58 22.11 43.81
N ILE H 340 16.41 21.53 42.94
CA ILE H 340 16.55 21.99 41.55
C ILE H 340 15.74 21.19 40.50
N TYR H 341 15.27 19.99 40.85
CA TYR H 341 14.41 19.19 39.99
C TYR H 341 13.80 18.01 40.74
N LYS H 342 12.59 17.61 40.33
CA LYS H 342 12.02 16.35 40.80
C LYS H 342 11.16 15.68 39.73
N ASP H 343 11.05 14.37 39.84
CA ASP H 343 10.18 13.58 38.95
C ASP H 343 9.64 12.41 39.76
N ALA H 344 8.93 11.49 39.10
CA ALA H 344 8.32 10.35 39.77
C ALA H 344 9.31 9.48 40.55
N ALA H 345 10.57 9.43 40.12
CA ALA H 345 11.61 8.57 40.71
C ALA H 345 12.60 9.24 41.64
N ALA H 346 12.92 10.51 41.38
CA ALA H 346 14.00 11.18 42.11
C ALA H 346 13.69 12.62 42.50
N VAL H 347 14.46 13.11 43.47
CA VAL H 347 14.47 14.50 43.92
C VAL H 347 15.94 14.92 43.96
N PHE H 348 16.31 15.97 43.22
CA PHE H 348 17.70 16.44 43.16
C PHE H 348 17.84 17.74 43.92
N GLN H 349 18.81 17.80 44.80
CA GLN H 349 18.97 18.88 45.77
C GLN H 349 20.42 19.41 45.66
N LYS H 350 20.62 20.73 45.52
CA LYS H 350 21.97 21.33 45.47
C LYS H 350 22.44 21.58 46.90
N THR H 351 23.44 20.84 47.37
CA THR H 351 24.07 21.11 48.69
C THR H 351 25.41 21.82 48.53
N LYS H 352 25.97 22.25 49.66
CA LYS H 352 27.35 22.76 49.70
C LYS H 352 28.41 21.74 49.29
N ASN H 353 28.12 20.44 49.42
CA ASN H 353 28.97 19.35 48.89
C ASN H 353 28.65 18.89 47.45
N GLY H 354 27.83 19.62 46.70
CA GLY H 354 27.44 19.22 45.33
C GLY H 354 26.00 18.72 45.23
N LEU H 355 25.66 18.19 44.05
CA LEU H 355 24.30 17.80 43.75
C LEU H 355 23.98 16.44 44.37
N VAL H 356 22.93 16.39 45.20
CA VAL H 356 22.50 15.16 45.86
C VAL H 356 21.20 14.62 45.24
N ARG H 357 21.11 13.29 45.13
CA ARG H 357 19.90 12.60 44.66
C ARG H 357 19.26 11.84 45.81
N HIS H 358 17.97 12.12 46.04
CA HIS H 358 17.13 11.38 46.97
C HIS H 358 16.17 10.56 46.15
N ASN H 359 15.84 9.37 46.62
CA ASN H 359 14.73 8.60 46.02
C ASN H 359 13.42 9.33 46.28
N ALA H 360 12.56 9.43 45.26
CA ALA H 360 11.26 10.08 45.42
C ALA H 360 10.33 9.36 46.40
N THR H 361 10.68 8.12 46.74
CA THR H 361 10.03 7.35 47.79
C THR H 361 11.11 6.88 48.79
N HIS H 362 10.75 6.79 50.06
CA HIS H 362 11.67 6.34 51.10
C HIS H 362 10.90 5.47 52.09
N ASN H 363 11.16 4.16 52.11
CA ASN H 363 10.47 3.24 53.04
C ASN H 363 8.95 3.41 52.97
N GLU H 364 8.41 3.35 51.75
CA GLU H 364 6.96 3.53 51.49
C GLU H 364 6.34 4.93 51.79
N GLU H 365 7.14 5.91 52.21
CA GLU H 365 6.65 7.29 52.37
C GLU H 365 7.18 8.13 51.19
N ARG H 366 6.36 9.07 50.75
CA ARG H 366 6.57 9.80 49.51
C ARG H 366 7.28 11.15 49.73
N LEU H 367 8.57 11.20 49.44
CA LEU H 367 9.36 12.43 49.63
C LEU H 367 8.97 13.52 48.62
N ALA H 368 8.78 13.16 47.35
CA ALA H 368 8.55 14.13 46.28
C ALA H 368 7.47 15.17 46.56
N LYS H 369 6.30 14.73 47.06
CA LYS H 369 5.20 15.65 47.38
C LYS H 369 5.48 16.60 48.56
N LEU H 370 6.46 16.30 49.41
CA LEU H 370 6.78 17.15 50.53
C LEU H 370 7.63 18.37 50.19
N VAL H 371 8.20 18.44 48.97
CA VAL H 371 9.10 19.53 48.57
C VAL H 371 8.72 20.11 47.20
N GLU H 372 9.03 21.39 47.00
CA GLU H 372 8.84 22.03 45.70
C GLU H 372 10.17 22.47 45.08
N ILE H 373 10.20 22.45 43.76
CA ILE H 373 11.33 22.96 43.01
C ILE H 373 11.51 24.42 43.38
N GLY H 374 12.76 24.81 43.63
CA GLY H 374 13.14 26.14 44.09
C GLY H 374 13.04 26.36 45.60
N GLN H 375 12.63 25.34 46.35
CA GLN H 375 12.45 25.50 47.77
C GLN H 375 13.75 25.07 48.46
N ASN H 376 14.22 25.88 49.40
CA ASN H 376 15.35 25.50 50.25
C ASN H 376 14.85 24.65 51.43
N VAL H 377 15.34 23.41 51.53
CA VAL H 377 14.88 22.45 52.55
C VAL H 377 15.99 21.61 53.17
N SER H 378 15.73 21.07 54.35
CA SER H 378 16.58 20.01 54.88
C SER H 378 15.81 18.71 54.83
N ILE H 379 16.47 17.66 54.34
CA ILE H 379 15.89 16.31 54.21
C ILE H 379 16.81 15.34 54.98
N GLY H 380 16.23 14.61 55.93
CA GLY H 380 16.94 13.59 56.71
C GLY H 380 16.01 12.46 57.13
N SER H 381 16.60 11.43 57.72
CA SER H 381 15.83 10.30 58.27
C SER H 381 16.51 9.75 59.50
N LYS H 383 15.79 7.45 63.41
CA LYS H 383 15.63 7.07 62.02
C LYS H 383 14.34 6.26 61.83
N GLY H 384 14.07 5.88 60.58
CA GLY H 384 12.89 5.13 60.21
C GLY H 384 11.76 6.03 59.77
N LYS H 385 11.93 7.32 59.95
CA LYS H 385 10.92 8.29 59.54
C LYS H 385 11.60 9.46 58.85
N LEU H 386 10.90 10.03 57.89
CA LEU H 386 11.43 11.11 57.06
C LEU H 386 11.17 12.47 57.72
N ILE H 387 12.21 13.28 57.86
CA ILE H 387 12.12 14.65 58.42
C ILE H 387 12.50 15.68 57.34
N VAL H 388 11.52 16.47 56.92
CA VAL H 388 11.75 17.52 55.93
C VAL H 388 11.39 18.88 56.51
N LYS H 389 12.37 19.75 56.69
CA LYS H 389 12.15 21.10 57.21
C LYS H 389 12.38 22.17 56.16
N SER H 390 11.54 23.20 56.16
CA SER H 390 11.82 24.37 55.35
C SER H 390 12.99 25.16 55.94
N LEU H 391 13.93 25.59 55.09
CA LEU H 391 15.01 26.50 55.46
C LEU H 391 14.81 27.92 54.90
N GLU H 392 13.60 28.19 54.46
CA GLU H 392 13.23 29.39 53.70
C GLU H 392 13.09 30.56 54.67
N TYR H 393 13.55 31.74 54.26
CA TYR H 393 13.69 32.88 55.16
C TYR H 393 13.94 34.21 54.42
N SER H 394 13.54 35.30 55.05
CA SER H 394 13.78 36.64 54.55
C SER H 394 14.44 37.47 55.66
N ALA H 395 15.66 37.98 55.39
CA ALA H 395 16.43 38.84 56.32
C ALA H 395 16.89 40.12 55.63
N LYS H 396 17.40 41.10 56.40
CA LYS H 396 17.76 42.44 55.89
C LYS H 396 16.58 43.14 55.16
#